data_5CBU
# 
_entry.id   5CBU 
# 
_audit_conform.dict_name       mmcif_pdbx.dic 
_audit_conform.dict_version    5.383 
_audit_conform.dict_location   http://mmcif.pdb.org/dictionaries/ascii/mmcif_pdbx.dic 
# 
loop_
_database_2.database_id 
_database_2.database_code 
_database_2.pdbx_database_accession 
_database_2.pdbx_DOI 
PDB   5CBU         pdb_00005cbu 10.2210/pdb5cbu/pdb 
WWPDB D_1000210693 ?            ?                   
# 
loop_
_pdbx_audit_revision_history.ordinal 
_pdbx_audit_revision_history.data_content_type 
_pdbx_audit_revision_history.major_revision 
_pdbx_audit_revision_history.minor_revision 
_pdbx_audit_revision_history.revision_date 
1 'Structure model' 1 0 2016-07-20 
2 'Structure model' 1 1 2024-01-10 
# 
_pdbx_audit_revision_details.ordinal             1 
_pdbx_audit_revision_details.revision_ordinal    1 
_pdbx_audit_revision_details.data_content_type   'Structure model' 
_pdbx_audit_revision_details.provider            repository 
_pdbx_audit_revision_details.type                'Initial release' 
_pdbx_audit_revision_details.description         ? 
_pdbx_audit_revision_details.details             ? 
# 
loop_
_pdbx_audit_revision_group.ordinal 
_pdbx_audit_revision_group.revision_ordinal 
_pdbx_audit_revision_group.data_content_type 
_pdbx_audit_revision_group.group 
1 2 'Structure model' 'Data collection'        
2 2 'Structure model' 'Database references'    
3 2 'Structure model' 'Refinement description' 
# 
loop_
_pdbx_audit_revision_category.ordinal 
_pdbx_audit_revision_category.revision_ordinal 
_pdbx_audit_revision_category.data_content_type 
_pdbx_audit_revision_category.category 
1 2 'Structure model' chem_comp_atom                
2 2 'Structure model' chem_comp_bond                
3 2 'Structure model' database_2                    
4 2 'Structure model' pdbx_initial_refinement_model 
# 
loop_
_pdbx_audit_revision_item.ordinal 
_pdbx_audit_revision_item.revision_ordinal 
_pdbx_audit_revision_item.data_content_type 
_pdbx_audit_revision_item.item 
1 2 'Structure model' '_database_2.pdbx_DOI'                
2 2 'Structure model' '_database_2.pdbx_database_accession' 
# 
_pdbx_database_status.status_code                     REL 
_pdbx_database_status.status_code_sf                  REL 
_pdbx_database_status.status_code_mr                  ? 
_pdbx_database_status.entry_id                        5CBU 
_pdbx_database_status.recvd_initial_deposition_date   2015-07-01 
_pdbx_database_status.SG_entry                        N 
_pdbx_database_status.deposit_site                    RCSB 
_pdbx_database_status.process_site                    PDBE 
_pdbx_database_status.status_code_cs                  ? 
_pdbx_database_status.methods_development_category    ? 
_pdbx_database_status.pdb_format_compatible           Y 
_pdbx_database_status.status_code_nmr_data            ? 
# 
loop_
_audit_author.name 
_audit_author.pdbx_ordinal 
'Gibson, R.P.'    1  
'Shore, E.'       2  
'Kershaw, N.'     3  
'Awais, M.'       4  
'Javed, A.'       5  
'Latawiec, D.'    6  
'Pandalaneni, S.' 7  
'Wen, L.'         8  
'Berry, N.'       9  
;O'Neill, P.
;
10 
'Sutton, R.'      11 
'Lian, L.Y.'      12 
# 
_citation.abstract                  ? 
_citation.abstract_id_CAS           ? 
_citation.book_id_ISBN              ? 
_citation.book_publisher            ? 
_citation.book_publisher_city       ? 
_citation.book_title                ? 
_citation.coordinate_linkage        ? 
_citation.country                   ? 
_citation.database_id_Medline       ? 
_citation.details                   ? 
_citation.id                        primary 
_citation.journal_abbrev            'To Be Published' 
_citation.journal_id_ASTM           ? 
_citation.journal_id_CSD            0353 
_citation.journal_id_ISSN           ? 
_citation.journal_full              ? 
_citation.journal_issue             ? 
_citation.journal_volume            ? 
_citation.language                  ? 
_citation.page_first                ? 
_citation.page_last                 ? 
_citation.title                     'Human Cyclophilin D Complexed with Inhibitor.' 
_citation.year                      ? 
_citation.database_id_CSD           ? 
_citation.pdbx_database_id_DOI      ? 
_citation.pdbx_database_id_PubMed   ? 
_citation.unpublished_flag          ? 
# 
loop_
_citation_author.citation_id 
_citation_author.name 
_citation_author.ordinal 
_citation_author.identifier_ORCID 
primary 'Gibson, R.P.'    1  ? 
primary 'Shore, E.'       2  ? 
primary 'Kershaw, N.'     3  ? 
primary 'Awais, M.'       4  ? 
primary 'Javed, A.'       5  ? 
primary 'Latawiec, D.'    6  ? 
primary 'Pandalaneni, S.' 7  ? 
primary 'Wen, L.'         8  ? 
primary 'Berry, N.'       9  ? 
primary 
;O'Neill, P.
;
10 ? 
primary 'Sutton, R.'      11 ? 
primary 'Lian, L.Y.'      12 ? 
# 
loop_
_entity.id 
_entity.type 
_entity.src_method 
_entity.pdbx_description 
_entity.formula_weight 
_entity.pdbx_number_of_molecules 
_entity.pdbx_ec 
_entity.pdbx_mutation 
_entity.pdbx_fragment 
_entity.details 
1 polymer     man 'Peptidyl-prolyl cis-trans isomerase F, mitochondrial' 17783.322 1   5.2.1.8 K133I 'UNP residues 44-207' ? 
2 non-polymer syn 'POTASSIUM ION'                                        39.098    1   ?       ?     ?                     ? 
3 non-polymer syn 'TETRAETHYLENE GLYCOL'                                 194.226   1   ?       ?     ?                     ? 
4 non-polymer syn 1,2-ETHANEDIOL                                         62.068    1   ?       ?     ?                     ? 
5 non-polymer syn 'TRIETHYLENE GLYCOL'                                   150.173   1   ?       ?     ?                     ? 
6 non-polymer syn 'ethyl N-{[3-(pyridin-4-yl)benzyl]carbamoyl}glycinate' 313.351   2   ?       ?     ?                     ? 
7 water       nat water                                                  18.015    132 ?       ?     ?                     ? 
# 
_entity_name_com.entity_id   1 
_entity_name_com.name        'PPIase F,Cyclophilin D,CypD,Cyclophilin F,Mitochondrial cyclophilin,CyP-M,Rotamase F,  Cyclophilin D' 
# 
_entity_poly.entity_id                      1 
_entity_poly.type                           'polypeptide(L)' 
_entity_poly.nstd_linkage                   no 
_entity_poly.nstd_monomer                   no 
_entity_poly.pdbx_seq_one_letter_code       
;MGNPLVYLDVDANGKPLGRVVLELKADVVPKTAENFRALCTGEKGFGYKGSTFHRVIPSFMCQAGDFTNHNGTGGKSIYG
SRFPDENFTLKHVGPGVLSMANAGPNTNGSQFFICTIKTDWLDGKHVVFGHVIEGMDVVKKIESFGSKSGRTSKKIVITD
CGQLS
;
_entity_poly.pdbx_seq_one_letter_code_can   
;MGNPLVYLDVDANGKPLGRVVLELKADVVPKTAENFRALCTGEKGFGYKGSTFHRVIPSFMCQAGDFTNHNGTGGKSIYG
SRFPDENFTLKHVGPGVLSMANAGPNTNGSQFFICTIKTDWLDGKHVVFGHVIEGMDVVKKIESFGSKSGRTSKKIVITD
CGQLS
;
_entity_poly.pdbx_strand_id                 A 
_entity_poly.pdbx_target_identifier         ? 
# 
loop_
_pdbx_entity_nonpoly.entity_id 
_pdbx_entity_nonpoly.name 
_pdbx_entity_nonpoly.comp_id 
2 'POTASSIUM ION'                                        K   
3 'TETRAETHYLENE GLYCOL'                                 PG4 
4 1,2-ETHANEDIOL                                         EDO 
5 'TRIETHYLENE GLYCOL'                                   PGE 
6 'ethyl N-{[3-(pyridin-4-yl)benzyl]carbamoyl}glycinate' 4ZM 
7 water                                                  HOH 
# 
loop_
_entity_poly_seq.entity_id 
_entity_poly_seq.num 
_entity_poly_seq.mon_id 
_entity_poly_seq.hetero 
1 1   MET n 
1 2   GLY n 
1 3   ASN n 
1 4   PRO n 
1 5   LEU n 
1 6   VAL n 
1 7   TYR n 
1 8   LEU n 
1 9   ASP n 
1 10  VAL n 
1 11  ASP n 
1 12  ALA n 
1 13  ASN n 
1 14  GLY n 
1 15  LYS n 
1 16  PRO n 
1 17  LEU n 
1 18  GLY n 
1 19  ARG n 
1 20  VAL n 
1 21  VAL n 
1 22  LEU n 
1 23  GLU n 
1 24  LEU n 
1 25  LYS n 
1 26  ALA n 
1 27  ASP n 
1 28  VAL n 
1 29  VAL n 
1 30  PRO n 
1 31  LYS n 
1 32  THR n 
1 33  ALA n 
1 34  GLU n 
1 35  ASN n 
1 36  PHE n 
1 37  ARG n 
1 38  ALA n 
1 39  LEU n 
1 40  CYS n 
1 41  THR n 
1 42  GLY n 
1 43  GLU n 
1 44  LYS n 
1 45  GLY n 
1 46  PHE n 
1 47  GLY n 
1 48  TYR n 
1 49  LYS n 
1 50  GLY n 
1 51  SER n 
1 52  THR n 
1 53  PHE n 
1 54  HIS n 
1 55  ARG n 
1 56  VAL n 
1 57  ILE n 
1 58  PRO n 
1 59  SER n 
1 60  PHE n 
1 61  MET n 
1 62  CYS n 
1 63  GLN n 
1 64  ALA n 
1 65  GLY n 
1 66  ASP n 
1 67  PHE n 
1 68  THR n 
1 69  ASN n 
1 70  HIS n 
1 71  ASN n 
1 72  GLY n 
1 73  THR n 
1 74  GLY n 
1 75  GLY n 
1 76  LYS n 
1 77  SER n 
1 78  ILE n 
1 79  TYR n 
1 80  GLY n 
1 81  SER n 
1 82  ARG n 
1 83  PHE n 
1 84  PRO n 
1 85  ASP n 
1 86  GLU n 
1 87  ASN n 
1 88  PHE n 
1 89  THR n 
1 90  LEU n 
1 91  LYS n 
1 92  HIS n 
1 93  VAL n 
1 94  GLY n 
1 95  PRO n 
1 96  GLY n 
1 97  VAL n 
1 98  LEU n 
1 99  SER n 
1 100 MET n 
1 101 ALA n 
1 102 ASN n 
1 103 ALA n 
1 104 GLY n 
1 105 PRO n 
1 106 ASN n 
1 107 THR n 
1 108 ASN n 
1 109 GLY n 
1 110 SER n 
1 111 GLN n 
1 112 PHE n 
1 113 PHE n 
1 114 ILE n 
1 115 CYS n 
1 116 THR n 
1 117 ILE n 
1 118 LYS n 
1 119 THR n 
1 120 ASP n 
1 121 TRP n 
1 122 LEU n 
1 123 ASP n 
1 124 GLY n 
1 125 LYS n 
1 126 HIS n 
1 127 VAL n 
1 128 VAL n 
1 129 PHE n 
1 130 GLY n 
1 131 HIS n 
1 132 VAL n 
1 133 ILE n 
1 134 GLU n 
1 135 GLY n 
1 136 MET n 
1 137 ASP n 
1 138 VAL n 
1 139 VAL n 
1 140 LYS n 
1 141 LYS n 
1 142 ILE n 
1 143 GLU n 
1 144 SER n 
1 145 PHE n 
1 146 GLY n 
1 147 SER n 
1 148 LYS n 
1 149 SER n 
1 150 GLY n 
1 151 ARG n 
1 152 THR n 
1 153 SER n 
1 154 LYS n 
1 155 LYS n 
1 156 ILE n 
1 157 VAL n 
1 158 ILE n 
1 159 THR n 
1 160 ASP n 
1 161 CYS n 
1 162 GLY n 
1 163 GLN n 
1 164 LEU n 
1 165 SER n 
# 
_entity_src_gen.entity_id                          1 
_entity_src_gen.pdbx_src_id                        1 
_entity_src_gen.pdbx_alt_source_flag               sample 
_entity_src_gen.pdbx_seq_type                      'Biological sequence' 
_entity_src_gen.pdbx_beg_seq_num                   1 
_entity_src_gen.pdbx_end_seq_num                   165 
_entity_src_gen.gene_src_common_name               Human 
_entity_src_gen.gene_src_genus                     ? 
_entity_src_gen.pdbx_gene_src_gene                 'PPIF, CYP3' 
_entity_src_gen.gene_src_species                   ? 
_entity_src_gen.gene_src_strain                    ? 
_entity_src_gen.gene_src_tissue                    ? 
_entity_src_gen.gene_src_tissue_fraction           ? 
_entity_src_gen.gene_src_details                   ? 
_entity_src_gen.pdbx_gene_src_fragment             ? 
_entity_src_gen.pdbx_gene_src_scientific_name      'Homo sapiens' 
_entity_src_gen.pdbx_gene_src_ncbi_taxonomy_id     9606 
_entity_src_gen.pdbx_gene_src_variant              ? 
_entity_src_gen.pdbx_gene_src_cell_line            ? 
_entity_src_gen.pdbx_gene_src_atcc                 ? 
_entity_src_gen.pdbx_gene_src_organ                ? 
_entity_src_gen.pdbx_gene_src_organelle            ? 
_entity_src_gen.pdbx_gene_src_cell                 ? 
_entity_src_gen.pdbx_gene_src_cellular_location    ? 
_entity_src_gen.host_org_common_name               ? 
_entity_src_gen.pdbx_host_org_scientific_name      'Escherichia coli BL21(DE3)' 
_entity_src_gen.pdbx_host_org_ncbi_taxonomy_id     469008 
_entity_src_gen.host_org_genus                     ? 
_entity_src_gen.pdbx_host_org_gene                 ? 
_entity_src_gen.pdbx_host_org_organ                ? 
_entity_src_gen.host_org_species                   ? 
_entity_src_gen.pdbx_host_org_tissue               ? 
_entity_src_gen.pdbx_host_org_tissue_fraction      ? 
_entity_src_gen.pdbx_host_org_strain               ? 
_entity_src_gen.pdbx_host_org_variant              ? 
_entity_src_gen.pdbx_host_org_cell_line            ? 
_entity_src_gen.pdbx_host_org_atcc                 ? 
_entity_src_gen.pdbx_host_org_culture_collection   ? 
_entity_src_gen.pdbx_host_org_cell                 ? 
_entity_src_gen.pdbx_host_org_organelle            ? 
_entity_src_gen.pdbx_host_org_cellular_location    ? 
_entity_src_gen.pdbx_host_org_vector_type          ? 
_entity_src_gen.pdbx_host_org_vector               ? 
_entity_src_gen.host_org_details                   ? 
_entity_src_gen.expression_system_id               ? 
_entity_src_gen.plasmid_name                       pet28b 
_entity_src_gen.plasmid_details                    ? 
_entity_src_gen.pdbx_description                   ? 
# 
loop_
_chem_comp.id 
_chem_comp.type 
_chem_comp.mon_nstd_flag 
_chem_comp.name 
_chem_comp.pdbx_synonyms 
_chem_comp.formula 
_chem_comp.formula_weight 
4ZM non-polymer         . 'ethyl N-{[3-(pyridin-4-yl)benzyl]carbamoyl}glycinate' ?                 'C17 H19 N3 O3'  313.351 
ALA 'L-peptide linking' y ALANINE                                                ?                 'C3 H7 N O2'     89.093  
ARG 'L-peptide linking' y ARGININE                                               ?                 'C6 H15 N4 O2 1' 175.209 
ASN 'L-peptide linking' y ASPARAGINE                                             ?                 'C4 H8 N2 O3'    132.118 
ASP 'L-peptide linking' y 'ASPARTIC ACID'                                        ?                 'C4 H7 N O4'     133.103 
CYS 'L-peptide linking' y CYSTEINE                                               ?                 'C3 H7 N O2 S'   121.158 
EDO non-polymer         . 1,2-ETHANEDIOL                                         'ETHYLENE GLYCOL' 'C2 H6 O2'       62.068  
GLN 'L-peptide linking' y GLUTAMINE                                              ?                 'C5 H10 N2 O3'   146.144 
GLU 'L-peptide linking' y 'GLUTAMIC ACID'                                        ?                 'C5 H9 N O4'     147.129 
GLY 'peptide linking'   y GLYCINE                                                ?                 'C2 H5 N O2'     75.067  
HIS 'L-peptide linking' y HISTIDINE                                              ?                 'C6 H10 N3 O2 1' 156.162 
HOH non-polymer         . WATER                                                  ?                 'H2 O'           18.015  
ILE 'L-peptide linking' y ISOLEUCINE                                             ?                 'C6 H13 N O2'    131.173 
K   non-polymer         . 'POTASSIUM ION'                                        ?                 'K 1'            39.098  
LEU 'L-peptide linking' y LEUCINE                                                ?                 'C6 H13 N O2'    131.173 
LYS 'L-peptide linking' y LYSINE                                                 ?                 'C6 H15 N2 O2 1' 147.195 
MET 'L-peptide linking' y METHIONINE                                             ?                 'C5 H11 N O2 S'  149.211 
PG4 non-polymer         . 'TETRAETHYLENE GLYCOL'                                 ?                 'C8 H18 O5'      194.226 
PGE non-polymer         . 'TRIETHYLENE GLYCOL'                                   ?                 'C6 H14 O4'      150.173 
PHE 'L-peptide linking' y PHENYLALANINE                                          ?                 'C9 H11 N O2'    165.189 
PRO 'L-peptide linking' y PROLINE                                                ?                 'C5 H9 N O2'     115.130 
SER 'L-peptide linking' y SERINE                                                 ?                 'C3 H7 N O3'     105.093 
THR 'L-peptide linking' y THREONINE                                              ?                 'C4 H9 N O3'     119.119 
TRP 'L-peptide linking' y TRYPTOPHAN                                             ?                 'C11 H12 N2 O2'  204.225 
TYR 'L-peptide linking' y TYROSINE                                               ?                 'C9 H11 N O3'    181.189 
VAL 'L-peptide linking' y VALINE                                                 ?                 'C5 H11 N O2'    117.146 
# 
loop_
_pdbx_poly_seq_scheme.asym_id 
_pdbx_poly_seq_scheme.entity_id 
_pdbx_poly_seq_scheme.seq_id 
_pdbx_poly_seq_scheme.mon_id 
_pdbx_poly_seq_scheme.ndb_seq_num 
_pdbx_poly_seq_scheme.pdb_seq_num 
_pdbx_poly_seq_scheme.auth_seq_num 
_pdbx_poly_seq_scheme.pdb_mon_id 
_pdbx_poly_seq_scheme.auth_mon_id 
_pdbx_poly_seq_scheme.pdb_strand_id 
_pdbx_poly_seq_scheme.pdb_ins_code 
_pdbx_poly_seq_scheme.hetero 
A 1 1   MET 1   1   ?   ?   ?   A . n 
A 1 2   GLY 2   2   2   GLY GLY A . n 
A 1 3   ASN 3   3   3   ASN ASN A . n 
A 1 4   PRO 4   4   4   PRO PRO A . n 
A 1 5   LEU 5   5   5   LEU LEU A . n 
A 1 6   VAL 6   6   6   VAL VAL A . n 
A 1 7   TYR 7   7   7   TYR TYR A . n 
A 1 8   LEU 8   8   8   LEU LEU A . n 
A 1 9   ASP 9   9   9   ASP ASP A . n 
A 1 10  VAL 10  10  10  VAL VAL A . n 
A 1 11  ASP 11  11  11  ASP ASP A . n 
A 1 12  ALA 12  12  12  ALA ALA A . n 
A 1 13  ASN 13  13  13  ASN ASN A . n 
A 1 14  GLY 14  14  14  GLY GLY A . n 
A 1 15  LYS 15  15  15  LYS LYS A . n 
A 1 16  PRO 16  16  16  PRO PRO A . n 
A 1 17  LEU 17  17  17  LEU LEU A . n 
A 1 18  GLY 18  18  18  GLY GLY A . n 
A 1 19  ARG 19  19  19  ARG ARG A . n 
A 1 20  VAL 20  20  20  VAL VAL A . n 
A 1 21  VAL 21  21  21  VAL VAL A . n 
A 1 22  LEU 22  22  22  LEU LEU A . n 
A 1 23  GLU 23  23  23  GLU GLU A . n 
A 1 24  LEU 24  24  24  LEU LEU A . n 
A 1 25  LYS 25  25  25  LYS LYS A . n 
A 1 26  ALA 26  26  26  ALA ALA A . n 
A 1 27  ASP 27  27  27  ASP ASP A . n 
A 1 28  VAL 28  28  28  VAL VAL A . n 
A 1 29  VAL 29  29  29  VAL VAL A . n 
A 1 30  PRO 30  30  30  PRO PRO A . n 
A 1 31  LYS 31  31  31  LYS LYS A . n 
A 1 32  THR 32  32  32  THR THR A . n 
A 1 33  ALA 33  33  33  ALA ALA A . n 
A 1 34  GLU 34  34  34  GLU GLU A . n 
A 1 35  ASN 35  35  35  ASN ASN A . n 
A 1 36  PHE 36  36  36  PHE PHE A . n 
A 1 37  ARG 37  37  37  ARG ARG A . n 
A 1 38  ALA 38  38  38  ALA ALA A . n 
A 1 39  LEU 39  39  39  LEU LEU A . n 
A 1 40  CYS 40  40  40  CYS CYS A . n 
A 1 41  THR 41  41  41  THR THR A . n 
A 1 42  GLY 42  42  42  GLY GLY A . n 
A 1 43  GLU 43  43  43  GLU GLU A . n 
A 1 44  LYS 44  44  44  LYS LYS A . n 
A 1 45  GLY 45  45  45  GLY GLY A . n 
A 1 46  PHE 46  46  46  PHE PHE A . n 
A 1 47  GLY 47  47  47  GLY GLY A . n 
A 1 48  TYR 48  48  48  TYR TYR A . n 
A 1 49  LYS 49  49  49  LYS LYS A . n 
A 1 50  GLY 50  50  50  GLY GLY A . n 
A 1 51  SER 51  51  51  SER SER A . n 
A 1 52  THR 52  52  52  THR THR A . n 
A 1 53  PHE 53  53  53  PHE PHE A . n 
A 1 54  HIS 54  54  54  HIS HIS A . n 
A 1 55  ARG 55  55  55  ARG ARG A . n 
A 1 56  VAL 56  56  56  VAL VAL A . n 
A 1 57  ILE 57  57  57  ILE ILE A . n 
A 1 58  PRO 58  58  58  PRO PRO A . n 
A 1 59  SER 59  59  59  SER SER A . n 
A 1 60  PHE 60  60  60  PHE PHE A . n 
A 1 61  MET 61  61  61  MET MET A . n 
A 1 62  CYS 62  62  62  CYS CYS A . n 
A 1 63  GLN 63  63  63  GLN GLN A . n 
A 1 64  ALA 64  64  64  ALA ALA A . n 
A 1 65  GLY 65  65  65  GLY GLY A . n 
A 1 66  ASP 66  66  66  ASP ASP A . n 
A 1 67  PHE 67  67  67  PHE PHE A . n 
A 1 68  THR 68  68  68  THR THR A . n 
A 1 69  ASN 69  69  69  ASN ASN A . n 
A 1 70  HIS 70  70  70  HIS HIS A . n 
A 1 71  ASN 71  71  71  ASN ASN A . n 
A 1 72  GLY 72  72  72  GLY GLY A . n 
A 1 73  THR 73  73  73  THR THR A . n 
A 1 74  GLY 74  74  74  GLY GLY A . n 
A 1 75  GLY 75  75  75  GLY GLY A . n 
A 1 76  LYS 76  76  76  LYS LYS A . n 
A 1 77  SER 77  77  77  SER SER A . n 
A 1 78  ILE 78  78  78  ILE ILE A . n 
A 1 79  TYR 79  79  79  TYR TYR A . n 
A 1 80  GLY 80  80  80  GLY GLY A . n 
A 1 81  SER 81  81  81  SER SER A . n 
A 1 82  ARG 82  82  82  ARG ARG A . n 
A 1 83  PHE 83  83  83  PHE PHE A . n 
A 1 84  PRO 84  84  84  PRO PRO A . n 
A 1 85  ASP 85  85  85  ASP ASP A . n 
A 1 86  GLU 86  86  86  GLU GLU A . n 
A 1 87  ASN 87  87  87  ASN ASN A . n 
A 1 88  PHE 88  88  88  PHE PHE A . n 
A 1 89  THR 89  89  89  THR THR A . n 
A 1 90  LEU 90  90  90  LEU LEU A . n 
A 1 91  LYS 91  91  91  LYS LYS A . n 
A 1 92  HIS 92  92  92  HIS HIS A . n 
A 1 93  VAL 93  93  93  VAL VAL A . n 
A 1 94  GLY 94  94  94  GLY GLY A . n 
A 1 95  PRO 95  95  95  PRO PRO A . n 
A 1 96  GLY 96  96  96  GLY GLY A . n 
A 1 97  VAL 97  97  97  VAL VAL A . n 
A 1 98  LEU 98  98  98  LEU LEU A . n 
A 1 99  SER 99  99  99  SER SER A . n 
A 1 100 MET 100 100 100 MET MET A . n 
A 1 101 ALA 101 101 101 ALA ALA A . n 
A 1 102 ASN 102 102 102 ASN ASN A . n 
A 1 103 ALA 103 103 103 ALA ALA A . n 
A 1 104 GLY 104 104 104 GLY GLY A . n 
A 1 105 PRO 105 105 105 PRO PRO A . n 
A 1 106 ASN 106 106 106 ASN ASN A . n 
A 1 107 THR 107 107 107 THR THR A . n 
A 1 108 ASN 108 108 108 ASN ASN A . n 
A 1 109 GLY 109 109 109 GLY GLY A . n 
A 1 110 SER 110 110 110 SER SER A . n 
A 1 111 GLN 111 111 111 GLN GLN A . n 
A 1 112 PHE 112 112 112 PHE PHE A . n 
A 1 113 PHE 113 113 113 PHE PHE A . n 
A 1 114 ILE 114 114 114 ILE ILE A . n 
A 1 115 CYS 115 115 115 CYS CYS A . n 
A 1 116 THR 116 116 116 THR THR A . n 
A 1 117 ILE 117 117 117 ILE ILE A . n 
A 1 118 LYS 118 118 118 LYS LYS A . n 
A 1 119 THR 119 119 119 THR THR A . n 
A 1 120 ASP 120 120 120 ASP ASP A . n 
A 1 121 TRP 121 121 121 TRP TRP A . n 
A 1 122 LEU 122 122 122 LEU LEU A . n 
A 1 123 ASP 123 123 123 ASP ASP A . n 
A 1 124 GLY 124 124 124 GLY GLY A . n 
A 1 125 LYS 125 125 125 LYS LYS A . n 
A 1 126 HIS 126 126 126 HIS HIS A . n 
A 1 127 VAL 127 127 127 VAL VAL A . n 
A 1 128 VAL 128 128 128 VAL VAL A . n 
A 1 129 PHE 129 129 129 PHE PHE A . n 
A 1 130 GLY 130 130 130 GLY GLY A . n 
A 1 131 HIS 131 131 131 HIS HIS A . n 
A 1 132 VAL 132 132 132 VAL VAL A . n 
A 1 133 ILE 133 133 133 ILE ILE A . n 
A 1 134 GLU 134 134 134 GLU GLU A . n 
A 1 135 GLY 135 135 135 GLY GLY A . n 
A 1 136 MET 136 136 136 MET MET A . n 
A 1 137 ASP 137 137 137 ASP ASP A . n 
A 1 138 VAL 138 138 138 VAL VAL A . n 
A 1 139 VAL 139 139 139 VAL VAL A . n 
A 1 140 LYS 140 140 140 LYS LYS A . n 
A 1 141 LYS 141 141 141 LYS LYS A . n 
A 1 142 ILE 142 142 142 ILE ILE A . n 
A 1 143 GLU 143 143 143 GLU GLU A . n 
A 1 144 SER 144 144 144 SER SER A . n 
A 1 145 PHE 145 145 145 PHE PHE A . n 
A 1 146 GLY 146 146 146 GLY GLY A . n 
A 1 147 SER 147 147 147 SER SER A . n 
A 1 148 LYS 148 148 148 LYS LYS A . n 
A 1 149 SER 149 149 149 SER SER A . n 
A 1 150 GLY 150 150 150 GLY GLY A . n 
A 1 151 ARG 151 151 151 ARG ARG A . n 
A 1 152 THR 152 152 152 THR THR A . n 
A 1 153 SER 153 153 153 SER SER A . n 
A 1 154 LYS 154 154 154 LYS LYS A . n 
A 1 155 LYS 155 155 155 LYS LYS A . n 
A 1 156 ILE 156 156 156 ILE ILE A . n 
A 1 157 VAL 157 157 157 VAL VAL A . n 
A 1 158 ILE 158 158 158 ILE ILE A . n 
A 1 159 THR 159 159 159 THR THR A . n 
A 1 160 ASP 160 160 160 ASP ASP A . n 
A 1 161 CYS 161 161 161 CYS CYS A . n 
A 1 162 GLY 162 162 162 GLY GLY A . n 
A 1 163 GLN 163 163 163 GLN GLN A . n 
A 1 164 LEU 164 164 164 LEU LEU A . n 
A 1 165 SER 165 165 165 SER SER A . n 
# 
loop_
_pdbx_nonpoly_scheme.asym_id 
_pdbx_nonpoly_scheme.entity_id 
_pdbx_nonpoly_scheme.mon_id 
_pdbx_nonpoly_scheme.ndb_seq_num 
_pdbx_nonpoly_scheme.pdb_seq_num 
_pdbx_nonpoly_scheme.auth_seq_num 
_pdbx_nonpoly_scheme.pdb_mon_id 
_pdbx_nonpoly_scheme.auth_mon_id 
_pdbx_nonpoly_scheme.pdb_strand_id 
_pdbx_nonpoly_scheme.pdb_ins_code 
B 2 K   1   201 1   K   K   A . 
C 3 PG4 1   202 1   PG4 PG4 A . 
D 4 EDO 1   203 2   EDO EDO A . 
E 5 PGE 1   204 1   PGE PGE A . 
F 6 4ZM 1   205 1   4ZM E19 A . 
G 6 4ZM 1   206 2   4ZM E19 A . 
H 7 HOH 1   301 109 HOH HOH A . 
H 7 HOH 2   302 110 HOH HOH A . 
H 7 HOH 3   303 130 HOH HOH A . 
H 7 HOH 4   304 14  HOH HOH A . 
H 7 HOH 5   305 82  HOH HOH A . 
H 7 HOH 6   306 1   HOH HOH A . 
H 7 HOH 7   307 113 HOH HOH A . 
H 7 HOH 8   308 20  HOH HOH A . 
H 7 HOH 9   309 19  HOH HOH A . 
H 7 HOH 10  310 112 HOH HOH A . 
H 7 HOH 11  311 41  HOH HOH A . 
H 7 HOH 12  312 40  HOH HOH A . 
H 7 HOH 13  313 118 HOH HOH A . 
H 7 HOH 14  314 61  HOH HOH A . 
H 7 HOH 15  315 111 HOH HOH A . 
H 7 HOH 16  316 107 HOH HOH A . 
H 7 HOH 17  317 58  HOH HOH A . 
H 7 HOH 18  318 129 HOH HOH A . 
H 7 HOH 19  319 52  HOH HOH A . 
H 7 HOH 20  320 34  HOH HOH A . 
H 7 HOH 21  321 27  HOH HOH A . 
H 7 HOH 22  322 87  HOH HOH A . 
H 7 HOH 23  323 8   HOH HOH A . 
H 7 HOH 24  324 21  HOH HOH A . 
H 7 HOH 25  325 75  HOH HOH A . 
H 7 HOH 26  326 68  HOH HOH A . 
H 7 HOH 27  327 92  HOH HOH A . 
H 7 HOH 28  328 26  HOH HOH A . 
H 7 HOH 29  329 72  HOH HOH A . 
H 7 HOH 30  330 13  HOH HOH A . 
H 7 HOH 31  331 7   HOH HOH A . 
H 7 HOH 32  332 67  HOH HOH A . 
H 7 HOH 33  333 122 HOH HOH A . 
H 7 HOH 34  334 94  HOH HOH A . 
H 7 HOH 35  335 35  HOH HOH A . 
H 7 HOH 36  336 5   HOH HOH A . 
H 7 HOH 37  337 12  HOH HOH A . 
H 7 HOH 38  338 69  HOH HOH A . 
H 7 HOH 39  339 80  HOH HOH A . 
H 7 HOH 40  340 15  HOH HOH A . 
H 7 HOH 41  341 51  HOH HOH A . 
H 7 HOH 42  342 18  HOH HOH A . 
H 7 HOH 43  343 93  HOH HOH A . 
H 7 HOH 44  344 39  HOH HOH A . 
H 7 HOH 45  345 131 HOH HOH A . 
H 7 HOH 46  346 127 HOH HOH A . 
H 7 HOH 47  347 88  HOH HOH A . 
H 7 HOH 48  348 91  HOH HOH A . 
H 7 HOH 49  349 104 HOH HOH A . 
H 7 HOH 50  350 119 HOH HOH A . 
H 7 HOH 51  351 74  HOH HOH A . 
H 7 HOH 52  352 116 HOH HOH A . 
H 7 HOH 53  353 50  HOH HOH A . 
H 7 HOH 54  354 3   HOH HOH A . 
H 7 HOH 55  355 85  HOH HOH A . 
H 7 HOH 56  356 62  HOH HOH A . 
H 7 HOH 57  357 108 HOH HOH A . 
H 7 HOH 58  358 53  HOH HOH A . 
H 7 HOH 59  359 60  HOH HOH A . 
H 7 HOH 60  360 132 HOH HOH A . 
H 7 HOH 61  361 6   HOH HOH A . 
H 7 HOH 62  362 32  HOH HOH A . 
H 7 HOH 63  363 10  HOH HOH A . 
H 7 HOH 64  364 134 HOH HOH A . 
H 7 HOH 65  365 33  HOH HOH A . 
H 7 HOH 66  366 25  HOH HOH A . 
H 7 HOH 67  367 47  HOH HOH A . 
H 7 HOH 68  368 97  HOH HOH A . 
H 7 HOH 69  369 59  HOH HOH A . 
H 7 HOH 70  370 42  HOH HOH A . 
H 7 HOH 71  371 4   HOH HOH A . 
H 7 HOH 72  372 81  HOH HOH A . 
H 7 HOH 73  373 133 HOH HOH A . 
H 7 HOH 74  374 43  HOH HOH A . 
H 7 HOH 75  375 9   HOH HOH A . 
H 7 HOH 76  376 37  HOH HOH A . 
H 7 HOH 77  377 79  HOH HOH A . 
H 7 HOH 78  378 24  HOH HOH A . 
H 7 HOH 79  379 78  HOH HOH A . 
H 7 HOH 80  380 120 HOH HOH A . 
H 7 HOH 81  381 48  HOH HOH A . 
H 7 HOH 82  382 121 HOH HOH A . 
H 7 HOH 83  383 56  HOH HOH A . 
H 7 HOH 84  384 46  HOH HOH A . 
H 7 HOH 85  385 96  HOH HOH A . 
H 7 HOH 86  386 84  HOH HOH A . 
H 7 HOH 87  387 123 HOH HOH A . 
H 7 HOH 88  388 11  HOH HOH A . 
H 7 HOH 89  389 44  HOH HOH A . 
H 7 HOH 90  390 57  HOH HOH A . 
H 7 HOH 91  391 63  HOH HOH A . 
H 7 HOH 92  392 76  HOH HOH A . 
H 7 HOH 93  393 66  HOH HOH A . 
H 7 HOH 94  394 36  HOH HOH A . 
H 7 HOH 95  395 54  HOH HOH A . 
H 7 HOH 96  396 17  HOH HOH A . 
H 7 HOH 97  397 30  HOH HOH A . 
H 7 HOH 98  398 2   HOH HOH A . 
H 7 HOH 99  399 106 HOH HOH A . 
H 7 HOH 100 400 38  HOH HOH A . 
H 7 HOH 101 401 70  HOH HOH A . 
H 7 HOH 102 402 65  HOH HOH A . 
H 7 HOH 103 403 90  HOH HOH A . 
H 7 HOH 104 404 28  HOH HOH A . 
H 7 HOH 105 405 31  HOH HOH A . 
H 7 HOH 106 406 86  HOH HOH A . 
H 7 HOH 107 407 99  HOH HOH A . 
H 7 HOH 108 408 49  HOH HOH A . 
H 7 HOH 109 409 16  HOH HOH A . 
H 7 HOH 110 410 83  HOH HOH A . 
H 7 HOH 111 411 115 HOH HOH A . 
H 7 HOH 112 412 22  HOH HOH A . 
H 7 HOH 113 413 45  HOH HOH A . 
H 7 HOH 114 414 29  HOH HOH A . 
H 7 HOH 115 415 114 HOH HOH A . 
H 7 HOH 116 416 89  HOH HOH A . 
H 7 HOH 117 417 124 HOH HOH A . 
H 7 HOH 118 418 55  HOH HOH A . 
H 7 HOH 119 419 100 HOH HOH A . 
H 7 HOH 120 420 126 HOH HOH A . 
H 7 HOH 121 421 128 HOH HOH A . 
H 7 HOH 122 422 73  HOH HOH A . 
H 7 HOH 123 423 101 HOH HOH A . 
H 7 HOH 124 424 105 HOH HOH A . 
H 7 HOH 125 425 77  HOH HOH A . 
H 7 HOH 126 426 98  HOH HOH A . 
H 7 HOH 127 427 102 HOH HOH A . 
H 7 HOH 128 428 95  HOH HOH A . 
H 7 HOH 129 429 125 HOH HOH A . 
H 7 HOH 130 430 23  HOH HOH A . 
H 7 HOH 131 431 64  HOH HOH A . 
H 7 HOH 132 432 103 HOH HOH A . 
# 
loop_
_software.citation_id 
_software.classification 
_software.compiler_name 
_software.compiler_version 
_software.contact_author 
_software.contact_author_email 
_software.date 
_software.description 
_software.dependencies 
_software.hardware 
_software.language 
_software.location 
_software.mods 
_software.name 
_software.os 
_software.os_version 
_software.type 
_software.version 
_software.pdbx_ordinal 
? refinement       ? ? ? ? ? ? ? ? ? ? ? REFMAC ? ? ? 5.8.0123 1 
? 'data reduction' ? ? ? ? ? ? ? ? ? ? ? XDS    ? ? ? .        2 
? 'data scaling'   ? ? ? ? ? ? ? ? ? ? ? SCALA  ? ? ? .        3 
? phasing          ? ? ? ? ? ? ? ? ? ? ? PHASER ? ? ? .        4 
# 
_cell.angle_alpha                  90.00 
_cell.angle_alpha_esd              ? 
_cell.angle_beta                   90.00 
_cell.angle_beta_esd               ? 
_cell.angle_gamma                  90.00 
_cell.angle_gamma_esd              ? 
_cell.entry_id                     5CBU 
_cell.details                      ? 
_cell.formula_units_Z              ? 
_cell.length_a                     57.638 
_cell.length_a_esd                 ? 
_cell.length_b                     57.638 
_cell.length_b_esd                 ? 
_cell.length_c                     114.735 
_cell.length_c_esd                 ? 
_cell.volume                       ? 
_cell.volume_esd                   ? 
_cell.Z_PDB                        8 
_cell.reciprocal_angle_alpha       ? 
_cell.reciprocal_angle_beta        ? 
_cell.reciprocal_angle_gamma       ? 
_cell.reciprocal_angle_alpha_esd   ? 
_cell.reciprocal_angle_beta_esd    ? 
_cell.reciprocal_angle_gamma_esd   ? 
_cell.reciprocal_length_a          ? 
_cell.reciprocal_length_b          ? 
_cell.reciprocal_length_c          ? 
_cell.reciprocal_length_a_esd      ? 
_cell.reciprocal_length_b_esd      ? 
_cell.reciprocal_length_c_esd      ? 
_cell.pdbx_unique_axis             ? 
# 
_symmetry.entry_id                         5CBU 
_symmetry.cell_setting                     ? 
_symmetry.Int_Tables_number                96 
_symmetry.space_group_name_Hall            ? 
_symmetry.space_group_name_H-M             'P 43 21 2' 
_symmetry.pdbx_full_space_group_name_H-M   ? 
# 
_exptl.absorpt_coefficient_mu     ? 
_exptl.absorpt_correction_T_max   ? 
_exptl.absorpt_correction_T_min   ? 
_exptl.absorpt_correction_type    ? 
_exptl.absorpt_process_details    ? 
_exptl.entry_id                   5CBU 
_exptl.crystals_number            ? 
_exptl.details                    ? 
_exptl.method                     'X-RAY DIFFRACTION' 
_exptl.method_details             ? 
# 
_exptl_crystal.colour                      ? 
_exptl_crystal.density_diffrn              ? 
_exptl_crystal.density_Matthews            2.68 
_exptl_crystal.density_method              ? 
_exptl_crystal.density_percent_sol         54.09 
_exptl_crystal.description                 ? 
_exptl_crystal.F_000                       ? 
_exptl_crystal.id                          1 
_exptl_crystal.preparation                 ? 
_exptl_crystal.size_max                    ? 
_exptl_crystal.size_mid                    ? 
_exptl_crystal.size_min                    ? 
_exptl_crystal.size_rad                    ? 
_exptl_crystal.colour_lustre               ? 
_exptl_crystal.colour_modifier             ? 
_exptl_crystal.colour_primary              ? 
_exptl_crystal.density_meas                ? 
_exptl_crystal.density_meas_esd            ? 
_exptl_crystal.density_meas_gt             ? 
_exptl_crystal.density_meas_lt             ? 
_exptl_crystal.density_meas_temp           ? 
_exptl_crystal.density_meas_temp_esd       ? 
_exptl_crystal.density_meas_temp_gt        ? 
_exptl_crystal.density_meas_temp_lt        ? 
_exptl_crystal.pdbx_crystal_image_url      ? 
_exptl_crystal.pdbx_crystal_image_format   ? 
_exptl_crystal.pdbx_mosaicity              ? 
_exptl_crystal.pdbx_mosaicity_esd          ? 
# 
_exptl_crystal_grow.apparatus       ? 
_exptl_crystal_grow.atmosphere      ? 
_exptl_crystal_grow.crystal_id      1 
_exptl_crystal_grow.details         ? 
_exptl_crystal_grow.method          'VAPOR DIFFUSION, SITTING DROP' 
_exptl_crystal_grow.method_ref      ? 
_exptl_crystal_grow.pH              9 
_exptl_crystal_grow.pressure        ? 
_exptl_crystal_grow.pressure_esd    ? 
_exptl_crystal_grow.seeding         ? 
_exptl_crystal_grow.seeding_ref     ? 
_exptl_crystal_grow.temp            294 
_exptl_crystal_grow.temp_details    ? 
_exptl_crystal_grow.temp_esd        ? 
_exptl_crystal_grow.time            ? 
_exptl_crystal_grow.pdbx_details    '4M potassium formate, 0.1M BIS-TRIS propane pH 9, 2% w/v PEG2000mme' 
_exptl_crystal_grow.pdbx_pH_range   ? 
# 
_diffrn.ambient_environment    ? 
_diffrn.ambient_temp           100 
_diffrn.ambient_temp_details   ? 
_diffrn.ambient_temp_esd       ? 
_diffrn.crystal_id             1 
_diffrn.crystal_support        ? 
_diffrn.crystal_treatment      ? 
_diffrn.details                ? 
_diffrn.id                     1 
_diffrn.ambient_pressure       ? 
_diffrn.ambient_pressure_esd   ? 
_diffrn.ambient_pressure_gt    ? 
_diffrn.ambient_pressure_lt    ? 
_diffrn.ambient_temp_gt        ? 
_diffrn.ambient_temp_lt        ? 
# 
_diffrn_detector.details                      ? 
_diffrn_detector.detector                     PIXEL 
_diffrn_detector.diffrn_id                    1 
_diffrn_detector.type                         'PSI PILATUS 6M' 
_diffrn_detector.area_resol_mean              ? 
_diffrn_detector.dtime                        ? 
_diffrn_detector.pdbx_frames_total            ? 
_diffrn_detector.pdbx_collection_time_total   ? 
_diffrn_detector.pdbx_collection_date         2013-04-20 
# 
_diffrn_radiation.collimation                      ? 
_diffrn_radiation.diffrn_id                        1 
_diffrn_radiation.filter_edge                      ? 
_diffrn_radiation.inhomogeneity                    ? 
_diffrn_radiation.monochromator                    ? 
_diffrn_radiation.polarisn_norm                    ? 
_diffrn_radiation.polarisn_ratio                   ? 
_diffrn_radiation.probe                            ? 
_diffrn_radiation.type                             ? 
_diffrn_radiation.xray_symbol                      ? 
_diffrn_radiation.wavelength_id                    1 
_diffrn_radiation.pdbx_monochromatic_or_laue_m_l   M 
_diffrn_radiation.pdbx_wavelength_list             ? 
_diffrn_radiation.pdbx_wavelength                  ? 
_diffrn_radiation.pdbx_diffrn_protocol             'SINGLE WAVELENGTH' 
_diffrn_radiation.pdbx_analyzer                    ? 
_diffrn_radiation.pdbx_scattering_type             x-ray 
# 
_diffrn_radiation_wavelength.id           1 
_diffrn_radiation_wavelength.wavelength   0.8856 
_diffrn_radiation_wavelength.wt           1.0 
# 
_diffrn_source.current                     ? 
_diffrn_source.details                     ? 
_diffrn_source.diffrn_id                   1 
_diffrn_source.power                       ? 
_diffrn_source.size                        ? 
_diffrn_source.source                      SYNCHROTRON 
_diffrn_source.target                      ? 
_diffrn_source.type                        'SOLEIL BEAMLINE PROXIMA 1' 
_diffrn_source.voltage                     ? 
_diffrn_source.take-off_angle              ? 
_diffrn_source.pdbx_wavelength_list        0.8856 
_diffrn_source.pdbx_wavelength             ? 
_diffrn_source.pdbx_synchrotron_beamline   'PROXIMA 1' 
_diffrn_source.pdbx_synchrotron_site       SOLEIL 
# 
_reflns.B_iso_Wilson_estimate            ? 
_reflns.entry_id                         5CBU 
_reflns.data_reduction_details           ? 
_reflns.data_reduction_method            ? 
_reflns.d_resolution_high                1.4 
_reflns.d_resolution_low                 40.6 
_reflns.details                          ? 
_reflns.limit_h_max                      ? 
_reflns.limit_h_min                      ? 
_reflns.limit_k_max                      ? 
_reflns.limit_k_min                      ? 
_reflns.limit_l_max                      ? 
_reflns.limit_l_min                      ? 
_reflns.number_all                       ? 
_reflns.number_obs                       38921 
_reflns.observed_criterion               ? 
_reflns.observed_criterion_F_max         ? 
_reflns.observed_criterion_F_min         ? 
_reflns.observed_criterion_I_max         ? 
_reflns.observed_criterion_I_min         ? 
_reflns.observed_criterion_sigma_F       ? 
_reflns.observed_criterion_sigma_I       ? 
_reflns.percent_possible_obs             99.7 
_reflns.R_free_details                   ? 
_reflns.Rmerge_F_all                     ? 
_reflns.Rmerge_F_obs                     ? 
_reflns.Friedel_coverage                 ? 
_reflns.number_gt                        ? 
_reflns.threshold_expression             ? 
_reflns.pdbx_redundancy                  7.0 
_reflns.pdbx_Rmerge_I_obs                0.046 
_reflns.pdbx_Rmerge_I_all                ? 
_reflns.pdbx_Rsym_value                  ? 
_reflns.pdbx_netI_over_av_sigmaI         ? 
_reflns.pdbx_netI_over_sigmaI            19.2 
_reflns.pdbx_res_netI_over_av_sigmaI_2   ? 
_reflns.pdbx_res_netI_over_sigmaI_2      ? 
_reflns.pdbx_chi_squared                 ? 
_reflns.pdbx_scaling_rejects             ? 
_reflns.pdbx_d_res_high_opt              ? 
_reflns.pdbx_d_res_low_opt               ? 
_reflns.pdbx_d_res_opt_method            ? 
_reflns.phase_calculation_details        ? 
_reflns.pdbx_Rrim_I_all                  ? 
_reflns.pdbx_Rpim_I_all                  ? 
_reflns.pdbx_d_opt                       ? 
_reflns.pdbx_number_measured_all         ? 
_reflns.pdbx_diffrn_id                   1 
_reflns.pdbx_ordinal                     1 
_reflns.pdbx_CC_half                     ? 
_reflns.pdbx_R_split                     ? 
# 
_reflns_shell.Rmerge_F_all                ? 
_reflns_shell.Rmerge_F_gt                 ? 
_reflns_shell.Rmerge_F_obs                ? 
_reflns_shell.Rmerge_I_all                ? 
_reflns_shell.Rmerge_I_gt                 ? 
_reflns_shell.Rmerge_I_obs                0.297 
_reflns_shell.d_res_high                  1.4 
_reflns_shell.d_res_low                   1.48 
_reflns_shell.meanI_over_sigI_all         ? 
_reflns_shell.meanI_over_sigI_gt          ? 
_reflns_shell.meanI_over_sigI_obs         5.1 
_reflns_shell.meanI_over_uI_all           ? 
_reflns_shell.meanI_over_uI_gt            ? 
_reflns_shell.number_measured_all         ? 
_reflns_shell.number_measured_gt          ? 
_reflns_shell.number_measured_obs         ? 
_reflns_shell.number_possible             ? 
_reflns_shell.number_unique_all           ? 
_reflns_shell.number_unique_gt            ? 
_reflns_shell.number_unique_obs           ? 
_reflns_shell.pdbx_CC_half                ? 
_reflns_shell.pdbx_R_split                ? 
_reflns_shell.pdbx_Rpim_I_all             ? 
_reflns_shell.pdbx_Rrim_I_all             ? 
_reflns_shell.pdbx_Rsym_value             ? 
_reflns_shell.pdbx_chi_squared            ? 
_reflns_shell.pdbx_diffrn_id              1 
_reflns_shell.pdbx_netI_over_sigmaI_all   ? 
_reflns_shell.pdbx_netI_over_sigmaI_obs   ? 
_reflns_shell.pdbx_ordinal                1 
_reflns_shell.pdbx_redundancy             6.0 
_reflns_shell.pdbx_rejects                ? 
_reflns_shell.percent_possible_all        99.7 
_reflns_shell.percent_possible_gt         ? 
_reflns_shell.percent_possible_obs        ? 
# 
_refine.aniso_B[1][1]                            0.00 
_refine.aniso_B[1][2]                            0.00 
_refine.aniso_B[1][3]                            0.00 
_refine.aniso_B[2][2]                            0.00 
_refine.aniso_B[2][3]                            0.00 
_refine.aniso_B[3][3]                            -0.01 
_refine.B_iso_max                                ? 
_refine.B_iso_mean                               16.182 
_refine.B_iso_min                                ? 
_refine.correlation_coeff_Fo_to_Fc               0.967 
_refine.correlation_coeff_Fo_to_Fc_free          0.957 
_refine.details                                  'HYDROGENS HAVE BEEN ADDED IN THE RIDING POSITIONS' 
_refine.diff_density_max                         ? 
_refine.diff_density_max_esd                     ? 
_refine.diff_density_min                         ? 
_refine.diff_density_min_esd                     ? 
_refine.diff_density_rms                         ? 
_refine.diff_density_rms_esd                     ? 
_refine.entry_id                                 5CBU 
_refine.pdbx_refine_id                           'X-RAY DIFFRACTION' 
_refine.ls_abs_structure_details                 ? 
_refine.ls_abs_structure_Flack                   ? 
_refine.ls_abs_structure_Flack_esd               ? 
_refine.ls_abs_structure_Rogers                  ? 
_refine.ls_abs_structure_Rogers_esd              ? 
_refine.ls_d_res_high                            1.40 
_refine.ls_d_res_low                             40.6 
_refine.ls_extinction_coef                       ? 
_refine.ls_extinction_coef_esd                   ? 
_refine.ls_extinction_expression                 ? 
_refine.ls_extinction_method                     ? 
_refine.ls_goodness_of_fit_all                   ? 
_refine.ls_goodness_of_fit_all_esd               ? 
_refine.ls_goodness_of_fit_obs                   ? 
_refine.ls_goodness_of_fit_obs_esd               ? 
_refine.ls_hydrogen_treatment                    ? 
_refine.ls_matrix_type                           ? 
_refine.ls_number_constraints                    ? 
_refine.ls_number_parameters                     ? 
_refine.ls_number_reflns_all                     ? 
_refine.ls_number_reflns_obs                     36789 
_refine.ls_number_reflns_R_free                  1941 
_refine.ls_number_reflns_R_work                  ? 
_refine.ls_number_restraints                     ? 
_refine.ls_percent_reflns_obs                    99.51 
_refine.ls_percent_reflns_R_free                 5.0 
_refine.ls_R_factor_all                          ? 
_refine.ls_R_factor_obs                          0.16859 
_refine.ls_R_factor_R_free                       0.19719 
_refine.ls_R_factor_R_free_error                 ? 
_refine.ls_R_factor_R_free_error_details         ? 
_refine.ls_R_factor_R_work                       0.16712 
_refine.ls_R_Fsqd_factor_obs                     ? 
_refine.ls_R_I_factor_obs                        ? 
_refine.ls_redundancy_reflns_all                 ? 
_refine.ls_redundancy_reflns_obs                 ? 
_refine.ls_restrained_S_all                      ? 
_refine.ls_restrained_S_obs                      ? 
_refine.ls_shift_over_esd_max                    ? 
_refine.ls_shift_over_esd_mean                   ? 
_refine.ls_structure_factor_coef                 ? 
_refine.ls_weighting_details                     ? 
_refine.ls_weighting_scheme                      ? 
_refine.ls_wR_factor_all                         ? 
_refine.ls_wR_factor_obs                         ? 
_refine.ls_wR_factor_R_free                      ? 
_refine.ls_wR_factor_R_work                      ? 
_refine.occupancy_max                            ? 
_refine.occupancy_min                            ? 
_refine.solvent_model_details                    MASK 
_refine.solvent_model_param_bsol                 ? 
_refine.solvent_model_param_ksol                 ? 
_refine.ls_R_factor_gt                           ? 
_refine.ls_goodness_of_fit_gt                    ? 
_refine.ls_goodness_of_fit_ref                   ? 
_refine.ls_shift_over_su_max                     ? 
_refine.ls_shift_over_su_max_lt                  ? 
_refine.ls_shift_over_su_mean                    ? 
_refine.ls_shift_over_su_mean_lt                 ? 
_refine.pdbx_ls_sigma_I                          ? 
_refine.pdbx_ls_sigma_F                          ? 
_refine.pdbx_ls_sigma_Fsqd                       ? 
_refine.pdbx_data_cutoff_high_absF               ? 
_refine.pdbx_data_cutoff_high_rms_absF           ? 
_refine.pdbx_data_cutoff_low_absF                ? 
_refine.pdbx_isotropic_thermal_model             ? 
_refine.pdbx_ls_cross_valid_method               THROUGHOUT 
_refine.pdbx_method_to_determine_struct          'MOLECULAR REPLACEMENT' 
_refine.pdbx_starting_model                      2BIT 
_refine.pdbx_stereochemistry_target_values       'MAXIMUM LIKELIHOOD' 
_refine.pdbx_R_Free_selection_details            RANDOM 
_refine.pdbx_stereochem_target_val_spec_case     ? 
_refine.pdbx_overall_ESU_R                       0.052 
_refine.pdbx_overall_ESU_R_Free                  0.056 
_refine.pdbx_solvent_vdw_probe_radii             1.20 
_refine.pdbx_solvent_ion_probe_radii             0.80 
_refine.pdbx_solvent_shrinkage_radii             0.80 
_refine.pdbx_real_space_R                        ? 
_refine.pdbx_density_correlation                 ? 
_refine.pdbx_pd_number_of_powder_patterns        ? 
_refine.pdbx_pd_number_of_points                 ? 
_refine.pdbx_pd_meas_number_of_points            ? 
_refine.pdbx_pd_proc_ls_prof_R_factor            ? 
_refine.pdbx_pd_proc_ls_prof_wR_factor           ? 
_refine.pdbx_pd_Marquardt_correlation_coeff      ? 
_refine.pdbx_pd_Fsqrd_R_factor                   ? 
_refine.pdbx_pd_ls_matrix_band_width             ? 
_refine.pdbx_overall_phase_error                 ? 
_refine.pdbx_overall_SU_R_free_Cruickshank_DPI   ? 
_refine.pdbx_overall_SU_R_free_Blow_DPI          ? 
_refine.pdbx_overall_SU_R_Blow_DPI               ? 
_refine.pdbx_TLS_residual_ADP_flag               ? 
_refine.pdbx_diffrn_id                           1 
_refine.overall_SU_B                             0.779 
_refine.overall_SU_ML                            0.032 
_refine.overall_SU_R_Cruickshank_DPI             ? 
_refine.overall_SU_R_free                        ? 
_refine.overall_FOM_free_R_set                   ? 
_refine.overall_FOM_work_R_set                   ? 
_refine.pdbx_average_fsc_overall                 ? 
_refine.pdbx_average_fsc_work                    ? 
_refine.pdbx_average_fsc_free                    ? 
# 
_refine_hist.pdbx_refine_id                   'X-RAY DIFFRACTION' 
_refine_hist.cycle_id                         LAST 
_refine_hist.pdbx_number_atoms_protein        1240 
_refine_hist.pdbx_number_atoms_nucleic_acid   0 
_refine_hist.pdbx_number_atoms_ligand         74 
_refine_hist.number_atoms_solvent             132 
_refine_hist.number_atoms_total               1446 
_refine_hist.d_res_high                       1.40 
_refine_hist.d_res_low                        40.6 
# 
loop_
_refine_ls_restr.pdbx_refine_id 
_refine_ls_restr.criterion 
_refine_ls_restr.dev_ideal 
_refine_ls_restr.dev_ideal_target 
_refine_ls_restr.number 
_refine_ls_restr.rejects 
_refine_ls_restr.type 
_refine_ls_restr.weight 
_refine_ls_restr.pdbx_restraint_function 
'X-RAY DIFFRACTION' ? 0.029  0.019  1363 ? r_bond_refined_d             ? ? 
'X-RAY DIFFRACTION' ? 0.002  0.020  1300 ? r_bond_other_d               ? ? 
'X-RAY DIFFRACTION' ? 2.615  2.014  1819 ? r_angle_refined_deg          ? ? 
'X-RAY DIFFRACTION' ? 1.168  3.000  2995 ? r_angle_other_deg            ? ? 
'X-RAY DIFFRACTION' ? 6.591  5.000  163  ? r_dihedral_angle_1_deg       ? ? 
'X-RAY DIFFRACTION' ? 33.730 24.231 52   ? r_dihedral_angle_2_deg       ? ? 
'X-RAY DIFFRACTION' ? 12.510 15.000 213  ? r_dihedral_angle_3_deg       ? ? 
'X-RAY DIFFRACTION' ? 16.712 15.000 5    ? r_dihedral_angle_4_deg       ? ? 
'X-RAY DIFFRACTION' ? 0.134  0.200  186  ? r_chiral_restr               ? ? 
'X-RAY DIFFRACTION' ? 0.012  0.021  1537 ? r_gen_planes_refined         ? ? 
'X-RAY DIFFRACTION' ? 0.002  0.020  329  ? r_gen_planes_other           ? ? 
'X-RAY DIFFRACTION' ? ?      ?      ?    ? r_nbd_refined                ? ? 
'X-RAY DIFFRACTION' ? ?      ?      ?    ? r_nbd_other                  ? ? 
'X-RAY DIFFRACTION' ? ?      ?      ?    ? r_nbtor_refined              ? ? 
'X-RAY DIFFRACTION' ? ?      ?      ?    ? r_nbtor_other                ? ? 
'X-RAY DIFFRACTION' ? ?      ?      ?    ? r_xyhbond_nbd_refined        ? ? 
'X-RAY DIFFRACTION' ? ?      ?      ?    ? r_xyhbond_nbd_other          ? ? 
'X-RAY DIFFRACTION' ? ?      ?      ?    ? r_metal_ion_refined          ? ? 
'X-RAY DIFFRACTION' ? ?      ?      ?    ? r_metal_ion_other            ? ? 
'X-RAY DIFFRACTION' ? ?      ?      ?    ? r_symmetry_vdw_refined       ? ? 
'X-RAY DIFFRACTION' ? ?      ?      ?    ? r_symmetry_vdw_other         ? ? 
'X-RAY DIFFRACTION' ? ?      ?      ?    ? r_symmetry_hbond_refined     ? ? 
'X-RAY DIFFRACTION' ? ?      ?      ?    ? r_symmetry_hbond_other       ? ? 
'X-RAY DIFFRACTION' ? ?      ?      ?    ? r_symmetry_metal_ion_refined ? ? 
'X-RAY DIFFRACTION' ? ?      ?      ?    ? r_symmetry_metal_ion_other   ? ? 
'X-RAY DIFFRACTION' ? 1.441  1.356  655  ? r_mcbond_it                  ? ? 
'X-RAY DIFFRACTION' ? 1.440  1.357  656  ? r_mcbond_other               ? ? 
'X-RAY DIFFRACTION' ? 2.041  2.037  820  ? r_mcangle_it                 ? ? 
'X-RAY DIFFRACTION' ? 2.043  2.034  818  ? r_mcangle_other              ? ? 
'X-RAY DIFFRACTION' ? 2.805  1.677  708  ? r_scbond_it                  ? ? 
'X-RAY DIFFRACTION' ? 2.803  1.679  709  ? r_scbond_other               ? ? 
'X-RAY DIFFRACTION' ? ?      ?      ?    ? r_scangle_it                 ? ? 
'X-RAY DIFFRACTION' ? 3.554  2.388  1000 ? r_scangle_other              ? ? 
'X-RAY DIFFRACTION' ? 4.814  12.480 1474 ? r_long_range_B_refined       ? ? 
'X-RAY DIFFRACTION' ? 4.813  12.495 1475 ? r_long_range_B_other         ? ? 
'X-RAY DIFFRACTION' ? ?      ?      ?    ? r_rigid_bond_restr           ? ? 
'X-RAY DIFFRACTION' ? ?      ?      ?    ? r_sphericity_free            ? ? 
'X-RAY DIFFRACTION' ? ?      ?      ?    ? r_sphericity_bonded          ? ? 
# 
_refine_ls_shell.pdbx_refine_id                   'X-RAY DIFFRACTION' 
_refine_ls_shell.d_res_high                       1.400 
_refine_ls_shell.d_res_low                        1.436 
_refine_ls_shell.number_reflns_all                ? 
_refine_ls_shell.number_reflns_obs                ? 
_refine_ls_shell.number_reflns_R_free             129 
_refine_ls_shell.number_reflns_R_work             2681 
_refine_ls_shell.percent_reflns_obs               99.68 
_refine_ls_shell.percent_reflns_R_free            ? 
_refine_ls_shell.R_factor_all                     ? 
_refine_ls_shell.R_factor_obs                     ? 
_refine_ls_shell.R_factor_R_free                  0.260 
_refine_ls_shell.R_factor_R_free_error            ? 
_refine_ls_shell.R_factor_R_work                  0.227 
_refine_ls_shell.redundancy_reflns_all            ? 
_refine_ls_shell.redundancy_reflns_obs            ? 
_refine_ls_shell.wR_factor_all                    ? 
_refine_ls_shell.wR_factor_obs                    ? 
_refine_ls_shell.wR_factor_R_free                 ? 
_refine_ls_shell.wR_factor_R_work                 ? 
_refine_ls_shell.pdbx_total_number_of_bins_used   20 
_refine_ls_shell.pdbx_phase_error                 ? 
_refine_ls_shell.pdbx_fsc_work                    ? 
_refine_ls_shell.pdbx_fsc_free                    ? 
# 
_struct.entry_id                     5CBU 
_struct.title                        'Human Cyclophilin D Complexed with Inhibitor.' 
_struct.pdbx_model_details           ? 
_struct.pdbx_formula_weight          ? 
_struct.pdbx_formula_weight_method   ? 
_struct.pdbx_model_type_details      ? 
_struct.pdbx_CASP_flag               ? 
# 
_struct_keywords.entry_id        5CBU 
_struct_keywords.text            'cyclophilin, isomerase, complex, inhibitor' 
_struct_keywords.pdbx_keywords   ISOMERASE 
# 
loop_
_struct_asym.id 
_struct_asym.pdbx_blank_PDB_chainid_flag 
_struct_asym.pdbx_modified 
_struct_asym.entity_id 
_struct_asym.details 
A N N 1 ? 
B N N 2 ? 
C N N 3 ? 
D N N 4 ? 
E N N 5 ? 
F N N 6 ? 
G N N 6 ? 
H N N 7 ? 
# 
_struct_ref.id                         1 
_struct_ref.db_name                    UNP 
_struct_ref.db_code                    PPIF_HUMAN 
_struct_ref.pdbx_db_accession          P30405 
_struct_ref.pdbx_db_isoform            ? 
_struct_ref.entity_id                  1 
_struct_ref.pdbx_seq_one_letter_code   
;GNPLVYLDVDANGKPLGRVVLELKADVVPKTAENFRALCTGEKGFGYKGSTFHRVIPSFMCQAGDFTNHNGTGGKSIYGS
RFPDENFTLKHVGPGVLSMANAGPNTNGSQFFICTIKTDWLDGKHVVFGHVKEGMDVVKKIESFGSKSGRTSKKIVITDC
GQLS
;
_struct_ref.pdbx_align_begin           44 
# 
_struct_ref_seq.align_id                      1 
_struct_ref_seq.ref_id                        1 
_struct_ref_seq.pdbx_PDB_id_code              5CBU 
_struct_ref_seq.pdbx_strand_id                A 
_struct_ref_seq.seq_align_beg                 2 
_struct_ref_seq.pdbx_seq_align_beg_ins_code   ? 
_struct_ref_seq.seq_align_end                 165 
_struct_ref_seq.pdbx_seq_align_end_ins_code   ? 
_struct_ref_seq.pdbx_db_accession             P30405 
_struct_ref_seq.db_align_beg                  44 
_struct_ref_seq.pdbx_db_align_beg_ins_code    ? 
_struct_ref_seq.db_align_end                  207 
_struct_ref_seq.pdbx_db_align_end_ins_code    ? 
_struct_ref_seq.pdbx_auth_seq_align_beg       2 
_struct_ref_seq.pdbx_auth_seq_align_end       165 
# 
loop_
_struct_ref_seq_dif.align_id 
_struct_ref_seq_dif.pdbx_pdb_id_code 
_struct_ref_seq_dif.mon_id 
_struct_ref_seq_dif.pdbx_pdb_strand_id 
_struct_ref_seq_dif.seq_num 
_struct_ref_seq_dif.pdbx_pdb_ins_code 
_struct_ref_seq_dif.pdbx_seq_db_name 
_struct_ref_seq_dif.pdbx_seq_db_accession_code 
_struct_ref_seq_dif.db_mon_id 
_struct_ref_seq_dif.pdbx_seq_db_seq_num 
_struct_ref_seq_dif.details 
_struct_ref_seq_dif.pdbx_auth_seq_num 
_struct_ref_seq_dif.pdbx_ordinal 
1 5CBU MET A 1   ? UNP P30405 ?   ?   'initiating methionine' 1   1 
1 5CBU ILE A 133 ? UNP P30405 LYS 175 'engineered mutation'   133 2 
# 
_pdbx_struct_assembly.id                   1 
_pdbx_struct_assembly.details              author_and_software_defined_assembly 
_pdbx_struct_assembly.method_details       PISA 
_pdbx_struct_assembly.oligomeric_details   monomeric 
_pdbx_struct_assembly.oligomeric_count     1 
# 
loop_
_pdbx_struct_assembly_prop.biol_id 
_pdbx_struct_assembly_prop.type 
_pdbx_struct_assembly_prop.value 
_pdbx_struct_assembly_prop.details 
1 'ABSA (A^2)' 1030 ? 
1 MORE         9    ? 
1 'SSA (A^2)'  7220 ? 
# 
_pdbx_struct_assembly_gen.assembly_id       1 
_pdbx_struct_assembly_gen.oper_expression   1 
_pdbx_struct_assembly_gen.asym_id_list      A,B,C,D,E,F,G,H 
# 
_pdbx_struct_oper_list.id                   1 
_pdbx_struct_oper_list.type                 'identity operation' 
_pdbx_struct_oper_list.name                 1_555 
_pdbx_struct_oper_list.symmetry_operation   x,y,z 
_pdbx_struct_oper_list.matrix[1][1]         1.0000000000 
_pdbx_struct_oper_list.matrix[1][2]         0.0000000000 
_pdbx_struct_oper_list.matrix[1][3]         0.0000000000 
_pdbx_struct_oper_list.vector[1]            0.0000000000 
_pdbx_struct_oper_list.matrix[2][1]         0.0000000000 
_pdbx_struct_oper_list.matrix[2][2]         1.0000000000 
_pdbx_struct_oper_list.matrix[2][3]         0.0000000000 
_pdbx_struct_oper_list.vector[2]            0.0000000000 
_pdbx_struct_oper_list.matrix[3][1]         0.0000000000 
_pdbx_struct_oper_list.matrix[3][2]         0.0000000000 
_pdbx_struct_oper_list.matrix[3][3]         1.0000000000 
_pdbx_struct_oper_list.vector[3]            0.0000000000 
# 
loop_
_struct_conf.conf_type_id 
_struct_conf.id 
_struct_conf.pdbx_PDB_helix_id 
_struct_conf.beg_label_comp_id 
_struct_conf.beg_label_asym_id 
_struct_conf.beg_label_seq_id 
_struct_conf.pdbx_beg_PDB_ins_code 
_struct_conf.end_label_comp_id 
_struct_conf.end_label_asym_id 
_struct_conf.end_label_seq_id 
_struct_conf.pdbx_end_PDB_ins_code 
_struct_conf.beg_auth_comp_id 
_struct_conf.beg_auth_asym_id 
_struct_conf.beg_auth_seq_id 
_struct_conf.end_auth_comp_id 
_struct_conf.end_auth_asym_id 
_struct_conf.end_auth_seq_id 
_struct_conf.pdbx_PDB_helix_class 
_struct_conf.details 
_struct_conf.pdbx_PDB_helix_length 
HELX_P HELX_P1 AA1 VAL A 29  ? GLY A 42  ? VAL A 29  GLY A 42  1 ? 14 
HELX_P HELX_P2 AA2 THR A 119 ? ASP A 123 ? THR A 119 ASP A 123 5 ? 5  
HELX_P HELX_P3 AA3 GLY A 135 ? PHE A 145 ? GLY A 135 PHE A 145 1 ? 11 
# 
_struct_conf_type.id          HELX_P 
_struct_conf_type.criteria    ? 
_struct_conf_type.reference   ? 
# 
loop_
_struct_conn.id 
_struct_conn.conn_type_id 
_struct_conn.pdbx_leaving_atom_flag 
_struct_conn.pdbx_PDB_id 
_struct_conn.ptnr1_label_asym_id 
_struct_conn.ptnr1_label_comp_id 
_struct_conn.ptnr1_label_seq_id 
_struct_conn.ptnr1_label_atom_id 
_struct_conn.pdbx_ptnr1_label_alt_id 
_struct_conn.pdbx_ptnr1_PDB_ins_code 
_struct_conn.pdbx_ptnr1_standard_comp_id 
_struct_conn.ptnr1_symmetry 
_struct_conn.ptnr2_label_asym_id 
_struct_conn.ptnr2_label_comp_id 
_struct_conn.ptnr2_label_seq_id 
_struct_conn.ptnr2_label_atom_id 
_struct_conn.pdbx_ptnr2_label_alt_id 
_struct_conn.pdbx_ptnr2_PDB_ins_code 
_struct_conn.ptnr1_auth_asym_id 
_struct_conn.ptnr1_auth_comp_id 
_struct_conn.ptnr1_auth_seq_id 
_struct_conn.ptnr2_auth_asym_id 
_struct_conn.ptnr2_auth_comp_id 
_struct_conn.ptnr2_auth_seq_id 
_struct_conn.ptnr2_symmetry 
_struct_conn.pdbx_ptnr3_label_atom_id 
_struct_conn.pdbx_ptnr3_label_seq_id 
_struct_conn.pdbx_ptnr3_label_comp_id 
_struct_conn.pdbx_ptnr3_label_asym_id 
_struct_conn.pdbx_ptnr3_label_alt_id 
_struct_conn.pdbx_ptnr3_PDB_ins_code 
_struct_conn.details 
_struct_conn.pdbx_dist_value 
_struct_conn.pdbx_value_order 
_struct_conn.pdbx_role 
metalc1 metalc ? ? B K . K ? ? ? 1_555 E PGE . O4 ? ? A K 201 A PGE 204 1_555 ? ? ? ? ? ? ? 2.976 ? ? 
metalc2 metalc ? ? B K . K ? ? ? 1_555 E PGE . O1 ? ? A K 201 A PGE 204 1_555 ? ? ? ? ? ? ? 3.100 ? ? 
metalc3 metalc ? ? B K . K ? ? ? 1_555 E PGE . O2 ? ? A K 201 A PGE 204 1_555 ? ? ? ? ? ? ? 2.603 ? ? 
metalc4 metalc ? ? B K . K ? ? ? 1_555 E PGE . O3 ? ? A K 201 A PGE 204 1_555 ? ? ? ? ? ? ? 2.889 ? ? 
metalc5 metalc ? ? B K . K ? ? ? 1_555 E PGE . O1 ? ? A K 201 A PGE 204 7_555 ? ? ? ? ? ? ? 3.100 ? ? 
metalc6 metalc ? ? B K . K ? ? ? 1_555 E PGE . O2 ? ? A K 201 A PGE 204 7_555 ? ? ? ? ? ? ? 2.603 ? ? 
metalc7 metalc ? ? B K . K ? ? ? 1_555 E PGE . O3 ? ? A K 201 A PGE 204 7_555 ? ? ? ? ? ? ? 2.889 ? ? 
metalc8 metalc ? ? B K . K ? ? ? 1_555 E PGE . O4 ? ? A K 201 A PGE 204 7_555 ? ? ? ? ? ? ? 2.976 ? ? 
# 
_struct_conn_type.id          metalc 
_struct_conn_type.criteria    ? 
_struct_conn_type.reference   ? 
# 
loop_
_pdbx_struct_conn_angle.id 
_pdbx_struct_conn_angle.ptnr1_label_atom_id 
_pdbx_struct_conn_angle.ptnr1_label_alt_id 
_pdbx_struct_conn_angle.ptnr1_label_asym_id 
_pdbx_struct_conn_angle.ptnr1_label_comp_id 
_pdbx_struct_conn_angle.ptnr1_label_seq_id 
_pdbx_struct_conn_angle.ptnr1_auth_atom_id 
_pdbx_struct_conn_angle.ptnr1_auth_asym_id 
_pdbx_struct_conn_angle.ptnr1_auth_comp_id 
_pdbx_struct_conn_angle.ptnr1_auth_seq_id 
_pdbx_struct_conn_angle.ptnr1_PDB_ins_code 
_pdbx_struct_conn_angle.ptnr1_symmetry 
_pdbx_struct_conn_angle.ptnr2_label_atom_id 
_pdbx_struct_conn_angle.ptnr2_label_alt_id 
_pdbx_struct_conn_angle.ptnr2_label_asym_id 
_pdbx_struct_conn_angle.ptnr2_label_comp_id 
_pdbx_struct_conn_angle.ptnr2_label_seq_id 
_pdbx_struct_conn_angle.ptnr2_auth_atom_id 
_pdbx_struct_conn_angle.ptnr2_auth_asym_id 
_pdbx_struct_conn_angle.ptnr2_auth_comp_id 
_pdbx_struct_conn_angle.ptnr2_auth_seq_id 
_pdbx_struct_conn_angle.ptnr2_PDB_ins_code 
_pdbx_struct_conn_angle.ptnr2_symmetry 
_pdbx_struct_conn_angle.ptnr3_label_atom_id 
_pdbx_struct_conn_angle.ptnr3_label_alt_id 
_pdbx_struct_conn_angle.ptnr3_label_asym_id 
_pdbx_struct_conn_angle.ptnr3_label_comp_id 
_pdbx_struct_conn_angle.ptnr3_label_seq_id 
_pdbx_struct_conn_angle.ptnr3_auth_atom_id 
_pdbx_struct_conn_angle.ptnr3_auth_asym_id 
_pdbx_struct_conn_angle.ptnr3_auth_comp_id 
_pdbx_struct_conn_angle.ptnr3_auth_seq_id 
_pdbx_struct_conn_angle.ptnr3_PDB_ins_code 
_pdbx_struct_conn_angle.ptnr3_symmetry 
_pdbx_struct_conn_angle.value 
_pdbx_struct_conn_angle.value_esd 
1  O4 ? E PGE . ? A PGE 204 ? 1_555 K ? B K . ? A K 201 ? 1_555 O1 ? E PGE . ? A PGE 204 ? 1_555 135.2 ? 
2  O4 ? E PGE . ? A PGE 204 ? 1_555 K ? B K . ? A K 201 ? 1_555 O2 ? E PGE . ? A PGE 204 ? 1_555 116.0 ? 
3  O1 ? E PGE . ? A PGE 204 ? 1_555 K ? B K . ? A K 201 ? 1_555 O2 ? E PGE . ? A PGE 204 ? 1_555 62.3  ? 
4  O4 ? E PGE . ? A PGE 204 ? 1_555 K ? B K . ? A K 201 ? 1_555 O3 ? E PGE . ? A PGE 204 ? 1_555 53.3  ? 
5  O1 ? E PGE . ? A PGE 204 ? 1_555 K ? B K . ? A K 201 ? 1_555 O3 ? E PGE . ? A PGE 204 ? 1_555 103.2 ? 
6  O2 ? E PGE . ? A PGE 204 ? 1_555 K ? B K . ? A K 201 ? 1_555 O3 ? E PGE . ? A PGE 204 ? 1_555 63.0  ? 
7  O4 ? E PGE . ? A PGE 204 ? 1_555 K ? B K . ? A K 201 ? 1_555 O1 ? E PGE . ? A PGE 204 ? 7_555 92.3  ? 
8  O1 ? E PGE . ? A PGE 204 ? 1_555 K ? B K . ? A K 201 ? 1_555 O1 ? E PGE . ? A PGE 204 ? 7_555 47.4  ? 
9  O2 ? E PGE . ? A PGE 204 ? 1_555 K ? B K . ? A K 201 ? 1_555 O1 ? E PGE . ? A PGE 204 ? 7_555 96.9  ? 
10 O3 ? E PGE . ? A PGE 204 ? 1_555 K ? B K . ? A K 201 ? 1_555 O1 ? E PGE . ? A PGE 204 ? 7_555 93.4  ? 
11 O4 ? E PGE . ? A PGE 204 ? 1_555 K ? B K . ? A K 201 ? 1_555 O2 ? E PGE . ? A PGE 204 ? 7_555 73.4  ? 
12 O1 ? E PGE . ? A PGE 204 ? 1_555 K ? B K . ? A K 201 ? 1_555 O2 ? E PGE . ? A PGE 204 ? 7_555 96.9  ? 
13 O2 ? E PGE . ? A PGE 204 ? 1_555 K ? B K . ? A K 201 ? 1_555 O2 ? E PGE . ? A PGE 204 ? 7_555 158.4 ? 
14 O3 ? E PGE . ? A PGE 204 ? 1_555 K ? B K . ? A K 201 ? 1_555 O2 ? E PGE . ? A PGE 204 ? 7_555 120.9 ? 
15 O1 ? E PGE . ? A PGE 204 ? 7_555 K ? B K . ? A K 201 ? 1_555 O2 ? E PGE . ? A PGE 204 ? 7_555 62.3  ? 
16 O4 ? E PGE . ? A PGE 204 ? 1_555 K ? B K . ? A K 201 ? 1_555 O3 ? E PGE . ? A PGE 204 ? 7_555 118.0 ? 
17 O1 ? E PGE . ? A PGE 204 ? 1_555 K ? B K . ? A K 201 ? 1_555 O3 ? E PGE . ? A PGE 204 ? 7_555 93.4  ? 
18 O2 ? E PGE . ? A PGE 204 ? 1_555 K ? B K . ? A K 201 ? 1_555 O3 ? E PGE . ? A PGE 204 ? 7_555 120.9 ? 
19 O3 ? E PGE . ? A PGE 204 ? 1_555 K ? B K . ? A K 201 ? 1_555 O3 ? E PGE . ? A PGE 204 ? 7_555 161.9 ? 
20 O1 ? E PGE . ? A PGE 204 ? 7_555 K ? B K . ? A K 201 ? 1_555 O3 ? E PGE . ? A PGE 204 ? 7_555 103.2 ? 
21 O2 ? E PGE . ? A PGE 204 ? 7_555 K ? B K . ? A K 201 ? 1_555 O3 ? E PGE . ? A PGE 204 ? 7_555 63.0  ? 
22 O4 ? E PGE . ? A PGE 204 ? 1_555 K ? B K . ? A K 201 ? 1_555 O4 ? E PGE . ? A PGE 204 ? 7_555 131.7 ? 
23 O1 ? E PGE . ? A PGE 204 ? 1_555 K ? B K . ? A K 201 ? 1_555 O4 ? E PGE . ? A PGE 204 ? 7_555 92.3  ? 
24 O2 ? E PGE . ? A PGE 204 ? 1_555 K ? B K . ? A K 201 ? 1_555 O4 ? E PGE . ? A PGE 204 ? 7_555 73.4  ? 
25 O3 ? E PGE . ? A PGE 204 ? 1_555 K ? B K . ? A K 201 ? 1_555 O4 ? E PGE . ? A PGE 204 ? 7_555 118.0 ? 
26 O1 ? E PGE . ? A PGE 204 ? 7_555 K ? B K . ? A K 201 ? 1_555 O4 ? E PGE . ? A PGE 204 ? 7_555 135.2 ? 
27 O2 ? E PGE . ? A PGE 204 ? 7_555 K ? B K . ? A K 201 ? 1_555 O4 ? E PGE . ? A PGE 204 ? 7_555 116.0 ? 
28 O3 ? E PGE . ? A PGE 204 ? 7_555 K ? B K . ? A K 201 ? 1_555 O4 ? E PGE . ? A PGE 204 ? 7_555 53.3  ? 
# 
_struct_sheet.id               AA1 
_struct_sheet.type             ? 
_struct_sheet.number_strands   8 
_struct_sheet.details          ? 
# 
loop_
_struct_sheet_order.sheet_id 
_struct_sheet_order.range_id_1 
_struct_sheet_order.range_id_2 
_struct_sheet_order.offset 
_struct_sheet_order.sense 
AA1 1 2 ? anti-parallel 
AA1 2 3 ? anti-parallel 
AA1 3 4 ? anti-parallel 
AA1 4 5 ? anti-parallel 
AA1 5 6 ? anti-parallel 
AA1 6 7 ? anti-parallel 
AA1 7 8 ? anti-parallel 
# 
loop_
_struct_sheet_range.sheet_id 
_struct_sheet_range.id 
_struct_sheet_range.beg_label_comp_id 
_struct_sheet_range.beg_label_asym_id 
_struct_sheet_range.beg_label_seq_id 
_struct_sheet_range.pdbx_beg_PDB_ins_code 
_struct_sheet_range.end_label_comp_id 
_struct_sheet_range.end_label_asym_id 
_struct_sheet_range.end_label_seq_id 
_struct_sheet_range.pdbx_end_PDB_ins_code 
_struct_sheet_range.beg_auth_comp_id 
_struct_sheet_range.beg_auth_asym_id 
_struct_sheet_range.beg_auth_seq_id 
_struct_sheet_range.end_auth_comp_id 
_struct_sheet_range.end_auth_asym_id 
_struct_sheet_range.end_auth_seq_id 
AA1 1 PHE A 53  ? ILE A 57  ? PHE A 53  ILE A 57  
AA1 2 MET A 61  ? ALA A 64  ? MET A 61  ALA A 64  
AA1 3 PHE A 112 ? CYS A 115 ? PHE A 112 CYS A 115 
AA1 4 VAL A 97  ? MET A 100 ? VAL A 97  MET A 100 
AA1 5 VAL A 128 ? GLU A 134 ? VAL A 128 GLU A 134 
AA1 6 LYS A 15  ? LEU A 24  ? LYS A 15  LEU A 24  
AA1 7 LEU A 5   ? ALA A 12  ? LEU A 5   ALA A 12  
AA1 8 ILE A 156 ? GLN A 163 ? ILE A 156 GLN A 163 
# 
loop_
_pdbx_struct_sheet_hbond.sheet_id 
_pdbx_struct_sheet_hbond.range_id_1 
_pdbx_struct_sheet_hbond.range_id_2 
_pdbx_struct_sheet_hbond.range_1_label_atom_id 
_pdbx_struct_sheet_hbond.range_1_label_comp_id 
_pdbx_struct_sheet_hbond.range_1_label_asym_id 
_pdbx_struct_sheet_hbond.range_1_label_seq_id 
_pdbx_struct_sheet_hbond.range_1_PDB_ins_code 
_pdbx_struct_sheet_hbond.range_1_auth_atom_id 
_pdbx_struct_sheet_hbond.range_1_auth_comp_id 
_pdbx_struct_sheet_hbond.range_1_auth_asym_id 
_pdbx_struct_sheet_hbond.range_1_auth_seq_id 
_pdbx_struct_sheet_hbond.range_2_label_atom_id 
_pdbx_struct_sheet_hbond.range_2_label_comp_id 
_pdbx_struct_sheet_hbond.range_2_label_asym_id 
_pdbx_struct_sheet_hbond.range_2_label_seq_id 
_pdbx_struct_sheet_hbond.range_2_PDB_ins_code 
_pdbx_struct_sheet_hbond.range_2_auth_atom_id 
_pdbx_struct_sheet_hbond.range_2_auth_comp_id 
_pdbx_struct_sheet_hbond.range_2_auth_asym_id 
_pdbx_struct_sheet_hbond.range_2_auth_seq_id 
AA1 1 2 N ARG A 55  ? N ARG A 55  O GLN A 63  ? O GLN A 63  
AA1 2 3 N CYS A 62  ? N CYS A 62  O ILE A 114 ? O ILE A 114 
AA1 3 4 O PHE A 113 ? O PHE A 113 N SER A 99  ? N SER A 99  
AA1 4 5 N LEU A 98  ? N LEU A 98  O PHE A 129 ? O PHE A 129 
AA1 5 6 O ILE A 133 ? O ILE A 133 N VAL A 21  ? N VAL A 21  
AA1 6 7 O LEU A 17  ? O LEU A 17  N VAL A 10  ? N VAL A 10  
AA1 7 8 N ASP A 9   ? N ASP A 9   O ASP A 160 ? O ASP A 160 
# 
loop_
_struct_site.id 
_struct_site.pdbx_evidence_code 
_struct_site.pdbx_auth_asym_id 
_struct_site.pdbx_auth_comp_id 
_struct_site.pdbx_auth_seq_id 
_struct_site.pdbx_auth_ins_code 
_struct_site.pdbx_num_residues 
_struct_site.details 
AC1 Software A K   201 ? 2  'binding site for residue K A 201'   
AC2 Software A PG4 202 ? 4  'binding site for residue PG4 A 202' 
AC3 Software A EDO 203 ? 7  'binding site for residue EDO A 203' 
AC4 Software A PGE 204 ? 6  'binding site for residue PGE A 204' 
AC5 Software A 4ZM 205 ? 14 'binding site for residue 4ZM A 205' 
AC6 Software A 4ZM 206 ? 10 'binding site for residue 4ZM A 206' 
# 
loop_
_struct_site_gen.id 
_struct_site_gen.site_id 
_struct_site_gen.pdbx_num_res 
_struct_site_gen.label_comp_id 
_struct_site_gen.label_asym_id 
_struct_site_gen.label_seq_id 
_struct_site_gen.pdbx_auth_ins_code 
_struct_site_gen.auth_comp_id 
_struct_site_gen.auth_asym_id 
_struct_site_gen.auth_seq_id 
_struct_site_gen.label_atom_id 
_struct_site_gen.label_alt_id 
_struct_site_gen.symmetry 
_struct_site_gen.details 
1  AC1 2  PGE E .   ? PGE A 204 . ? 7_555 ? 
2  AC1 2  PGE E .   ? PGE A 204 . ? 1_555 ? 
3  AC2 4  VAL A 93  ? VAL A 93  . ? 1_555 ? 
4  AC2 4  PRO A 95  ? PRO A 95  . ? 1_555 ? 
5  AC2 4  HIS A 131 ? HIS A 131 . ? 1_555 ? 
6  AC2 4  HOH H .   ? HOH A 357 . ? 1_555 ? 
7  AC3 7  PHE A 46  ? PHE A 46  . ? 1_555 ? 
8  AC3 7  GLY A 47  ? GLY A 47  . ? 1_555 ? 
9  AC3 7  LYS A 49  ? LYS A 49  . ? 1_555 ? 
10 AC3 7  HOH H .   ? HOH A 328 . ? 1_555 ? 
11 AC3 7  HOH H .   ? HOH A 399 . ? 1_555 ? 
12 AC3 7  HOH H .   ? HOH A 409 . ? 1_555 ? 
13 AC3 7  HOH H .   ? HOH A 410 . ? 1_555 ? 
14 AC4 6  PRO A 58  ? PRO A 58  . ? 1_555 ? 
15 AC4 6  SER A 59  ? SER A 59  . ? 1_555 ? 
16 AC4 6  TRP A 121 ? TRP A 121 . ? 1_555 ? 
17 AC4 6  LYS A 148 ? LYS A 148 . ? 7_555 ? 
18 AC4 6  K   B .   ? K   A 201 . ? 7_555 ? 
19 AC4 6  K   B .   ? K   A 201 . ? 1_555 ? 
20 AC5 14 ARG A 55  ? ARG A 55  . ? 1_555 ? 
21 AC5 14 GLN A 63  ? GLN A 63  . ? 1_555 ? 
22 AC5 14 GLY A 72  ? GLY A 72  . ? 1_555 ? 
23 AC5 14 THR A 73  ? THR A 73  . ? 1_555 ? 
24 AC5 14 THR A 73  ? THR A 73  . ? 7_555 ? 
25 AC5 14 ARG A 82  ? ARG A 82  . ? 1_555 ? 
26 AC5 14 ALA A 101 ? ALA A 101 . ? 1_555 ? 
27 AC5 14 ASN A 102 ? ASN A 102 . ? 1_555 ? 
28 AC5 14 ALA A 103 ? ALA A 103 . ? 1_555 ? 
29 AC5 14 THR A 107 ? THR A 107 . ? 1_555 ? 
30 AC5 14 GLN A 111 ? GLN A 111 . ? 1_555 ? 
31 AC5 14 PHE A 113 ? PHE A 113 . ? 1_555 ? 
32 AC5 14 HIS A 126 ? HIS A 126 . ? 1_555 ? 
33 AC5 14 HOH H .   ? HOH A 375 . ? 1_555 ? 
34 AC6 10 THR A 52  ? THR A 52  . ? 1_555 ? 
35 AC6 10 HIS A 54  ? HIS A 54  . ? 1_555 ? 
36 AC6 10 HIS A 70  ? HIS A 70  . ? 1_555 ? 
37 AC6 10 ASN A 71  ? ASN A 71  . ? 1_555 ? 
38 AC6 10 ALA A 103 ? ALA A 103 . ? 7_555 ? 
39 AC6 10 GLY A 104 ? GLY A 104 . ? 7_555 ? 
40 AC6 10 SER A 153 ? SER A 153 . ? 1_555 ? 
41 AC6 10 LYS A 154 ? LYS A 154 . ? 1_555 ? 
42 AC6 10 LYS A 155 ? LYS A 155 . ? 1_555 ? 
43 AC6 10 HOH H .   ? HOH A 303 . ? 1_555 ? 
# 
loop_
_pdbx_validate_close_contact.id 
_pdbx_validate_close_contact.PDB_model_num 
_pdbx_validate_close_contact.auth_atom_id_1 
_pdbx_validate_close_contact.auth_asym_id_1 
_pdbx_validate_close_contact.auth_comp_id_1 
_pdbx_validate_close_contact.auth_seq_id_1 
_pdbx_validate_close_contact.PDB_ins_code_1 
_pdbx_validate_close_contact.label_alt_id_1 
_pdbx_validate_close_contact.auth_atom_id_2 
_pdbx_validate_close_contact.auth_asym_id_2 
_pdbx_validate_close_contact.auth_comp_id_2 
_pdbx_validate_close_contact.auth_seq_id_2 
_pdbx_validate_close_contact.PDB_ins_code_2 
_pdbx_validate_close_contact.label_alt_id_2 
_pdbx_validate_close_contact.dist 
1 1 O   A HOH 314 ? ? O A HOH 352 ? ? 2.15 
2 1 OD1 A ASP 11  ? ? O A HOH 301 ? ? 2.15 
# 
loop_
_pdbx_validate_rmsd_bond.id 
_pdbx_validate_rmsd_bond.PDB_model_num 
_pdbx_validate_rmsd_bond.auth_atom_id_1 
_pdbx_validate_rmsd_bond.auth_asym_id_1 
_pdbx_validate_rmsd_bond.auth_comp_id_1 
_pdbx_validate_rmsd_bond.auth_seq_id_1 
_pdbx_validate_rmsd_bond.PDB_ins_code_1 
_pdbx_validate_rmsd_bond.label_alt_id_1 
_pdbx_validate_rmsd_bond.auth_atom_id_2 
_pdbx_validate_rmsd_bond.auth_asym_id_2 
_pdbx_validate_rmsd_bond.auth_comp_id_2 
_pdbx_validate_rmsd_bond.auth_seq_id_2 
_pdbx_validate_rmsd_bond.PDB_ins_code_2 
_pdbx_validate_rmsd_bond.label_alt_id_2 
_pdbx_validate_rmsd_bond.bond_value 
_pdbx_validate_rmsd_bond.bond_target_value 
_pdbx_validate_rmsd_bond.bond_deviation 
_pdbx_validate_rmsd_bond.bond_standard_deviation 
_pdbx_validate_rmsd_bond.linker_flag 
1 1 CD A GLU 43 ? ? OE1 A GLU 43 ? ? 1.320 1.252 0.068  0.011 N 
2 1 CD A ARG 55 ? ? NE  A ARG 55 ? ? 1.329 1.460 -0.131 0.017 N 
3 1 CZ A ARG 55 ? ? NH2 A ARG 55 ? ? 1.239 1.326 -0.087 0.013 N 
4 1 CB A SER 81 ? ? OG  A SER 81 ? ? 1.338 1.418 -0.080 0.013 N 
# 
loop_
_pdbx_validate_rmsd_angle.id 
_pdbx_validate_rmsd_angle.PDB_model_num 
_pdbx_validate_rmsd_angle.auth_atom_id_1 
_pdbx_validate_rmsd_angle.auth_asym_id_1 
_pdbx_validate_rmsd_angle.auth_comp_id_1 
_pdbx_validate_rmsd_angle.auth_seq_id_1 
_pdbx_validate_rmsd_angle.PDB_ins_code_1 
_pdbx_validate_rmsd_angle.label_alt_id_1 
_pdbx_validate_rmsd_angle.auth_atom_id_2 
_pdbx_validate_rmsd_angle.auth_asym_id_2 
_pdbx_validate_rmsd_angle.auth_comp_id_2 
_pdbx_validate_rmsd_angle.auth_seq_id_2 
_pdbx_validate_rmsd_angle.PDB_ins_code_2 
_pdbx_validate_rmsd_angle.label_alt_id_2 
_pdbx_validate_rmsd_angle.auth_atom_id_3 
_pdbx_validate_rmsd_angle.auth_asym_id_3 
_pdbx_validate_rmsd_angle.auth_comp_id_3 
_pdbx_validate_rmsd_angle.auth_seq_id_3 
_pdbx_validate_rmsd_angle.PDB_ins_code_3 
_pdbx_validate_rmsd_angle.label_alt_id_3 
_pdbx_validate_rmsd_angle.angle_value 
_pdbx_validate_rmsd_angle.angle_target_value 
_pdbx_validate_rmsd_angle.angle_deviation 
_pdbx_validate_rmsd_angle.angle_standard_deviation 
_pdbx_validate_rmsd_angle.linker_flag 
1 1 CB A ASP 27  ? ? CG A ASP 27  ? ? OD1 A ASP 27  ? ? 123.79 118.30 5.49   0.90 N 
2 1 NE A ARG 37  ? ? CZ A ARG 37  ? ? NH1 A ARG 37  ? ? 128.04 120.30 7.74   0.50 N 
3 1 NE A ARG 82  ? ? CZ A ARG 82  ? ? NH1 A ARG 82  ? ? 115.10 120.30 -5.20  0.50 N 
4 1 CG A MET 136 ? ? SD A MET 136 ? ? CE  A MET 136 ? ? 89.76  100.20 -10.44 1.60 N 
# 
loop_
_pdbx_validate_torsion.id 
_pdbx_validate_torsion.PDB_model_num 
_pdbx_validate_torsion.auth_comp_id 
_pdbx_validate_torsion.auth_asym_id 
_pdbx_validate_torsion.auth_seq_id 
_pdbx_validate_torsion.PDB_ins_code 
_pdbx_validate_torsion.label_alt_id 
_pdbx_validate_torsion.phi 
_pdbx_validate_torsion.psi 
1 1 PHE A 60  ? ? -144.23 -82.70 
2 1 ASN A 71  ? ? -153.21 9.09   
3 1 THR A 119 ? ? -118.31 59.29  
# 
_pdbx_struct_special_symmetry.id              1 
_pdbx_struct_special_symmetry.PDB_model_num   1 
_pdbx_struct_special_symmetry.auth_asym_id    A 
_pdbx_struct_special_symmetry.auth_comp_id    K 
_pdbx_struct_special_symmetry.auth_seq_id     201 
_pdbx_struct_special_symmetry.PDB_ins_code    ? 
_pdbx_struct_special_symmetry.label_asym_id   B 
_pdbx_struct_special_symmetry.label_comp_id   K 
_pdbx_struct_special_symmetry.label_seq_id    . 
# 
_pdbx_unobs_or_zero_occ_residues.id               1 
_pdbx_unobs_or_zero_occ_residues.PDB_model_num    1 
_pdbx_unobs_or_zero_occ_residues.polymer_flag     Y 
_pdbx_unobs_or_zero_occ_residues.occupancy_flag   1 
_pdbx_unobs_or_zero_occ_residues.auth_asym_id     A 
_pdbx_unobs_or_zero_occ_residues.auth_comp_id     MET 
_pdbx_unobs_or_zero_occ_residues.auth_seq_id      1 
_pdbx_unobs_or_zero_occ_residues.PDB_ins_code     ? 
_pdbx_unobs_or_zero_occ_residues.label_asym_id    A 
_pdbx_unobs_or_zero_occ_residues.label_comp_id    MET 
_pdbx_unobs_or_zero_occ_residues.label_seq_id     1 
# 
loop_
_chem_comp_atom.comp_id 
_chem_comp_atom.atom_id 
_chem_comp_atom.type_symbol 
_chem_comp_atom.pdbx_aromatic_flag 
_chem_comp_atom.pdbx_stereo_config 
_chem_comp_atom.pdbx_ordinal 
4ZM N    N N N 1   
4ZM C    C N N 2   
4ZM O    O N N 3   
4ZM N1   N N N 4   
4ZM C1   C N N 5   
4ZM O1   O N N 6   
4ZM N2   N Y N 7   
4ZM C2   C N N 8   
4ZM O2   O N N 9   
4ZM C3   C N N 10  
4ZM C4   C N N 11  
4ZM C5   C N N 12  
4ZM C6   C Y N 13  
4ZM C7   C Y N 14  
4ZM C8   C Y N 15  
4ZM C11  C Y N 16  
4ZM C10  C Y N 17  
4ZM C9   C Y N 18  
4ZM C12  C Y N 19  
4ZM C16  C Y N 20  
4ZM C15  C Y N 21  
4ZM C14  C Y N 22  
4ZM C13  C Y N 23  
4ZM H1   H N N 24  
4ZM H2   H N N 25  
4ZM H3   H N N 26  
4ZM H4   H N N 27  
4ZM H5   H N N 28  
4ZM H6   H N N 29  
4ZM H7   H N N 30  
4ZM H8   H N N 31  
4ZM H9   H N N 32  
4ZM H10  H N N 33  
4ZM H11  H N N 34  
4ZM H12  H N N 35  
4ZM H13  H N N 36  
4ZM H14  H N N 37  
4ZM H15  H N N 38  
4ZM H16  H N N 39  
4ZM H17  H N N 40  
4ZM H18  H N N 41  
4ZM H19  H N N 42  
ALA N    N N N 43  
ALA CA   C N S 44  
ALA C    C N N 45  
ALA O    O N N 46  
ALA CB   C N N 47  
ALA OXT  O N N 48  
ALA H    H N N 49  
ALA H2   H N N 50  
ALA HA   H N N 51  
ALA HB1  H N N 52  
ALA HB2  H N N 53  
ALA HB3  H N N 54  
ALA HXT  H N N 55  
ARG N    N N N 56  
ARG CA   C N S 57  
ARG C    C N N 58  
ARG O    O N N 59  
ARG CB   C N N 60  
ARG CG   C N N 61  
ARG CD   C N N 62  
ARG NE   N N N 63  
ARG CZ   C N N 64  
ARG NH1  N N N 65  
ARG NH2  N N N 66  
ARG OXT  O N N 67  
ARG H    H N N 68  
ARG H2   H N N 69  
ARG HA   H N N 70  
ARG HB2  H N N 71  
ARG HB3  H N N 72  
ARG HG2  H N N 73  
ARG HG3  H N N 74  
ARG HD2  H N N 75  
ARG HD3  H N N 76  
ARG HE   H N N 77  
ARG HH11 H N N 78  
ARG HH12 H N N 79  
ARG HH21 H N N 80  
ARG HH22 H N N 81  
ARG HXT  H N N 82  
ASN N    N N N 83  
ASN CA   C N S 84  
ASN C    C N N 85  
ASN O    O N N 86  
ASN CB   C N N 87  
ASN CG   C N N 88  
ASN OD1  O N N 89  
ASN ND2  N N N 90  
ASN OXT  O N N 91  
ASN H    H N N 92  
ASN H2   H N N 93  
ASN HA   H N N 94  
ASN HB2  H N N 95  
ASN HB3  H N N 96  
ASN HD21 H N N 97  
ASN HD22 H N N 98  
ASN HXT  H N N 99  
ASP N    N N N 100 
ASP CA   C N S 101 
ASP C    C N N 102 
ASP O    O N N 103 
ASP CB   C N N 104 
ASP CG   C N N 105 
ASP OD1  O N N 106 
ASP OD2  O N N 107 
ASP OXT  O N N 108 
ASP H    H N N 109 
ASP H2   H N N 110 
ASP HA   H N N 111 
ASP HB2  H N N 112 
ASP HB3  H N N 113 
ASP HD2  H N N 114 
ASP HXT  H N N 115 
CYS N    N N N 116 
CYS CA   C N R 117 
CYS C    C N N 118 
CYS O    O N N 119 
CYS CB   C N N 120 
CYS SG   S N N 121 
CYS OXT  O N N 122 
CYS H    H N N 123 
CYS H2   H N N 124 
CYS HA   H N N 125 
CYS HB2  H N N 126 
CYS HB3  H N N 127 
CYS HG   H N N 128 
CYS HXT  H N N 129 
EDO C1   C N N 130 
EDO O1   O N N 131 
EDO C2   C N N 132 
EDO O2   O N N 133 
EDO H11  H N N 134 
EDO H12  H N N 135 
EDO HO1  H N N 136 
EDO H21  H N N 137 
EDO H22  H N N 138 
EDO HO2  H N N 139 
GLN N    N N N 140 
GLN CA   C N S 141 
GLN C    C N N 142 
GLN O    O N N 143 
GLN CB   C N N 144 
GLN CG   C N N 145 
GLN CD   C N N 146 
GLN OE1  O N N 147 
GLN NE2  N N N 148 
GLN OXT  O N N 149 
GLN H    H N N 150 
GLN H2   H N N 151 
GLN HA   H N N 152 
GLN HB2  H N N 153 
GLN HB3  H N N 154 
GLN HG2  H N N 155 
GLN HG3  H N N 156 
GLN HE21 H N N 157 
GLN HE22 H N N 158 
GLN HXT  H N N 159 
GLU N    N N N 160 
GLU CA   C N S 161 
GLU C    C N N 162 
GLU O    O N N 163 
GLU CB   C N N 164 
GLU CG   C N N 165 
GLU CD   C N N 166 
GLU OE1  O N N 167 
GLU OE2  O N N 168 
GLU OXT  O N N 169 
GLU H    H N N 170 
GLU H2   H N N 171 
GLU HA   H N N 172 
GLU HB2  H N N 173 
GLU HB3  H N N 174 
GLU HG2  H N N 175 
GLU HG3  H N N 176 
GLU HE2  H N N 177 
GLU HXT  H N N 178 
GLY N    N N N 179 
GLY CA   C N N 180 
GLY C    C N N 181 
GLY O    O N N 182 
GLY OXT  O N N 183 
GLY H    H N N 184 
GLY H2   H N N 185 
GLY HA2  H N N 186 
GLY HA3  H N N 187 
GLY HXT  H N N 188 
HIS N    N N N 189 
HIS CA   C N S 190 
HIS C    C N N 191 
HIS O    O N N 192 
HIS CB   C N N 193 
HIS CG   C Y N 194 
HIS ND1  N Y N 195 
HIS CD2  C Y N 196 
HIS CE1  C Y N 197 
HIS NE2  N Y N 198 
HIS OXT  O N N 199 
HIS H    H N N 200 
HIS H2   H N N 201 
HIS HA   H N N 202 
HIS HB2  H N N 203 
HIS HB3  H N N 204 
HIS HD1  H N N 205 
HIS HD2  H N N 206 
HIS HE1  H N N 207 
HIS HE2  H N N 208 
HIS HXT  H N N 209 
HOH O    O N N 210 
HOH H1   H N N 211 
HOH H2   H N N 212 
ILE N    N N N 213 
ILE CA   C N S 214 
ILE C    C N N 215 
ILE O    O N N 216 
ILE CB   C N S 217 
ILE CG1  C N N 218 
ILE CG2  C N N 219 
ILE CD1  C N N 220 
ILE OXT  O N N 221 
ILE H    H N N 222 
ILE H2   H N N 223 
ILE HA   H N N 224 
ILE HB   H N N 225 
ILE HG12 H N N 226 
ILE HG13 H N N 227 
ILE HG21 H N N 228 
ILE HG22 H N N 229 
ILE HG23 H N N 230 
ILE HD11 H N N 231 
ILE HD12 H N N 232 
ILE HD13 H N N 233 
ILE HXT  H N N 234 
K   K    K N N 235 
LEU N    N N N 236 
LEU CA   C N S 237 
LEU C    C N N 238 
LEU O    O N N 239 
LEU CB   C N N 240 
LEU CG   C N N 241 
LEU CD1  C N N 242 
LEU CD2  C N N 243 
LEU OXT  O N N 244 
LEU H    H N N 245 
LEU H2   H N N 246 
LEU HA   H N N 247 
LEU HB2  H N N 248 
LEU HB3  H N N 249 
LEU HG   H N N 250 
LEU HD11 H N N 251 
LEU HD12 H N N 252 
LEU HD13 H N N 253 
LEU HD21 H N N 254 
LEU HD22 H N N 255 
LEU HD23 H N N 256 
LEU HXT  H N N 257 
LYS N    N N N 258 
LYS CA   C N S 259 
LYS C    C N N 260 
LYS O    O N N 261 
LYS CB   C N N 262 
LYS CG   C N N 263 
LYS CD   C N N 264 
LYS CE   C N N 265 
LYS NZ   N N N 266 
LYS OXT  O N N 267 
LYS H    H N N 268 
LYS H2   H N N 269 
LYS HA   H N N 270 
LYS HB2  H N N 271 
LYS HB3  H N N 272 
LYS HG2  H N N 273 
LYS HG3  H N N 274 
LYS HD2  H N N 275 
LYS HD3  H N N 276 
LYS HE2  H N N 277 
LYS HE3  H N N 278 
LYS HZ1  H N N 279 
LYS HZ2  H N N 280 
LYS HZ3  H N N 281 
LYS HXT  H N N 282 
MET N    N N N 283 
MET CA   C N S 284 
MET C    C N N 285 
MET O    O N N 286 
MET CB   C N N 287 
MET CG   C N N 288 
MET SD   S N N 289 
MET CE   C N N 290 
MET OXT  O N N 291 
MET H    H N N 292 
MET H2   H N N 293 
MET HA   H N N 294 
MET HB2  H N N 295 
MET HB3  H N N 296 
MET HG2  H N N 297 
MET HG3  H N N 298 
MET HE1  H N N 299 
MET HE2  H N N 300 
MET HE3  H N N 301 
MET HXT  H N N 302 
PG4 O1   O N N 303 
PG4 C1   C N N 304 
PG4 C2   C N N 305 
PG4 O2   O N N 306 
PG4 C3   C N N 307 
PG4 C4   C N N 308 
PG4 O3   O N N 309 
PG4 C5   C N N 310 
PG4 C6   C N N 311 
PG4 O4   O N N 312 
PG4 C7   C N N 313 
PG4 C8   C N N 314 
PG4 O5   O N N 315 
PG4 HO1  H N N 316 
PG4 H11  H N N 317 
PG4 H12  H N N 318 
PG4 H21  H N N 319 
PG4 H22  H N N 320 
PG4 H31  H N N 321 
PG4 H32  H N N 322 
PG4 H41  H N N 323 
PG4 H42  H N N 324 
PG4 H51  H N N 325 
PG4 H52  H N N 326 
PG4 H61  H N N 327 
PG4 H62  H N N 328 
PG4 H71  H N N 329 
PG4 H72  H N N 330 
PG4 H81  H N N 331 
PG4 H82  H N N 332 
PG4 HO5  H N N 333 
PGE C1   C N N 334 
PGE O1   O N N 335 
PGE C2   C N N 336 
PGE O2   O N N 337 
PGE C3   C N N 338 
PGE C4   C N N 339 
PGE O4   O N N 340 
PGE C6   C N N 341 
PGE C5   C N N 342 
PGE O3   O N N 343 
PGE H1   H N N 344 
PGE H12  H N N 345 
PGE HO1  H N N 346 
PGE H2   H N N 347 
PGE H22  H N N 348 
PGE H3   H N N 349 
PGE H32  H N N 350 
PGE H4   H N N 351 
PGE H42  H N N 352 
PGE HO4  H N N 353 
PGE H6   H N N 354 
PGE H62  H N N 355 
PGE H5   H N N 356 
PGE H52  H N N 357 
PHE N    N N N 358 
PHE CA   C N S 359 
PHE C    C N N 360 
PHE O    O N N 361 
PHE CB   C N N 362 
PHE CG   C Y N 363 
PHE CD1  C Y N 364 
PHE CD2  C Y N 365 
PHE CE1  C Y N 366 
PHE CE2  C Y N 367 
PHE CZ   C Y N 368 
PHE OXT  O N N 369 
PHE H    H N N 370 
PHE H2   H N N 371 
PHE HA   H N N 372 
PHE HB2  H N N 373 
PHE HB3  H N N 374 
PHE HD1  H N N 375 
PHE HD2  H N N 376 
PHE HE1  H N N 377 
PHE HE2  H N N 378 
PHE HZ   H N N 379 
PHE HXT  H N N 380 
PRO N    N N N 381 
PRO CA   C N S 382 
PRO C    C N N 383 
PRO O    O N N 384 
PRO CB   C N N 385 
PRO CG   C N N 386 
PRO CD   C N N 387 
PRO OXT  O N N 388 
PRO H    H N N 389 
PRO HA   H N N 390 
PRO HB2  H N N 391 
PRO HB3  H N N 392 
PRO HG2  H N N 393 
PRO HG3  H N N 394 
PRO HD2  H N N 395 
PRO HD3  H N N 396 
PRO HXT  H N N 397 
SER N    N N N 398 
SER CA   C N S 399 
SER C    C N N 400 
SER O    O N N 401 
SER CB   C N N 402 
SER OG   O N N 403 
SER OXT  O N N 404 
SER H    H N N 405 
SER H2   H N N 406 
SER HA   H N N 407 
SER HB2  H N N 408 
SER HB3  H N N 409 
SER HG   H N N 410 
SER HXT  H N N 411 
THR N    N N N 412 
THR CA   C N S 413 
THR C    C N N 414 
THR O    O N N 415 
THR CB   C N R 416 
THR OG1  O N N 417 
THR CG2  C N N 418 
THR OXT  O N N 419 
THR H    H N N 420 
THR H2   H N N 421 
THR HA   H N N 422 
THR HB   H N N 423 
THR HG1  H N N 424 
THR HG21 H N N 425 
THR HG22 H N N 426 
THR HG23 H N N 427 
THR HXT  H N N 428 
TRP N    N N N 429 
TRP CA   C N S 430 
TRP C    C N N 431 
TRP O    O N N 432 
TRP CB   C N N 433 
TRP CG   C Y N 434 
TRP CD1  C Y N 435 
TRP CD2  C Y N 436 
TRP NE1  N Y N 437 
TRP CE2  C Y N 438 
TRP CE3  C Y N 439 
TRP CZ2  C Y N 440 
TRP CZ3  C Y N 441 
TRP CH2  C Y N 442 
TRP OXT  O N N 443 
TRP H    H N N 444 
TRP H2   H N N 445 
TRP HA   H N N 446 
TRP HB2  H N N 447 
TRP HB3  H N N 448 
TRP HD1  H N N 449 
TRP HE1  H N N 450 
TRP HE3  H N N 451 
TRP HZ2  H N N 452 
TRP HZ3  H N N 453 
TRP HH2  H N N 454 
TRP HXT  H N N 455 
TYR N    N N N 456 
TYR CA   C N S 457 
TYR C    C N N 458 
TYR O    O N N 459 
TYR CB   C N N 460 
TYR CG   C Y N 461 
TYR CD1  C Y N 462 
TYR CD2  C Y N 463 
TYR CE1  C Y N 464 
TYR CE2  C Y N 465 
TYR CZ   C Y N 466 
TYR OH   O N N 467 
TYR OXT  O N N 468 
TYR H    H N N 469 
TYR H2   H N N 470 
TYR HA   H N N 471 
TYR HB2  H N N 472 
TYR HB3  H N N 473 
TYR HD1  H N N 474 
TYR HD2  H N N 475 
TYR HE1  H N N 476 
TYR HE2  H N N 477 
TYR HH   H N N 478 
TYR HXT  H N N 479 
VAL N    N N N 480 
VAL CA   C N S 481 
VAL C    C N N 482 
VAL O    O N N 483 
VAL CB   C N N 484 
VAL CG1  C N N 485 
VAL CG2  C N N 486 
VAL OXT  O N N 487 
VAL H    H N N 488 
VAL H2   H N N 489 
VAL HA   H N N 490 
VAL HB   H N N 491 
VAL HG11 H N N 492 
VAL HG12 H N N 493 
VAL HG13 H N N 494 
VAL HG21 H N N 495 
VAL HG22 H N N 496 
VAL HG23 H N N 497 
VAL HXT  H N N 498 
# 
loop_
_chem_comp_bond.comp_id 
_chem_comp_bond.atom_id_1 
_chem_comp_bond.atom_id_2 
_chem_comp_bond.value_order 
_chem_comp_bond.pdbx_aromatic_flag 
_chem_comp_bond.pdbx_stereo_config 
_chem_comp_bond.pdbx_ordinal 
4ZM O2  C4   doub N N 1   
4ZM C5  N1   sing N N 2   
4ZM C5  C6   sing N N 3   
4ZM C4  N1   sing N N 4   
4ZM C4  N    sing N N 5   
4ZM C3  N    sing N N 6   
4ZM C3  C2   sing N N 7   
4ZM C6  C7   doub Y N 8   
4ZM C6  C11  sing Y N 9   
4ZM O   C2   sing N N 10  
4ZM O   C1   sing N N 11  
4ZM C7  C8   sing Y N 12  
4ZM C11 C10  doub Y N 13  
4ZM C2  O1   doub N N 14  
4ZM C   C1   sing N N 15  
4ZM C8  C9   doub Y N 16  
4ZM C8  C12  sing N N 17  
4ZM C10 C9   sing Y N 18  
4ZM C12 C16  doub Y N 19  
4ZM C12 C13  sing Y N 20  
4ZM C16 C15  sing Y N 21  
4ZM C13 C14  doub Y N 22  
4ZM C15 N2   doub Y N 23  
4ZM C14 N2   sing Y N 24  
4ZM N   H1   sing N N 25  
4ZM C   H2   sing N N 26  
4ZM C   H3   sing N N 27  
4ZM C   H4   sing N N 28  
4ZM N1  H5   sing N N 29  
4ZM C1  H6   sing N N 30  
4ZM C1  H7   sing N N 31  
4ZM C3  H8   sing N N 32  
4ZM C3  H9   sing N N 33  
4ZM C5  H10  sing N N 34  
4ZM C5  H11  sing N N 35  
4ZM C7  H12  sing N N 36  
4ZM C11 H13  sing N N 37  
4ZM C10 H14  sing N N 38  
4ZM C9  H15  sing N N 39  
4ZM C16 H16  sing N N 40  
4ZM C15 H17  sing N N 41  
4ZM C14 H18  sing N N 42  
4ZM C13 H19  sing N N 43  
ALA N   CA   sing N N 44  
ALA N   H    sing N N 45  
ALA N   H2   sing N N 46  
ALA CA  C    sing N N 47  
ALA CA  CB   sing N N 48  
ALA CA  HA   sing N N 49  
ALA C   O    doub N N 50  
ALA C   OXT  sing N N 51  
ALA CB  HB1  sing N N 52  
ALA CB  HB2  sing N N 53  
ALA CB  HB3  sing N N 54  
ALA OXT HXT  sing N N 55  
ARG N   CA   sing N N 56  
ARG N   H    sing N N 57  
ARG N   H2   sing N N 58  
ARG CA  C    sing N N 59  
ARG CA  CB   sing N N 60  
ARG CA  HA   sing N N 61  
ARG C   O    doub N N 62  
ARG C   OXT  sing N N 63  
ARG CB  CG   sing N N 64  
ARG CB  HB2  sing N N 65  
ARG CB  HB3  sing N N 66  
ARG CG  CD   sing N N 67  
ARG CG  HG2  sing N N 68  
ARG CG  HG3  sing N N 69  
ARG CD  NE   sing N N 70  
ARG CD  HD2  sing N N 71  
ARG CD  HD3  sing N N 72  
ARG NE  CZ   sing N N 73  
ARG NE  HE   sing N N 74  
ARG CZ  NH1  sing N N 75  
ARG CZ  NH2  doub N N 76  
ARG NH1 HH11 sing N N 77  
ARG NH1 HH12 sing N N 78  
ARG NH2 HH21 sing N N 79  
ARG NH2 HH22 sing N N 80  
ARG OXT HXT  sing N N 81  
ASN N   CA   sing N N 82  
ASN N   H    sing N N 83  
ASN N   H2   sing N N 84  
ASN CA  C    sing N N 85  
ASN CA  CB   sing N N 86  
ASN CA  HA   sing N N 87  
ASN C   O    doub N N 88  
ASN C   OXT  sing N N 89  
ASN CB  CG   sing N N 90  
ASN CB  HB2  sing N N 91  
ASN CB  HB3  sing N N 92  
ASN CG  OD1  doub N N 93  
ASN CG  ND2  sing N N 94  
ASN ND2 HD21 sing N N 95  
ASN ND2 HD22 sing N N 96  
ASN OXT HXT  sing N N 97  
ASP N   CA   sing N N 98  
ASP N   H    sing N N 99  
ASP N   H2   sing N N 100 
ASP CA  C    sing N N 101 
ASP CA  CB   sing N N 102 
ASP CA  HA   sing N N 103 
ASP C   O    doub N N 104 
ASP C   OXT  sing N N 105 
ASP CB  CG   sing N N 106 
ASP CB  HB2  sing N N 107 
ASP CB  HB3  sing N N 108 
ASP CG  OD1  doub N N 109 
ASP CG  OD2  sing N N 110 
ASP OD2 HD2  sing N N 111 
ASP OXT HXT  sing N N 112 
CYS N   CA   sing N N 113 
CYS N   H    sing N N 114 
CYS N   H2   sing N N 115 
CYS CA  C    sing N N 116 
CYS CA  CB   sing N N 117 
CYS CA  HA   sing N N 118 
CYS C   O    doub N N 119 
CYS C   OXT  sing N N 120 
CYS CB  SG   sing N N 121 
CYS CB  HB2  sing N N 122 
CYS CB  HB3  sing N N 123 
CYS SG  HG   sing N N 124 
CYS OXT HXT  sing N N 125 
EDO C1  O1   sing N N 126 
EDO C1  C2   sing N N 127 
EDO C1  H11  sing N N 128 
EDO C1  H12  sing N N 129 
EDO O1  HO1  sing N N 130 
EDO C2  O2   sing N N 131 
EDO C2  H21  sing N N 132 
EDO C2  H22  sing N N 133 
EDO O2  HO2  sing N N 134 
GLN N   CA   sing N N 135 
GLN N   H    sing N N 136 
GLN N   H2   sing N N 137 
GLN CA  C    sing N N 138 
GLN CA  CB   sing N N 139 
GLN CA  HA   sing N N 140 
GLN C   O    doub N N 141 
GLN C   OXT  sing N N 142 
GLN CB  CG   sing N N 143 
GLN CB  HB2  sing N N 144 
GLN CB  HB3  sing N N 145 
GLN CG  CD   sing N N 146 
GLN CG  HG2  sing N N 147 
GLN CG  HG3  sing N N 148 
GLN CD  OE1  doub N N 149 
GLN CD  NE2  sing N N 150 
GLN NE2 HE21 sing N N 151 
GLN NE2 HE22 sing N N 152 
GLN OXT HXT  sing N N 153 
GLU N   CA   sing N N 154 
GLU N   H    sing N N 155 
GLU N   H2   sing N N 156 
GLU CA  C    sing N N 157 
GLU CA  CB   sing N N 158 
GLU CA  HA   sing N N 159 
GLU C   O    doub N N 160 
GLU C   OXT  sing N N 161 
GLU CB  CG   sing N N 162 
GLU CB  HB2  sing N N 163 
GLU CB  HB3  sing N N 164 
GLU CG  CD   sing N N 165 
GLU CG  HG2  sing N N 166 
GLU CG  HG3  sing N N 167 
GLU CD  OE1  doub N N 168 
GLU CD  OE2  sing N N 169 
GLU OE2 HE2  sing N N 170 
GLU OXT HXT  sing N N 171 
GLY N   CA   sing N N 172 
GLY N   H    sing N N 173 
GLY N   H2   sing N N 174 
GLY CA  C    sing N N 175 
GLY CA  HA2  sing N N 176 
GLY CA  HA3  sing N N 177 
GLY C   O    doub N N 178 
GLY C   OXT  sing N N 179 
GLY OXT HXT  sing N N 180 
HIS N   CA   sing N N 181 
HIS N   H    sing N N 182 
HIS N   H2   sing N N 183 
HIS CA  C    sing N N 184 
HIS CA  CB   sing N N 185 
HIS CA  HA   sing N N 186 
HIS C   O    doub N N 187 
HIS C   OXT  sing N N 188 
HIS CB  CG   sing N N 189 
HIS CB  HB2  sing N N 190 
HIS CB  HB3  sing N N 191 
HIS CG  ND1  sing Y N 192 
HIS CG  CD2  doub Y N 193 
HIS ND1 CE1  doub Y N 194 
HIS ND1 HD1  sing N N 195 
HIS CD2 NE2  sing Y N 196 
HIS CD2 HD2  sing N N 197 
HIS CE1 NE2  sing Y N 198 
HIS CE1 HE1  sing N N 199 
HIS NE2 HE2  sing N N 200 
HIS OXT HXT  sing N N 201 
HOH O   H1   sing N N 202 
HOH O   H2   sing N N 203 
ILE N   CA   sing N N 204 
ILE N   H    sing N N 205 
ILE N   H2   sing N N 206 
ILE CA  C    sing N N 207 
ILE CA  CB   sing N N 208 
ILE CA  HA   sing N N 209 
ILE C   O    doub N N 210 
ILE C   OXT  sing N N 211 
ILE CB  CG1  sing N N 212 
ILE CB  CG2  sing N N 213 
ILE CB  HB   sing N N 214 
ILE CG1 CD1  sing N N 215 
ILE CG1 HG12 sing N N 216 
ILE CG1 HG13 sing N N 217 
ILE CG2 HG21 sing N N 218 
ILE CG2 HG22 sing N N 219 
ILE CG2 HG23 sing N N 220 
ILE CD1 HD11 sing N N 221 
ILE CD1 HD12 sing N N 222 
ILE CD1 HD13 sing N N 223 
ILE OXT HXT  sing N N 224 
LEU N   CA   sing N N 225 
LEU N   H    sing N N 226 
LEU N   H2   sing N N 227 
LEU CA  C    sing N N 228 
LEU CA  CB   sing N N 229 
LEU CA  HA   sing N N 230 
LEU C   O    doub N N 231 
LEU C   OXT  sing N N 232 
LEU CB  CG   sing N N 233 
LEU CB  HB2  sing N N 234 
LEU CB  HB3  sing N N 235 
LEU CG  CD1  sing N N 236 
LEU CG  CD2  sing N N 237 
LEU CG  HG   sing N N 238 
LEU CD1 HD11 sing N N 239 
LEU CD1 HD12 sing N N 240 
LEU CD1 HD13 sing N N 241 
LEU CD2 HD21 sing N N 242 
LEU CD2 HD22 sing N N 243 
LEU CD2 HD23 sing N N 244 
LEU OXT HXT  sing N N 245 
LYS N   CA   sing N N 246 
LYS N   H    sing N N 247 
LYS N   H2   sing N N 248 
LYS CA  C    sing N N 249 
LYS CA  CB   sing N N 250 
LYS CA  HA   sing N N 251 
LYS C   O    doub N N 252 
LYS C   OXT  sing N N 253 
LYS CB  CG   sing N N 254 
LYS CB  HB2  sing N N 255 
LYS CB  HB3  sing N N 256 
LYS CG  CD   sing N N 257 
LYS CG  HG2  sing N N 258 
LYS CG  HG3  sing N N 259 
LYS CD  CE   sing N N 260 
LYS CD  HD2  sing N N 261 
LYS CD  HD3  sing N N 262 
LYS CE  NZ   sing N N 263 
LYS CE  HE2  sing N N 264 
LYS CE  HE3  sing N N 265 
LYS NZ  HZ1  sing N N 266 
LYS NZ  HZ2  sing N N 267 
LYS NZ  HZ3  sing N N 268 
LYS OXT HXT  sing N N 269 
MET N   CA   sing N N 270 
MET N   H    sing N N 271 
MET N   H2   sing N N 272 
MET CA  C    sing N N 273 
MET CA  CB   sing N N 274 
MET CA  HA   sing N N 275 
MET C   O    doub N N 276 
MET C   OXT  sing N N 277 
MET CB  CG   sing N N 278 
MET CB  HB2  sing N N 279 
MET CB  HB3  sing N N 280 
MET CG  SD   sing N N 281 
MET CG  HG2  sing N N 282 
MET CG  HG3  sing N N 283 
MET SD  CE   sing N N 284 
MET CE  HE1  sing N N 285 
MET CE  HE2  sing N N 286 
MET CE  HE3  sing N N 287 
MET OXT HXT  sing N N 288 
PG4 O1  C1   sing N N 289 
PG4 O1  HO1  sing N N 290 
PG4 C1  C2   sing N N 291 
PG4 C1  H11  sing N N 292 
PG4 C1  H12  sing N N 293 
PG4 C2  O2   sing N N 294 
PG4 C2  H21  sing N N 295 
PG4 C2  H22  sing N N 296 
PG4 O2  C3   sing N N 297 
PG4 C3  C4   sing N N 298 
PG4 C3  H31  sing N N 299 
PG4 C3  H32  sing N N 300 
PG4 C4  O3   sing N N 301 
PG4 C4  H41  sing N N 302 
PG4 C4  H42  sing N N 303 
PG4 O3  C5   sing N N 304 
PG4 C5  C6   sing N N 305 
PG4 C5  H51  sing N N 306 
PG4 C5  H52  sing N N 307 
PG4 C6  O4   sing N N 308 
PG4 C6  H61  sing N N 309 
PG4 C6  H62  sing N N 310 
PG4 O4  C7   sing N N 311 
PG4 C7  C8   sing N N 312 
PG4 C7  H71  sing N N 313 
PG4 C7  H72  sing N N 314 
PG4 C8  O5   sing N N 315 
PG4 C8  H81  sing N N 316 
PG4 C8  H82  sing N N 317 
PG4 O5  HO5  sing N N 318 
PGE C1  O1   sing N N 319 
PGE C1  C2   sing N N 320 
PGE C1  H1   sing N N 321 
PGE C1  H12  sing N N 322 
PGE O1  HO1  sing N N 323 
PGE C2  O2   sing N N 324 
PGE C2  H2   sing N N 325 
PGE C2  H22  sing N N 326 
PGE O2  C3   sing N N 327 
PGE C3  C4   sing N N 328 
PGE C3  H3   sing N N 329 
PGE C3  H32  sing N N 330 
PGE C4  O3   sing N N 331 
PGE C4  H4   sing N N 332 
PGE C4  H42  sing N N 333 
PGE O4  C6   sing N N 334 
PGE O4  HO4  sing N N 335 
PGE C6  C5   sing N N 336 
PGE C6  H6   sing N N 337 
PGE C6  H62  sing N N 338 
PGE C5  O3   sing N N 339 
PGE C5  H5   sing N N 340 
PGE C5  H52  sing N N 341 
PHE N   CA   sing N N 342 
PHE N   H    sing N N 343 
PHE N   H2   sing N N 344 
PHE CA  C    sing N N 345 
PHE CA  CB   sing N N 346 
PHE CA  HA   sing N N 347 
PHE C   O    doub N N 348 
PHE C   OXT  sing N N 349 
PHE CB  CG   sing N N 350 
PHE CB  HB2  sing N N 351 
PHE CB  HB3  sing N N 352 
PHE CG  CD1  doub Y N 353 
PHE CG  CD2  sing Y N 354 
PHE CD1 CE1  sing Y N 355 
PHE CD1 HD1  sing N N 356 
PHE CD2 CE2  doub Y N 357 
PHE CD2 HD2  sing N N 358 
PHE CE1 CZ   doub Y N 359 
PHE CE1 HE1  sing N N 360 
PHE CE2 CZ   sing Y N 361 
PHE CE2 HE2  sing N N 362 
PHE CZ  HZ   sing N N 363 
PHE OXT HXT  sing N N 364 
PRO N   CA   sing N N 365 
PRO N   CD   sing N N 366 
PRO N   H    sing N N 367 
PRO CA  C    sing N N 368 
PRO CA  CB   sing N N 369 
PRO CA  HA   sing N N 370 
PRO C   O    doub N N 371 
PRO C   OXT  sing N N 372 
PRO CB  CG   sing N N 373 
PRO CB  HB2  sing N N 374 
PRO CB  HB3  sing N N 375 
PRO CG  CD   sing N N 376 
PRO CG  HG2  sing N N 377 
PRO CG  HG3  sing N N 378 
PRO CD  HD2  sing N N 379 
PRO CD  HD3  sing N N 380 
PRO OXT HXT  sing N N 381 
SER N   CA   sing N N 382 
SER N   H    sing N N 383 
SER N   H2   sing N N 384 
SER CA  C    sing N N 385 
SER CA  CB   sing N N 386 
SER CA  HA   sing N N 387 
SER C   O    doub N N 388 
SER C   OXT  sing N N 389 
SER CB  OG   sing N N 390 
SER CB  HB2  sing N N 391 
SER CB  HB3  sing N N 392 
SER OG  HG   sing N N 393 
SER OXT HXT  sing N N 394 
THR N   CA   sing N N 395 
THR N   H    sing N N 396 
THR N   H2   sing N N 397 
THR CA  C    sing N N 398 
THR CA  CB   sing N N 399 
THR CA  HA   sing N N 400 
THR C   O    doub N N 401 
THR C   OXT  sing N N 402 
THR CB  OG1  sing N N 403 
THR CB  CG2  sing N N 404 
THR CB  HB   sing N N 405 
THR OG1 HG1  sing N N 406 
THR CG2 HG21 sing N N 407 
THR CG2 HG22 sing N N 408 
THR CG2 HG23 sing N N 409 
THR OXT HXT  sing N N 410 
TRP N   CA   sing N N 411 
TRP N   H    sing N N 412 
TRP N   H2   sing N N 413 
TRP CA  C    sing N N 414 
TRP CA  CB   sing N N 415 
TRP CA  HA   sing N N 416 
TRP C   O    doub N N 417 
TRP C   OXT  sing N N 418 
TRP CB  CG   sing N N 419 
TRP CB  HB2  sing N N 420 
TRP CB  HB3  sing N N 421 
TRP CG  CD1  doub Y N 422 
TRP CG  CD2  sing Y N 423 
TRP CD1 NE1  sing Y N 424 
TRP CD1 HD1  sing N N 425 
TRP CD2 CE2  doub Y N 426 
TRP CD2 CE3  sing Y N 427 
TRP NE1 CE2  sing Y N 428 
TRP NE1 HE1  sing N N 429 
TRP CE2 CZ2  sing Y N 430 
TRP CE3 CZ3  doub Y N 431 
TRP CE3 HE3  sing N N 432 
TRP CZ2 CH2  doub Y N 433 
TRP CZ2 HZ2  sing N N 434 
TRP CZ3 CH2  sing Y N 435 
TRP CZ3 HZ3  sing N N 436 
TRP CH2 HH2  sing N N 437 
TRP OXT HXT  sing N N 438 
TYR N   CA   sing N N 439 
TYR N   H    sing N N 440 
TYR N   H2   sing N N 441 
TYR CA  C    sing N N 442 
TYR CA  CB   sing N N 443 
TYR CA  HA   sing N N 444 
TYR C   O    doub N N 445 
TYR C   OXT  sing N N 446 
TYR CB  CG   sing N N 447 
TYR CB  HB2  sing N N 448 
TYR CB  HB3  sing N N 449 
TYR CG  CD1  doub Y N 450 
TYR CG  CD2  sing Y N 451 
TYR CD1 CE1  sing Y N 452 
TYR CD1 HD1  sing N N 453 
TYR CD2 CE2  doub Y N 454 
TYR CD2 HD2  sing N N 455 
TYR CE1 CZ   doub Y N 456 
TYR CE1 HE1  sing N N 457 
TYR CE2 CZ   sing Y N 458 
TYR CE2 HE2  sing N N 459 
TYR CZ  OH   sing N N 460 
TYR OH  HH   sing N N 461 
TYR OXT HXT  sing N N 462 
VAL N   CA   sing N N 463 
VAL N   H    sing N N 464 
VAL N   H2   sing N N 465 
VAL CA  C    sing N N 466 
VAL CA  CB   sing N N 467 
VAL CA  HA   sing N N 468 
VAL C   O    doub N N 469 
VAL C   OXT  sing N N 470 
VAL CB  CG1  sing N N 471 
VAL CB  CG2  sing N N 472 
VAL CB  HB   sing N N 473 
VAL CG1 HG11 sing N N 474 
VAL CG1 HG12 sing N N 475 
VAL CG1 HG13 sing N N 476 
VAL CG2 HG21 sing N N 477 
VAL CG2 HG22 sing N N 478 
VAL CG2 HG23 sing N N 479 
VAL OXT HXT  sing N N 480 
# 
_pdbx_initial_refinement_model.id               1 
_pdbx_initial_refinement_model.entity_id_list   ? 
_pdbx_initial_refinement_model.type             'experimental model' 
_pdbx_initial_refinement_model.source_name      PDB 
_pdbx_initial_refinement_model.accession_code   2BIT 
_pdbx_initial_refinement_model.details          ? 
# 
_atom_sites.entry_id                    5CBU 
_atom_sites.fract_transf_matrix[1][1]   0.01610436 
_atom_sites.fract_transf_matrix[1][2]   -0.00622810 
_atom_sites.fract_transf_matrix[1][3]   0.00169786 
_atom_sites.fract_transf_matrix[2][1]   0.00644808 
_atom_sites.fract_transf_matrix[2][2]   0.01530285 
_atom_sites.fract_transf_matrix[2][3]   -0.00502669 
_atom_sites.fract_transf_matrix[3][1]   0.00015417 
_atom_sites.fract_transf_matrix[3][2]   0.00266092 
_atom_sites.fract_transf_matrix[3][3]   0.00829846 
_atom_sites.fract_transf_vector[1]      0.151916 
_atom_sites.fract_transf_vector[2]      -0.184203 
_atom_sites.fract_transf_vector[3]      0.050331 
# 
loop_
_atom_type.symbol 
C 
K 
N 
O 
S 
# 
loop_
_atom_site.group_PDB 
_atom_site.id 
_atom_site.type_symbol 
_atom_site.label_atom_id 
_atom_site.label_alt_id 
_atom_site.label_comp_id 
_atom_site.label_asym_id 
_atom_site.label_entity_id 
_atom_site.label_seq_id 
_atom_site.pdbx_PDB_ins_code 
_atom_site.Cartn_x 
_atom_site.Cartn_y 
_atom_site.Cartn_z 
_atom_site.occupancy 
_atom_site.B_iso_or_equiv 
_atom_site.pdbx_formal_charge 
_atom_site.auth_seq_id 
_atom_site.auth_comp_id 
_atom_site.auth_asym_id 
_atom_site.auth_atom_id 
_atom_site.pdbx_PDB_model_num 
ATOM   1    N N   . GLY A 1 2   ? 3.271   -6.177  20.169  1.00 40.01 ? 2   GLY A N   1 
ATOM   2    C CA  . GLY A 1 2   ? 4.023   -5.264  19.255  1.00 29.37 ? 2   GLY A CA  1 
ATOM   3    C C   . GLY A 1 2   ? 3.269   -4.987  17.985  1.00 27.55 ? 2   GLY A C   1 
ATOM   4    O O   . GLY A 1 2   ? 2.164   -5.470  17.725  1.00 31.39 ? 2   GLY A O   1 
ATOM   5    N N   . ASN A 1 3   ? 3.970   -4.254  17.142  1.00 18.58 ? 3   ASN A N   1 
ATOM   6    C CA  . ASN A 1 3   ? 3.500   -3.912  15.801  1.00 15.38 ? 3   ASN A CA  1 
ATOM   7    C C   . ASN A 1 3   ? 3.424   -5.099  14.868  1.00 17.63 ? 3   ASN A C   1 
ATOM   8    O O   . ASN A 1 3   ? 4.308   -5.921  14.787  1.00 19.21 ? 3   ASN A O   1 
ATOM   9    C CB  . ASN A 1 3   ? 4.448   -2.849  15.195  1.00 12.67 ? 3   ASN A CB  1 
ATOM   10   C CG  . ASN A 1 3   ? 4.239   -1.508  15.787  1.00 12.61 ? 3   ASN A CG  1 
ATOM   11   O OD1 . ASN A 1 3   ? 3.194   -1.228  16.436  1.00 14.00 ? 3   ASN A OD1 1 
ATOM   12   N ND2 . ASN A 1 3   ? 5.148   -0.605  15.571  1.00 12.95 ? 3   ASN A ND2 1 
ATOM   13   N N   . PRO A 1 4   ? 2.355   -5.177  14.082  1.00 14.48 ? 4   PRO A N   1 
ATOM   14   C CA  . PRO A 1 4   ? 2.311   -6.219  13.085  1.00 14.00 ? 4   PRO A CA  1 
ATOM   15   C C   . PRO A 1 4   ? 3.385   -6.238  11.949  1.00 12.71 ? 4   PRO A C   1 
ATOM   16   O O   . PRO A 1 4   ? 3.794   -5.099  11.558  1.00 13.00 ? 4   PRO A O   1 
ATOM   17   C CB  . PRO A 1 4   ? 0.915   -6.018  12.388  1.00 16.13 ? 4   PRO A CB  1 
ATOM   18   C CG  . PRO A 1 4   ? 0.134   -5.244  13.355  1.00 17.65 ? 4   PRO A CG  1 
ATOM   19   C CD  . PRO A 1 4   ? 1.096   -4.383  14.104  1.00 15.65 ? 4   PRO A CD  1 
ATOM   20   N N   . LEU A 1 5   ? 3.836   -7.384  11.563  1.00 12.21 ? 5   LEU A N   1 
ATOM   21   C CA  . LEU A 1 5   ? 4.662   -7.534  10.393  1.00 12.84 ? 5   LEU A CA  1 
ATOM   22   C C   . LEU A 1 5   ? 3.828   -8.275  9.414   1.00 12.21 ? 5   LEU A C   1 
ATOM   23   O O   . LEU A 1 5   ? 3.324   -9.403  9.685   1.00 12.51 ? 5   LEU A O   1 
ATOM   24   C CB  . LEU A 1 5   ? 5.881   -8.508  10.607  1.00 16.82 ? 5   LEU A CB  1 
ATOM   25   C CG  . LEU A 1 5   ? 7.121   -7.984  10.997  1.00 19.27 ? 5   LEU A CG  1 
ATOM   26   C CD1 . LEU A 1 5   ? 8.189   -9.116  10.973  1.00 16.94 ? 5   LEU A CD1 1 
ATOM   27   C CD2 . LEU A 1 5   ? 7.620   -6.832  10.138  1.00 15.41 ? 5   LEU A CD2 1 
ATOM   28   N N   . VAL A 1 6   ? 3.594   -7.706  8.178   1.00 10.81 ? 6   VAL A N   1 
ATOM   29   C CA  . VAL A 1 6   ? 2.807   -8.299  7.153   1.00 11.13 ? 6   VAL A CA  1 
ATOM   30   C C   . VAL A 1 6   ? 3.621   -8.466  5.835   1.00 11.55 ? 6   VAL A C   1 
ATOM   31   O O   . VAL A 1 6   ? 4.720   -7.847  5.733   1.00 11.62 ? 6   VAL A O   1 
ATOM   32   C CB  . VAL A 1 6   ? 1.479   -7.498  6.853   1.00 10.68 ? 6   VAL A CB  1 
ATOM   33   C CG1 . VAL A 1 6   ? 0.578   -7.548  8.095   1.00 13.20 ? 6   VAL A CG1 1 
ATOM   34   C CG2 . VAL A 1 6   ? 1.743   -6.061  6.422   1.00 11.35 ? 6   VAL A CG2 1 
ATOM   35   N N   . TYR A 1 7   ? 3.091   -9.210  4.860   1.00 11.63 ? 7   TYR A N   1 
ATOM   36   C CA  . TYR A 1 7   ? 3.807   -9.455  3.605   1.00 11.94 ? 7   TYR A CA  1 
ATOM   37   C C   . TYR A 1 7   ? 2.896   -9.347  2.429   1.00 12.93 ? 7   TYR A C   1 
ATOM   38   O O   . TYR A 1 7   ? 1.695   -9.629  2.504   1.00 12.20 ? 7   TYR A O   1 
ATOM   39   C CB  . TYR A 1 7   ? 4.522   -10.847 3.603   1.00 13.89 ? 7   TYR A CB  1 
ATOM   40   C CG  . TYR A 1 7   ? 3.623   -12.003 3.573   1.00 14.20 ? 7   TYR A CG  1 
ATOM   41   C CD1 . TYR A 1 7   ? 3.094   -12.593 4.766   1.00 13.77 ? 7   TYR A CD1 1 
ATOM   42   C CD2 . TYR A 1 7   ? 3.270   -12.607 2.325   1.00 14.67 ? 7   TYR A CD2 1 
ATOM   43   C CE1 . TYR A 1 7   ? 2.304   -13.737 4.645   1.00 15.56 ? 7   TYR A CE1 1 
ATOM   44   C CE2 . TYR A 1 7   ? 2.425   -13.719 2.240   1.00 16.29 ? 7   TYR A CE2 1 
ATOM   45   C CZ  . TYR A 1 7   ? 1.929   -14.249 3.429   1.00 15.87 ? 7   TYR A CZ  1 
ATOM   46   O OH  . TYR A 1 7   ? 1.068   -15.371 3.348   1.00 20.52 ? 7   TYR A OH  1 
ATOM   47   N N   . LEU A 1 8   ? 3.499   -8.953  1.311   1.00 12.28 ? 8   LEU A N   1 
ATOM   48   C CA  . LEU A 1 8   ? 2.889   -8.996  -0.040  1.00 12.48 ? 8   LEU A CA  1 
ATOM   49   C C   . LEU A 1 8   ? 3.836   -9.783  -0.970  1.00 14.08 ? 8   LEU A C   1 
ATOM   50   O O   . LEU A 1 8   ? 5.015   -9.382  -1.088  1.00 13.66 ? 8   LEU A O   1 
ATOM   51   C CB  . LEU A 1 8   ? 2.716   -7.569  -0.611  1.00 12.28 ? 8   LEU A CB  1 
ATOM   52   C CG  . LEU A 1 8   ? 2.055   -6.492  0.210   1.00 12.43 ? 8   LEU A CG  1 
ATOM   53   C CD1 . LEU A 1 8   ? 2.084   -5.116  -0.506  1.00 12.97 ? 8   LEU A CD1 1 
ATOM   54   C CD2 . LEU A 1 8   ? 0.617   -6.849  0.544   1.00 12.31 ? 8   LEU A CD2 1 
ATOM   55   N N   . ASP A 1 9   ? 3.345   -10.842 -1.558  1.00 13.90 ? 9   ASP A N   1 
ATOM   56   C CA  . ASP A 1 9   ? 4.125   -11.544 -2.619  1.00 14.22 ? 9   ASP A CA  1 
ATOM   57   C C   . ASP A 1 9   ? 3.582   -11.054 -3.977  1.00 14.62 ? 9   ASP A C   1 
ATOM   58   O O   . ASP A 1 9   ? 2.384   -11.035 -4.223  1.00 15.74 ? 9   ASP A O   1 
ATOM   59   C CB  . ASP A 1 9   ? 3.923   -13.082 -2.504  1.00 15.77 ? 9   ASP A CB  1 
ATOM   60   C CG  . ASP A 1 9   ? 4.623   -13.699 -1.312  1.00 17.83 ? 9   ASP A CG  1 
ATOM   61   O OD1 . ASP A 1 9   ? 5.653   -13.211 -0.928  1.00 18.94 ? 9   ASP A OD1 1 
ATOM   62   O OD2 . ASP A 1 9   ? 3.996   -14.621 -0.768  1.00 21.49 ? 9   ASP A OD2 1 
ATOM   63   N N   . VAL A 1 10  ? 4.475   -10.536 -4.814  1.00 14.71 ? 10  VAL A N   1 
ATOM   64   C CA  . VAL A 1 10  ? 4.070   -9.807  -6.045  1.00 15.34 ? 10  VAL A CA  1 
ATOM   65   C C   . VAL A 1 10  ? 4.655   -10.482 -7.330  1.00 15.34 ? 10  VAL A C   1 
ATOM   66   O O   . VAL A 1 10  ? 5.853   -10.867 -7.267  1.00 17.03 ? 10  VAL A O   1 
ATOM   67   C CB  . VAL A 1 10  ? 4.554   -8.365  -5.974  1.00 14.75 ? 10  VAL A CB  1 
ATOM   68   C CG1 . VAL A 1 10  ? 4.047   -7.531  -7.141  1.00 16.38 ? 10  VAL A CG1 1 
ATOM   69   C CG2 . VAL A 1 10  ? 4.144   -7.671  -4.614  1.00 15.12 ? 10  VAL A CG2 1 
ATOM   70   N N   . ASP A 1 11  ? 3.843   -10.531 -8.349  1.00 14.85 ? 11  ASP A N   1 
ATOM   71   C CA  . ASP A 1 11  ? 4.280   -11.047 -9.680  1.00 17.17 ? 11  ASP A CA  1 
ATOM   72   C C   . ASP A 1 11  ? 4.097   -9.998  -10.717 1.00 18.26 ? 11  ASP A C   1 
ATOM   73   O O   . ASP A 1 11  ? 3.318   -9.044  -10.564 1.00 18.42 ? 11  ASP A O   1 
ATOM   74   C CB  . ASP A 1 11  ? 3.560   -12.330 -10.021 1.00 21.71 ? 11  ASP A CB  1 
ATOM   75   C CG  . ASP A 1 11  ? 2.186   -12.130 -10.412 1.00 28.28 ? 11  ASP A CG  1 
ATOM   76   O OD1 . ASP A 1 11  ? 1.898   -11.806 -11.566 1.00 40.25 ? 11  ASP A OD1 1 
ATOM   77   O OD2 . ASP A 1 11  ? 1.310   -12.362 -9.544  1.00 36.61 ? 11  ASP A OD2 1 
ATOM   78   N N   . ALA A 1 12  ? 4.796   -10.170 -11.872 1.00 19.41 ? 12  ALA A N   1 
ATOM   79   C CA  . ALA A 1 12  ? 4.589   -9.328  -13.095 1.00 19.66 ? 12  ALA A CA  1 
ATOM   80   C C   . ALA A 1 12  ? 4.258   -10.237 -14.300 1.00 19.43 ? 12  ALA A C   1 
ATOM   81   O O   . ALA A 1 12  ? 5.126   -11.136 -14.559 1.00 22.68 ? 12  ALA A O   1 
ATOM   82   C CB  . ALA A 1 12  ? 5.828   -8.532  -13.388 1.00 22.26 ? 12  ALA A CB  1 
ATOM   83   N N   . ASN A 1 13  ? 3.041   -10.106 -14.812 1.00 21.47 ? 13  ASN A N   1 
ATOM   84   C CA  . ASN A 1 13  ? 2.548   -11.055 -15.875 1.00 26.51 ? 13  ASN A CA  1 
ATOM   85   C C   . ASN A 1 13  ? 2.765   -12.499 -15.536 1.00 28.57 ? 13  ASN A C   1 
ATOM   86   O O   . ASN A 1 13  ? 3.306   -13.278 -16.376 1.00 31.71 ? 13  ASN A O   1 
ATOM   87   C CB  . ASN A 1 13  ? 3.279   -10.723 -17.186 1.00 28.75 ? 13  ASN A CB  1 
ATOM   88   C CG  . ASN A 1 13  ? 2.748   -9.485  -17.829 1.00 30.76 ? 13  ASN A CG  1 
ATOM   89   O OD1 . ASN A 1 13  ? 1.641   -9.003  -17.519 1.00 27.27 ? 13  ASN A OD1 1 
ATOM   90   N ND2 . ASN A 1 13  ? 3.453   -9.067  -18.887 1.00 32.09 ? 13  ASN A ND2 1 
ATOM   91   N N   . GLY A 1 14  ? 2.468   -12.869 -14.290 1.00 25.70 ? 14  GLY A N   1 
ATOM   92   C CA  . GLY A 1 14  ? 2.546   -14.267 -13.821 1.00 27.53 ? 14  GLY A CA  1 
ATOM   93   C C   . GLY A 1 14  ? 3.868   -14.763 -13.325 1.00 24.30 ? 14  GLY A C   1 
ATOM   94   O O   . GLY A 1 14  ? 3.958   -15.899 -12.788 1.00 28.46 ? 14  GLY A O   1 
ATOM   95   N N   . LYS A 1 15  ? 4.909   -13.942 -13.398 1.00 22.20 ? 15  LYS A N   1 
ATOM   96   C CA  . LYS A 1 15  ? 6.238   -14.267 -12.945 1.00 25.65 ? 15  LYS A CA  1 
ATOM   97   C C   . LYS A 1 15  ? 6.599   -13.619 -11.567 1.00 23.56 ? 15  LYS A C   1 
ATOM   98   O O   . LYS A 1 15  ? 6.597   -12.401 -11.468 1.00 21.88 ? 15  LYS A O   1 
ATOM   99   C CB  . LYS A 1 15  ? 7.258   -13.805 -13.988 1.00 34.62 ? 15  LYS A CB  1 
ATOM   100  C CG  . LYS A 1 15  ? 8.606   -13.428 -13.365 1.00 40.99 ? 15  LYS A CG  1 
ATOM   101  C CD  . LYS A 1 15  ? 9.647   -14.527 -13.257 1.00 41.73 ? 15  LYS A CD  1 
ATOM   102  C CE  . LYS A 1 15  ? 10.670  -14.329 -14.353 1.00 41.43 ? 15  LYS A CE  1 
ATOM   103  N NZ  . LYS A 1 15  ? 11.200  -12.923 -14.371 1.00 48.85 ? 15  LYS A NZ  1 
ATOM   104  N N   . PRO A 1 16  ? 6.986   -14.400 -10.562 1.00 18.76 ? 16  PRO A N   1 
ATOM   105  C CA  . PRO A 1 16  ? 7.249   -13.786 -9.201  1.00 19.32 ? 16  PRO A CA  1 
ATOM   106  C C   . PRO A 1 16  ? 8.356   -12.803 -9.216  1.00 20.26 ? 16  PRO A C   1 
ATOM   107  O O   . PRO A 1 16  ? 9.518   -13.063 -9.694  1.00 21.44 ? 16  PRO A O   1 
ATOM   108  C CB  . PRO A 1 16  ? 7.618   -14.992 -8.305  1.00 20.41 ? 16  PRO A CB  1 
ATOM   109  C CG  . PRO A 1 16  ? 6.996   -16.138 -9.011  1.00 25.92 ? 16  PRO A CG  1 
ATOM   110  C CD  . PRO A 1 16  ? 7.092   -15.895 -10.454 1.00 22.38 ? 16  PRO A CD  1 
ATOM   111  N N   . LEU A 1 17  ? 8.172   -11.652 -8.544  1.00 18.20 ? 17  LEU A N   1 
ATOM   112  C CA  . LEU A 1 17  ? 9.194   -10.745 -8.289  1.00 17.11 ? 17  LEU A CA  1 
ATOM   113  C C   . LEU A 1 17  ? 9.857   -10.853 -6.891  1.00 17.20 ? 17  LEU A C   1 
ATOM   114  O O   . LEU A 1 17  ? 10.907  -10.271 -6.668  1.00 20.05 ? 17  LEU A O   1 
ATOM   115  C CB  . LEU A 1 17  ? 8.626   -9.303  -8.386  1.00 18.58 ? 17  LEU A CB  1 
ATOM   116  C CG  . LEU A 1 17  ? 7.977   -8.921  -9.635  1.00 17.89 ? 17  LEU A CG  1 
ATOM   117  C CD1 . LEU A 1 17  ? 7.471   -7.502  -9.613  1.00 18.47 ? 17  LEU A CD1 1 
ATOM   118  C CD2 . LEU A 1 17  ? 8.930   -9.153  -10.846 1.00 19.73 ? 17  LEU A CD2 1 
ATOM   119  N N   . GLY A 1 18  ? 9.179   -11.530 -5.940  1.00 18.61 ? 18  GLY A N   1 
ATOM   120  C CA  . GLY A 1 18  ? 9.582   -11.602 -4.574  1.00 16.84 ? 18  GLY A CA  1 
ATOM   121  C C   . GLY A 1 18  ? 8.560   -11.080 -3.531  1.00 14.16 ? 18  GLY A C   1 
ATOM   122  O O   . GLY A 1 18  ? 7.380   -10.870 -3.873  1.00 16.43 ? 18  GLY A O   1 
ATOM   123  N N   . ARG A 1 19  ? 9.061   -10.901 -2.330  1.00 13.26 ? 19  ARG A N   1 
ATOM   124  C CA  . ARG A 1 19  ? 8.191   -10.502 -1.145  1.00 14.99 ? 19  ARG A CA  1 
ATOM   125  C C   . ARG A 1 19  ? 8.605   -9.163  -0.634  1.00 14.23 ? 19  ARG A C   1 
ATOM   126  O O   . ARG A 1 19  ? 9.751   -8.837  -0.402  1.00 13.99 ? 19  ARG A O   1 
ATOM   127  C CB  . ARG A 1 19  ? 8.395   -11.551 -0.030  1.00 15.02 ? 19  ARG A CB  1 
ATOM   128  C CG  . ARG A 1 19  ? 7.591   -11.236 1.226   1.00 15.05 ? 19  ARG A CG  1 
ATOM   129  C CD  . ARG A 1 19  ? 7.578   -12.445 2.150   1.00 14.14 ? 19  ARG A CD  1 
ATOM   130  N NE  . ARG A 1 19  ? 6.703   -13.454 1.718   1.00 14.42 ? 19  ARG A NE  1 
ATOM   131  C CZ  . ARG A 1 19  ? 6.307   -14.523 2.390   1.00 17.12 ? 19  ARG A CZ  1 
ATOM   132  N NH1 . ARG A 1 19  ? 6.757   -14.713 3.638   1.00 18.17 ? 19  ARG A NH1 1 
ATOM   133  N NH2 . ARG A 1 19  ? 5.477   -15.362 1.812   1.00 17.62 ? 19  ARG A NH2 1 
ATOM   134  N N   . VAL A 1 20  ? 7.567   -8.300  -0.359  1.00 12.31 ? 20  VAL A N   1 
ATOM   135  C CA  . VAL A 1 20  ? 7.666   -7.075  0.401   1.00 12.72 ? 20  VAL A CA  1 
ATOM   136  C C   . VAL A 1 20  ? 7.191   -7.285  1.808   1.00 12.17 ? 20  VAL A C   1 
ATOM   137  O O   . VAL A 1 20  ? 6.023   -7.746  1.982   1.00 13.02 ? 20  VAL A O   1 
ATOM   138  C CB  . VAL A 1 20  ? 6.918   -5.888  -0.245  1.00 13.09 ? 20  VAL A CB  1 
ATOM   139  C CG1 . VAL A 1 20  ? 7.173   -4.593  0.447   1.00 13.71 ? 20  VAL A CG1 1 
ATOM   140  C CG2 . VAL A 1 20  ? 7.305   -5.805  -1.755  1.00 13.61 ? 20  VAL A CG2 1 
ATOM   141  N N   . VAL A 1 21  ? 8.037   -7.060  2.814   1.00 11.87 ? 21  VAL A N   1 
ATOM   142  C CA  . VAL A 1 21  ? 7.630   -7.196  4.235   1.00 11.03 ? 21  VAL A CA  1 
ATOM   143  C C   . VAL A 1 21  ? 7.524   -5.796  4.768   1.00 10.00 ? 21  VAL A C   1 
ATOM   144  O O   . VAL A 1 21  ? 8.370   -4.910  4.632   1.00 11.13 ? 21  VAL A O   1 
ATOM   145  C CB  . VAL A 1 21  ? 8.649   -8.023  5.047   1.00 12.15 ? 21  VAL A CB  1 
ATOM   146  C CG1 . VAL A 1 21  ? 8.244   -8.068  6.523   1.00 12.49 ? 21  VAL A CG1 1 
ATOM   147  C CG2 . VAL A 1 21  ? 8.782   -9.425  4.429   1.00 14.81 ? 21  VAL A CG2 1 
ATOM   148  N N   . LEU A 1 22  ? 6.372   -5.484  5.446   1.00 10.67 ? 22  LEU A N   1 
ATOM   149  C CA  . LEU A 1 22  ? 6.019   -4.193  6.009   1.00 10.59 ? 22  LEU A CA  1 
ATOM   150  C C   . LEU A 1 22  ? 5.774   -4.242  7.546   1.00 9.97  ? 22  LEU A C   1 
ATOM   151  O O   . LEU A 1 22  ? 5.064   -5.154  7.960   1.00 10.73 ? 22  LEU A O   1 
ATOM   152  C CB  . LEU A 1 22  ? 4.715   -3.672  5.289   1.00 11.33 ? 22  LEU A CB  1 
ATOM   153  C CG  . LEU A 1 22  ? 4.802   -3.598  3.749   1.00 11.50 ? 22  LEU A CG  1 
ATOM   154  C CD1 . LEU A 1 22  ? 3.393   -3.644  3.127   1.00 13.42 ? 22  LEU A CD1 1 
ATOM   155  C CD2 . LEU A 1 22  ? 5.511   -2.333  3.385   1.00 13.00 ? 22  LEU A CD2 1 
ATOM   156  N N   . GLU A 1 23  ? 6.267   -3.296  8.256   1.00 10.06 ? 23  GLU A N   1 
ATOM   157  C CA  . GLU A 1 23  ? 5.904   -3.045  9.671   1.00 10.63 ? 23  GLU A CA  1 
ATOM   158  C C   . GLU A 1 23  ? 4.741   -2.051  9.593   1.00 9.93  ? 23  GLU A C   1 
ATOM   159  O O   . GLU A 1 23  ? 4.843   -0.947  9.002   1.00 10.81 ? 23  GLU A O   1 
ATOM   160  C CB  . GLU A 1 23  ? 7.085   -2.479  10.438  1.00 12.08 ? 23  GLU A CB  1 
ATOM   161  C CG  . GLU A 1 23  ? 6.664   -2.108  11.857  1.00 11.89 ? 23  GLU A CG  1 
ATOM   162  C CD  . GLU A 1 23  ? 7.763   -1.670  12.813  1.00 13.33 ? 23  GLU A CD  1 
ATOM   163  O OE1 . GLU A 1 23  ? 8.982   -1.772  12.434  1.00 13.63 ? 23  GLU A OE1 1 
ATOM   164  O OE2 . GLU A 1 23  ? 7.517   -1.250  13.966  1.00 13.53 ? 23  GLU A OE2 1 
ATOM   165  N N   . LEU A 1 24  ? 3.716   -2.358  10.383  1.00 9.80  ? 24  LEU A N   1 
ATOM   166  C CA  . LEU A 1 24  ? 2.530   -1.492  10.537  1.00 10.14 ? 24  LEU A CA  1 
ATOM   167  C C   . LEU A 1 24  ? 2.578   -0.767  11.871  1.00 10.00 ? 24  LEU A C   1 
ATOM   168  O O   . LEU A 1 24  ? 2.695   -1.465  12.934  1.00 11.37 ? 24  LEU A O   1 
ATOM   169  C CB  . LEU A 1 24  ? 1.248   -2.279  10.382  1.00 10.73 ? 24  LEU A CB  1 
ATOM   170  C CG  . LEU A 1 24  ? 1.127   -3.115  9.128   1.00 9.83  ? 24  LEU A CG  1 
ATOM   171  C CD1 . LEU A 1 24  ? -0.197  -3.835  9.128   1.00 10.16 ? 24  LEU A CD1 1 
ATOM   172  C CD2 . LEU A 1 24  ? 1.360   -2.353  7.863   1.00 10.76 ? 24  LEU A CD2 1 
ATOM   173  N N   . LYS A 1 25  ? 2.602   0.522   11.936  1.00 10.55 ? 25  LYS A N   1 
ATOM   174  C CA  . LYS A 1 25  ? 2.826   1.306   13.154  1.00 11.59 ? 25  LYS A CA  1 
ATOM   175  C C   . LYS A 1 25  ? 1.534   1.424   13.989  1.00 12.01 ? 25  LYS A C   1 
ATOM   176  O O   . LYS A 1 25  ? 1.024   2.546   14.197  1.00 13.23 ? 25  LYS A O   1 
ATOM   177  C CB  . LYS A 1 25  ? 3.411   2.627   12.787  1.00 13.09 ? 25  LYS A CB  1 
ATOM   178  C CG  . LYS A 1 25  ? 4.896   2.514   12.244  1.00 14.64 ? 25  LYS A CG  1 
ATOM   179  C CD  . LYS A 1 25  ? 5.940   2.265   13.299  1.00 17.82 ? 25  LYS A CD  1 
ATOM   180  C CE  . LYS A 1 25  ? 6.058   3.562   14.057  1.00 23.72 ? 25  LYS A CE  1 
ATOM   181  N NZ  . LYS A 1 25  ? 6.949   3.411   15.260  1.00 29.94 ? 25  LYS A NZ  1 
ATOM   182  N N   . ALA A 1 26  ? 1.125   0.288   14.501  1.00 11.11 ? 26  ALA A N   1 
ATOM   183  C CA  . ALA A 1 26  ? -0.080  0.197   15.398  1.00 11.71 ? 26  ALA A CA  1 
ATOM   184  C C   . ALA A 1 26  ? 0.116   1.001   16.681  1.00 14.54 ? 26  ALA A C   1 
ATOM   185  O O   . ALA A 1 26  ? -0.855  1.502   17.220  1.00 15.00 ? 26  ALA A O   1 
ATOM   186  C CB  . ALA A 1 26  ? -0.459  -1.192  15.678  1.00 13.40 ? 26  ALA A CB  1 
ATOM   187  N N   . ASP A 1 27  ? 1.358   1.215   17.129  1.00 13.56 ? 27  ASP A N   1 
ATOM   188  C CA  . ASP A 1 27  ? 1.635   2.049   18.267  1.00 14.52 ? 27  ASP A CA  1 
ATOM   189  C C   . ASP A 1 27  ? 1.334   3.533   18.059  1.00 15.53 ? 27  ASP A C   1 
ATOM   190  O O   . ASP A 1 27  ? 1.249   4.287   19.064  1.00 21.35 ? 27  ASP A O   1 
ATOM   191  C CB  . ASP A 1 27  ? 3.113   1.850   18.692  1.00 16.73 ? 27  ASP A CB  1 
ATOM   192  C CG  . ASP A 1 27  ? 4.109   2.164   17.626  1.00 18.87 ? 27  ASP A CG  1 
ATOM   193  O OD1 . ASP A 1 27  ? 3.874   2.077   16.429  1.00 18.55 ? 27  ASP A OD1 1 
ATOM   194  O OD2 . ASP A 1 27  ? 5.305   2.458   17.982  1.00 29.91 ? 27  ASP A OD2 1 
ATOM   195  N N   . VAL A 1 28  ? 1.261   4.046   16.807  1.00 13.33 ? 28  VAL A N   1 
ATOM   196  C CA  . VAL A 1 28  ? 0.983   5.423   16.462  1.00 12.74 ? 28  VAL A CA  1 
ATOM   197  C C   . VAL A 1 28  ? -0.409  5.626   15.799  1.00 12.83 ? 28  VAL A C   1 
ATOM   198  O O   . VAL A 1 28  ? -1.063  6.618   16.078  1.00 13.37 ? 28  VAL A O   1 
ATOM   199  C CB  . VAL A 1 28  ? 2.109   5.999   15.529  1.00 13.53 ? 28  VAL A CB  1 
ATOM   200  C CG1 . VAL A 1 28  ? 1.887   7.397   15.133  1.00 15.21 ? 28  VAL A CG1 1 
ATOM   201  C CG2 . VAL A 1 28  ? 3.507   5.836   16.177  1.00 15.36 ? 28  VAL A CG2 1 
ATOM   202  N N   . VAL A 1 29  ? -0.728  4.710   14.881  1.00 11.87 ? 29  VAL A N   1 
ATOM   203  C CA  . VAL A 1 29  ? -2.005  4.780   14.113  1.00 11.45 ? 29  VAL A CA  1 
ATOM   204  C C   . VAL A 1 29  ? -2.640  3.422   14.161  1.00 10.98 ? 29  VAL A C   1 
ATOM   205  O O   . VAL A 1 29  ? -2.714  2.672   13.182  1.00 11.85 ? 29  VAL A O   1 
ATOM   206  C CB  . VAL A 1 29  ? -1.726  5.295   12.637  1.00 11.94 ? 29  VAL A CB  1 
ATOM   207  C CG1 . VAL A 1 29  ? -1.634  6.773   12.579  1.00 12.21 ? 29  VAL A CG1 1 
ATOM   208  C CG2 . VAL A 1 29  ? -0.495  4.604   11.953  1.00 11.96 ? 29  VAL A CG2 1 
ATOM   209  N N   . PRO A 1 30  ? -3.232  3.017   15.315  1.00 10.92 ? 30  PRO A N   1 
ATOM   210  C CA  . PRO A 1 30  ? -3.798  1.715   15.457  1.00 10.93 ? 30  PRO A CA  1 
ATOM   211  C C   . PRO A 1 30  ? -4.966  1.348   14.480  1.00 10.74 ? 30  PRO A C   1 
ATOM   212  O O   . PRO A 1 30  ? -5.094  0.236   14.018  1.00 12.17 ? 30  PRO A O   1 
ATOM   213  C CB  . PRO A 1 30  ? -4.237  1.696   16.963  1.00 11.56 ? 30  PRO A CB  1 
ATOM   214  C CG  . PRO A 1 30  ? -4.347  3.091   17.343  1.00 12.54 ? 30  PRO A CG  1 
ATOM   215  C CD  . PRO A 1 30  ? -3.249  3.770   16.604  1.00 12.31 ? 30  PRO A CD  1 
ATOM   216  N N   . LYS A 1 31  ? -5.808  2.387   14.243  1.00 11.21 ? 31  LYS A N   1 
ATOM   217  C CA  . LYS A 1 31  ? -6.977  2.107   13.392  1.00 13.56 ? 31  LYS A CA  1 
ATOM   218  C C   . LYS A 1 31  ? -6.605  1.846   11.883  1.00 10.64 ? 31  LYS A C   1 
ATOM   219  O O   . LYS A 1 31  ? -7.143  0.967   11.218  1.00 10.94 ? 31  LYS A O   1 
ATOM   220  C CB  . LYS A 1 31  ? -7.991  3.240   13.485  1.00 12.95 ? 31  LYS A CB  1 
ATOM   221  C CG  . LYS A 1 31  ? -8.541  3.507   14.946  1.00 15.18 ? 31  LYS A CG  1 
ATOM   222  C CD  . LYS A 1 31  ? -9.381  4.786   15.057  1.00 15.71 ? 31  LYS A CD  1 
ATOM   223  C CE  . LYS A 1 31  ? -9.975  4.980   16.450  1.00 18.46 ? 31  LYS A CE  1 
ATOM   224  N NZ  . LYS A 1 31  ? -8.908  5.020   17.563  1.00 21.72 ? 31  LYS A NZ  1 
ATOM   225  N N   . THR A 1 32  ? -5.633  2.658   11.461  1.00 9.98  ? 32  THR A N   1 
ATOM   226  C CA  . THR A 1 32  ? -5.110  2.585   10.049  1.00 9.61  ? 32  THR A CA  1 
ATOM   227  C C   . THR A 1 32  ? -4.321  1.295   9.896   1.00 9.97  ? 32  THR A C   1 
ATOM   228  O O   . THR A 1 32  ? -4.395  0.559   8.915   1.00 10.16 ? 32  THR A O   1 
ATOM   229  C CB  . THR A 1 32  ? -4.321  3.829   9.741   1.00 10.21 ? 32  THR A CB  1 
ATOM   230  O OG1 . THR A 1 32  ? -5.131  5.014   10.007  1.00 10.76 ? 32  THR A OG1 1 
ATOM   231  C CG2 . THR A 1 32  ? -3.927  3.885   8.254   1.00 10.84 ? 32  THR A CG2 1 
ATOM   232  N N   . ALA A 1 33  ? -3.454  0.982   10.898  1.00 10.44 ? 33  ALA A N   1 
ATOM   233  C CA  . ALA A 1 33  ? -2.659  -0.226  10.839  1.00 10.67 ? 33  ALA A CA  1 
ATOM   234  C C   . ALA A 1 33  ? -3.552  -1.487  10.826  1.00 10.08 ? 33  ALA A C   1 
ATOM   235  O O   . ALA A 1 33  ? -3.366  -2.425  10.060  1.00 10.78 ? 33  ALA A O   1 
ATOM   236  C CB  . ALA A 1 33  ? -1.770  -0.323  12.091  1.00 10.77 ? 33  ALA A CB  1 
ATOM   237  N N   . GLU A 1 34  ? -4.622  -1.446  11.677  1.00 10.75 ? 34  GLU A N   1 
ATOM   238  C CA  . GLU A 1 34  ? -5.495  -2.590  11.737  1.00 11.17 ? 34  GLU A CA  1 
ATOM   239  C C   . GLU A 1 34  ? -6.296  -2.917  10.413  1.00 10.26 ? 34  GLU A C   1 
ATOM   240  O O   . GLU A 1 34  ? -6.451  -4.048  10.017  1.00 11.34 ? 34  GLU A O   1 
ATOM   241  C CB  . GLU A 1 34  ? -6.514  -2.456  12.899  1.00 11.79 ? 34  GLU A CB  1 
ATOM   242  C CG  . GLU A 1 34  ? -7.533  -3.558  13.045  1.00 13.36 ? 34  GLU A CG  1 
ATOM   243  C CD  . GLU A 1 34  ? -7.133  -4.979  13.268  1.00 14.53 ? 34  GLU A CD  1 
ATOM   244  O OE1 . GLU A 1 34  ? -5.892  -5.143  13.606  1.00 15.34 ? 34  GLU A OE1 1 
ATOM   245  O OE2 . GLU A 1 34  ? -7.849  -5.970  13.032  1.00 17.14 ? 34  GLU A OE2 1 
ATOM   246  N N   . ASN A 1 35  ? -6.712  -1.766  9.805   1.00 9.82  ? 35  ASN A N   1 
ATOM   247  C CA  . ASN A 1 35  ? -7.334  -1.909  8.471   1.00 10.60 ? 35  ASN A CA  1 
ATOM   248  C C   . ASN A 1 35  ? -6.420  -2.684  7.450   1.00 10.32 ? 35  ASN A C   1 
ATOM   249  O O   . ASN A 1 35  ? -6.821  -3.637  6.837   1.00 10.71 ? 35  ASN A O   1 
ATOM   250  C CB  . ASN A 1 35  ? -7.673  -0.525  7.959   1.00 11.54 ? 35  ASN A CB  1 
ATOM   251  C CG  . ASN A 1 35  ? -8.366  -0.522  6.591   1.00 10.40 ? 35  ASN A CG  1 
ATOM   252  O OD1 . ASN A 1 35  ? -9.412  -1.101  6.413   1.00 12.31 ? 35  ASN A OD1 1 
ATOM   253  N ND2 . ASN A 1 35  ? -7.767  0.143   5.620   1.00 11.20 ? 35  ASN A ND2 1 
ATOM   254  N N   . PHE A 1 36  ? -5.169  -2.145  7.362   1.00 10.16 ? 36  PHE A N   1 
ATOM   255  C CA  . PHE A 1 36  ? -4.259  -2.812  6.384   1.00 9.79  ? 36  PHE A CA  1 
ATOM   256  C C   . PHE A 1 36  ? -3.945  -4.281  6.762   1.00 9.23  ? 36  PHE A C   1 
ATOM   257  O O   . PHE A 1 36  ? -3.929  -5.125  5.919   1.00 10.31 ? 36  PHE A O   1 
ATOM   258  C CB  . PHE A 1 36  ? -3.004  -1.946  6.293   1.00 10.57 ? 36  PHE A CB  1 
ATOM   259  C CG  . PHE A 1 36  ? -2.086  -2.336  5.151   1.00 10.11 ? 36  PHE A CG  1 
ATOM   260  C CD1 . PHE A 1 36  ? -1.096  -3.301  5.306   1.00 10.60 ? 36  PHE A CD1 1 
ATOM   261  C CD2 . PHE A 1 36  ? -2.198  -1.717  3.927   1.00 10.54 ? 36  PHE A CD2 1 
ATOM   262  C CE1 . PHE A 1 36  ? -0.238  -3.617  4.263   1.00 11.43 ? 36  PHE A CE1 1 
ATOM   263  C CE2 . PHE A 1 36  ? -1.372  -2.054  2.862   1.00 10.14 ? 36  PHE A CE2 1 
ATOM   264  C CZ  . PHE A 1 36  ? -0.384  -2.978  3.037   1.00 11.03 ? 36  PHE A CZ  1 
ATOM   265  N N   . ARG A 1 37  ? -3.710  -4.520  8.058   1.00 9.71  ? 37  ARG A N   1 
ATOM   266  C CA  . ARG A 1 37  ? -3.402  -5.883  8.552   1.00 9.59  ? 37  ARG A CA  1 
ATOM   267  C C   . ARG A 1 37  ? -4.500  -6.853  8.150   1.00 10.57 ? 37  ARG A C   1 
ATOM   268  O O   . ARG A 1 37  ? -4.258  -7.923  7.577   1.00 11.08 ? 37  ARG A O   1 
ATOM   269  C CB  . ARG A 1 37  ? -3.265  -5.834  10.090  1.00 10.02 ? 37  ARG A CB  1 
ATOM   270  C CG  . ARG A 1 37  ? -2.837  -7.191  10.652  1.00 11.10 ? 37  ARG A CG  1 
ATOM   271  C CD  . ARG A 1 37  ? -3.098  -7.344  12.161  1.00 11.39 ? 37  ARG A CD  1 
ATOM   272  N NE  . ARG A 1 37  ? -4.549  -7.371  12.436  1.00 12.00 ? 37  ARG A NE  1 
ATOM   273  C CZ  . ARG A 1 37  ? -5.276  -8.423  12.124  1.00 13.15 ? 37  ARG A CZ  1 
ATOM   274  N NH1 . ARG A 1 37  ? -4.861  -9.598  11.673  1.00 13.98 ? 37  ARG A NH1 1 
ATOM   275  N NH2 . ARG A 1 37  ? -6.628  -8.303  12.221  1.00 15.32 ? 37  ARG A NH2 1 
ATOM   276  N N   . ALA A 1 38  ? -5.785  -6.441  8.434   1.00 10.53 ? 38  ALA A N   1 
ATOM   277  C CA  . ALA A 1 38  ? -6.877  -7.365  8.101   1.00 10.83 ? 38  ALA A CA  1 
ATOM   278  C C   . ALA A 1 38  ? -7.124  -7.548  6.605   1.00 11.22 ? 38  ALA A C   1 
ATOM   279  O O   . ALA A 1 38  ? -7.533  -8.598  6.162   1.00 12.04 ? 38  ALA A O   1 
ATOM   280  C CB  . ALA A 1 38  ? -8.180  -6.853  8.804   1.00 12.15 ? 38  ALA A CB  1 
ATOM   281  N N   . LEU A 1 39  ? -6.815  -6.476  5.812   1.00 9.99  ? 39  LEU A N   1 
ATOM   282  C CA  . LEU A 1 39  ? -6.916  -6.626  4.369   1.00 11.26 ? 39  LEU A CA  1 
ATOM   283  C C   . LEU A 1 39  ? -5.866  -7.562  3.771   1.00 10.15 ? 39  LEU A C   1 
ATOM   284  O O   . LEU A 1 39  ? -6.066  -8.197  2.764   1.00 11.58 ? 39  LEU A O   1 
ATOM   285  C CB  . LEU A 1 39  ? -6.898  -5.223  3.732   1.00 10.49 ? 39  LEU A CB  1 
ATOM   286  C CG  . LEU A 1 39  ? -8.178  -4.373  3.969   1.00 11.11 ? 39  LEU A CG  1 
ATOM   287  C CD1 . LEU A 1 39  ? -7.919  -2.958  3.504   1.00 11.95 ? 39  LEU A CD1 1 
ATOM   288  C CD2 . LEU A 1 39  ? -9.472  -4.933  3.400   1.00 12.32 ? 39  LEU A CD2 1 
ATOM   289  N N   . CYS A 1 40  ? -4.708  -7.617  4.459   1.00 10.47 ? 40  CYS A N   1 
ATOM   290  C CA  . CYS A 1 40  ? -3.649  -8.603  4.153   1.00 11.83 ? 40  CYS A CA  1 
ATOM   291  C C   . CYS A 1 40  ? -4.068  -10.053 4.454   1.00 11.64 ? 40  CYS A C   1 
ATOM   292  O O   . CYS A 1 40  ? -3.810  -10.925 3.660   1.00 13.96 ? 40  CYS A O   1 
ATOM   293  C CB  . CYS A 1 40  ? -2.323  -8.221  4.849   1.00 11.99 ? 40  CYS A CB  1 
ATOM   294  S SG  . CYS A 1 40  ? -1.460  -6.800  4.128   1.00 12.27 ? 40  CYS A SG  1 
ATOM   295  N N   . THR A 1 41  ? -4.639  -10.261 5.647   1.00 12.48 ? 41  THR A N   1 
ATOM   296  C CA  . THR A 1 41  ? -4.987  -11.639 6.001   1.00 14.03 ? 41  THR A CA  1 
ATOM   297  C C   . THR A 1 41  ? -6.250  -12.099 5.249   1.00 15.21 ? 41  THR A C   1 
ATOM   298  O O   . THR A 1 41  ? -6.489  -13.306 5.124   1.00 17.63 ? 41  THR A O   1 
ATOM   299  C CB  . THR A 1 41  ? -5.250  -11.829 7.475   1.00 14.41 ? 41  THR A CB  1 
ATOM   300  O OG1 . THR A 1 41  ? -6.431  -11.044 7.852   1.00 14.53 ? 41  THR A OG1 1 
ATOM   301  C CG2 . THR A 1 41  ? -4.057  -11.414 8.342   1.00 14.00 ? 41  THR A CG2 1 
ATOM   302  N N   . GLY A 1 42  ? -7.131  -11.174 4.826   1.00 14.47 ? 42  GLY A N   1 
ATOM   303  C CA  . GLY A 1 42  ? -8.392  -11.566 4.234   1.00 16.23 ? 42  GLY A CA  1 
ATOM   304  C C   . GLY A 1 42  ? -9.434  -12.000 5.212   1.00 17.94 ? 42  GLY A C   1 
ATOM   305  O O   . GLY A 1 42  ? -10.473 -12.516 4.804   1.00 17.92 ? 42  GLY A O   1 
ATOM   306  N N   . GLU A 1 43  ? -9.250  -11.757 6.498   1.00 16.78 ? 43  GLU A N   1 
ATOM   307  C CA  . GLU A 1 43  ? -10.095 -12.398 7.581   1.00 17.49 ? 43  GLU A CA  1 
ATOM   308  C C   . GLU A 1 43  ? -11.465 -11.832 7.584   1.00 19.86 ? 43  GLU A C   1 
ATOM   309  O O   . GLU A 1 43  ? -12.326 -12.485 8.171   1.00 20.64 ? 43  GLU A O   1 
ATOM   310  C CB  . GLU A 1 43  ? -9.393  -12.253 8.947   1.00 17.58 ? 43  GLU A CB  1 
ATOM   311  C CG  . GLU A 1 43  ? -9.233  -10.873 9.446   1.00 17.51 ? 43  GLU A CG  1 
ATOM   312  C CD  . GLU A 1 43  ? -8.307  -10.786 10.607  1.00 17.68 ? 43  GLU A CD  1 
ATOM   313  O OE1 . GLU A 1 43  ? -7.034  -11.082 10.423  1.00 18.67 ? 43  GLU A OE1 1 
ATOM   314  O OE2 . GLU A 1 43  ? -8.699  -10.408 11.707  1.00 19.66 ? 43  GLU A OE2 1 
ATOM   315  N N   . LYS A 1 44  ? -11.732 -10.659 7.013   1.00 16.67 ? 44  LYS A N   1 
ATOM   316  C CA  . LYS A 1 44  ? -13.132 -10.118 6.949   1.00 17.54 ? 44  LYS A CA  1 
ATOM   317  C C   . LYS A 1 44  ? -13.860 -10.670 5.721   1.00 18.32 ? 44  LYS A C   1 
ATOM   318  O O   . LYS A 1 44  ? -15.071 -10.233 5.559   1.00 21.56 ? 44  LYS A O   1 
ATOM   319  C CB  . LYS A 1 44  ? -13.130 -8.579  6.936   1.00 20.51 ? 44  LYS A CB  1 
ATOM   320  C CG  . LYS A 1 44  ? -12.344 -7.931  7.989   1.00 20.15 ? 44  LYS A CG  1 
ATOM   321  C CD  . LYS A 1 44  ? -12.738 -8.285  9.401   1.00 22.18 ? 44  LYS A CD  1 
ATOM   322  C CE  . LYS A 1 44  ? -11.950 -7.425  10.417  1.00 22.28 ? 44  LYS A CE  1 
ATOM   323  N NZ  . LYS A 1 44  ? -12.304 -7.708  11.817  1.00 24.20 ? 44  LYS A NZ  1 
ATOM   324  N N   . GLY A 1 45  ? -13.256 -11.403 4.843   1.00 17.85 ? 45  GLY A N   1 
ATOM   325  C CA  . GLY A 1 45  ? -13.867 -11.971 3.619   1.00 17.73 ? 45  GLY A CA  1 
ATOM   326  C C   . GLY A 1 45  ? -13.627 -11.182 2.367   1.00 19.81 ? 45  GLY A C   1 
ATOM   327  O O   . GLY A 1 45  ? -14.158 -11.503 1.281   1.00 21.35 ? 45  GLY A O   1 
ATOM   328  N N   . PHE A 1 46  ? -12.718 -10.203 2.476   1.00 17.78 ? 46  PHE A N   1 
ATOM   329  C CA  . PHE A 1 46  ? -12.285 -9.411  1.295   1.00 16.94 ? 46  PHE A CA  1 
ATOM   330  C C   . PHE A 1 46  ? -10.867 -8.885  1.594   1.00 13.96 ? 46  PHE A C   1 
ATOM   331  O O   . PHE A 1 46  ? -10.483 -8.835  2.760   1.00 14.67 ? 46  PHE A O   1 
ATOM   332  C CB  . PHE A 1 46  ? -13.240 -8.328  0.935   1.00 16.15 ? 46  PHE A CB  1 
ATOM   333  C CG  . PHE A 1 46  ? -13.560 -7.429  2.053   1.00 15.82 ? 46  PHE A CG  1 
ATOM   334  C CD1 . PHE A 1 46  ? -12.821 -6.294  2.401   1.00 17.17 ? 46  PHE A CD1 1 
ATOM   335  C CD2 . PHE A 1 46  ? -14.708 -7.670  2.834   1.00 18.68 ? 46  PHE A CD2 1 
ATOM   336  C CE1 . PHE A 1 46  ? -13.153 -5.486  3.429   1.00 17.02 ? 46  PHE A CE1 1 
ATOM   337  C CE2 . PHE A 1 46  ? -15.022 -6.870  3.867   1.00 18.64 ? 46  PHE A CE2 1 
ATOM   338  C CZ  . PHE A 1 46  ? -14.297 -5.758  4.200   1.00 21.40 ? 46  PHE A CZ  1 
ATOM   339  N N   . GLY A 1 47  ? -10.182 -8.395  0.580   1.00 13.53 ? 47  GLY A N   1 
ATOM   340  C CA  . GLY A 1 47  ? -8.803  -7.899  0.804   1.00 14.02 ? 47  GLY A CA  1 
ATOM   341  C C   . GLY A 1 47  ? -7.969  -7.924  -0.421  1.00 12.41 ? 47  GLY A C   1 
ATOM   342  O O   . GLY A 1 47  ? -8.414  -8.033  -1.562  1.00 14.18 ? 47  GLY A O   1 
ATOM   343  N N   . TYR A 1 48  ? -6.659  -7.767  -0.170  1.00 11.71 ? 48  TYR A N   1 
ATOM   344  C CA  . TYR A 1 48  ? -5.695  -7.508  -1.247  1.00 12.10 ? 48  TYR A CA  1 
ATOM   345  C C   . TYR A 1 48  ? -5.332  -8.684  -2.119  1.00 12.23 ? 48  TYR A C   1 
ATOM   346  O O   . TYR A 1 48  ? -4.832  -8.521  -3.263  1.00 13.16 ? 48  TYR A O   1 
ATOM   347  C CB  . TYR A 1 48  ? -4.386  -6.891  -0.676  1.00 12.09 ? 48  TYR A CB  1 
ATOM   348  C CG  . TYR A 1 48  ? -4.525  -5.572  0.027   1.00 10.31 ? 48  TYR A CG  1 
ATOM   349  C CD1 . TYR A 1 48  ? -5.375  -4.553  -0.497  1.00 10.97 ? 48  TYR A CD1 1 
ATOM   350  C CD2 . TYR A 1 48  ? -3.953  -5.345  1.290   1.00 10.53 ? 48  TYR A CD2 1 
ATOM   351  C CE1 . TYR A 1 48  ? -5.496  -3.325  0.151   1.00 10.32 ? 48  TYR A CE1 1 
ATOM   352  C CE2 . TYR A 1 48  ? -4.077  -4.092  1.906   1.00 10.55 ? 48  TYR A CE2 1 
ATOM   353  C CZ  . TYR A 1 48  ? -4.837  -3.053  1.347   1.00 9.70  ? 48  TYR A CZ  1 
ATOM   354  O OH  . TYR A 1 48  ? -4.947  -1.883  2.049   1.00 10.34 ? 48  TYR A OH  1 
ATOM   355  N N   . LYS A 1 49  ? -5.527  -9.922  -1.665  1.00 12.13 ? 49  LYS A N   1 
ATOM   356  C CA  . LYS A 1 49  ? -5.029  -11.068 -2.466  1.00 14.55 ? 49  LYS A CA  1 
ATOM   357  C C   . LYS A 1 49  ? -5.706  -11.107 -3.858  1.00 14.28 ? 49  LYS A C   1 
ATOM   358  O O   . LYS A 1 49  ? -6.912  -11.032 -3.937  1.00 15.24 ? 49  LYS A O   1 
ATOM   359  C CB  . LYS A 1 49  ? -5.270  -12.403 -1.709  1.00 15.08 ? 49  LYS A CB  1 
ATOM   360  C CG  . LYS A 1 49  ? -4.686  -13.575 -2.405  1.00 16.75 ? 49  LYS A CG  1 
ATOM   361  C CD  . LYS A 1 49  ? -4.771  -14.846 -1.549  1.00 21.93 ? 49  LYS A CD  1 
ATOM   362  C CE  . LYS A 1 49  ? -3.984  -15.959 -2.246  1.00 24.62 ? 49  LYS A CE  1 
ATOM   363  N NZ  . LYS A 1 49  ? -3.564  -17.031 -1.291  1.00 30.51 ? 49  LYS A NZ  1 
ATOM   364  N N   . GLY A 1 50  ? -4.902  -11.176 -4.885  1.00 14.75 ? 50  GLY A N   1 
ATOM   365  C CA  . GLY A 1 50  ? -5.403  -11.284 -6.242  1.00 17.14 ? 50  GLY A CA  1 
ATOM   366  C C   . GLY A 1 50  ? -5.569  -9.942  -6.923  1.00 19.36 ? 50  GLY A C   1 
ATOM   367  O O   . GLY A 1 50  ? -5.930  -9.883  -8.111  1.00 21.14 ? 50  GLY A O   1 
ATOM   368  N N   . SER A 1 51  ? -5.362  -8.818  -6.259  1.00 15.09 ? 51  SER A N   1 
ATOM   369  C CA  . SER A 1 51  ? -5.434  -7.469  -6.825  1.00 14.65 ? 51  SER A CA  1 
ATOM   370  C C   . SER A 1 51  ? -4.112  -6.956  -7.300  1.00 13.65 ? 51  SER A C   1 
ATOM   371  O O   . SER A 1 51  ? -3.120  -7.709  -7.331  1.00 14.69 ? 51  SER A O   1 
ATOM   372  C CB  . SER A 1 51  ? -6.083  -6.539  -5.818  1.00 14.31 ? 51  SER A CB  1 
ATOM   373  O OG  . SER A 1 51  ? -5.354  -6.313  -4.635  1.00 15.67 ? 51  SER A OG  1 
ATOM   374  N N   . THR A 1 52  ? -4.091  -5.692  -7.753  1.00 11.98 ? 52  THR A N   1 
ATOM   375  C CA  . THR A 1 52  ? -2.994  -5.154  -8.597  1.00 14.44 ? 52  THR A CA  1 
ATOM   376  C C   . THR A 1 52  ? -2.349  -3.871  -8.036  1.00 12.46 ? 52  THR A C   1 
ATOM   377  O O   . THR A 1 52  ? -2.932  -3.132  -7.237  1.00 12.93 ? 52  THR A O   1 
ATOM   378  C CB  . THR A 1 52  ? -3.408  -4.885  -10.058 1.00 13.95 ? 52  THR A CB  1 
ATOM   379  O OG1 . THR A 1 52  ? -4.175  -3.682  -10.145 1.00 14.38 ? 52  THR A OG1 1 
ATOM   380  C CG2 . THR A 1 52  ? -4.190  -6.066  -10.689 1.00 14.99 ? 52  THR A CG2 1 
ATOM   381  N N   . PHE A 1 53  ? -1.114  -3.574  -8.475  1.00 13.10 ? 53  PHE A N   1 
ATOM   382  C CA  . PHE A 1 53  ? -0.522  -2.259  -8.416  1.00 12.12 ? 53  PHE A CA  1 
ATOM   383  C C   . PHE A 1 53  ? -1.045  -1.534  -9.633  1.00 12.73 ? 53  PHE A C   1 
ATOM   384  O O   . PHE A 1 53  ? -0.549  -1.872  -10.766 1.00 14.50 ? 53  PHE A O   1 
ATOM   385  C CB  . PHE A 1 53  ? 1.000   -2.248  -8.332  1.00 12.38 ? 53  PHE A CB  1 
ATOM   386  C CG  . PHE A 1 53  ? 1.519   -2.537  -6.928  1.00 11.91 ? 53  PHE A CG  1 
ATOM   387  C CD1 . PHE A 1 53  ? 1.480   -3.827  -6.384  1.00 12.90 ? 53  PHE A CD1 1 
ATOM   388  C CD2 . PHE A 1 53  ? 1.965   -1.524  -6.105  1.00 11.89 ? 53  PHE A CD2 1 
ATOM   389  C CE1 . PHE A 1 53  ? 1.958   -4.031  -5.115  1.00 13.18 ? 53  PHE A CE1 1 
ATOM   390  C CE2 . PHE A 1 53  ? 2.383   -1.720  -4.798  1.00 12.70 ? 53  PHE A CE2 1 
ATOM   391  C CZ  . PHE A 1 53  ? 2.372   -3.002  -4.308  1.00 11.89 ? 53  PHE A CZ  1 
ATOM   392  N N   . HIS A 1 54  ? -1.975  -0.617  -9.577  1.00 12.10 ? 54  HIS A N   1 
ATOM   393  C CA  . HIS A 1 54  ? -2.618  -0.007  -10.772 1.00 12.78 ? 54  HIS A CA  1 
ATOM   394  C C   . HIS A 1 54  ? -1.969  1.296   -11.183 1.00 13.95 ? 54  HIS A C   1 
ATOM   395  O O   . HIS A 1 54  ? -2.284  1.789   -12.300 1.00 15.29 ? 54  HIS A O   1 
ATOM   396  C CB  . HIS A 1 54  ? -4.123  0.229   -10.545 1.00 12.32 ? 54  HIS A CB  1 
ATOM   397  C CG  . HIS A 1 54  ? -4.416  1.283   -9.545  1.00 12.01 ? 54  HIS A CG  1 
ATOM   398  N ND1 . HIS A 1 54  ? -4.450  1.024   -8.187  1.00 13.62 ? 54  HIS A ND1 1 
ATOM   399  C CD2 . HIS A 1 54  ? -4.664  2.595   -9.681  1.00 12.37 ? 54  HIS A CD2 1 
ATOM   400  C CE1 . HIS A 1 54  ? -4.674  2.161   -7.560  1.00 13.28 ? 54  HIS A CE1 1 
ATOM   401  N NE2 . HIS A 1 54  ? -4.811  3.137   -8.433  1.00 13.37 ? 54  HIS A NE2 1 
ATOM   402  N N   . ARG A 1 55  ? -1.154  1.964   -10.351 1.00 11.78 ? 55  ARG A N   1 
ATOM   403  C CA  . ARG A 1 55  ? -0.632  3.253   -10.681 1.00 11.68 ? 55  ARG A CA  1 
ATOM   404  C C   . ARG A 1 55  ? 0.767   3.238   -10.179 1.00 12.73 ? 55  ARG A C   1 
ATOM   405  O O   . ARG A 1 55  ? 0.984   3.297   -8.897  1.00 13.69 ? 55  ARG A O   1 
ATOM   406  C CB  . ARG A 1 55  ? -1.440  4.411   -10.092 1.00 13.07 ? 55  ARG A CB  1 
ATOM   407  C CG  . ARG A 1 55  ? -1.015  5.748   -10.521 1.00 15.17 ? 55  ARG A CG  1 
ATOM   408  C CD  . ARG A 1 55  ? -2.094  6.789   -10.261 1.00 21.36 ? 55  ARG A CD  1 
ATOM   409  N NE  . ARG A 1 55  ? -1.852  7.321   -9.067  1.00 23.48 ? 55  ARG A NE  1 
ATOM   410  C CZ  . ARG A 1 55  ? -1.239  8.487   -8.797  1.00 21.42 ? 55  ARG A CZ  1 
ATOM   411  N NH1 . ARG A 1 55  ? -1.082  8.877   -7.500  1.00 16.85 ? 55  ARG A NH1 1 
ATOM   412  N NH2 . ARG A 1 55  ? -0.864  9.227   -9.718  1.00 32.01 ? 55  ARG A NH2 1 
ATOM   413  N N   . VAL A 1 56  ? 1.769   3.277   -11.024 1.00 11.02 ? 56  VAL A N   1 
ATOM   414  C CA  . VAL A 1 56  ? 3.166   3.146   -10.635 1.00 11.10 ? 56  VAL A CA  1 
ATOM   415  C C   . VAL A 1 56  ? 3.960   4.243   -11.327 1.00 12.22 ? 56  VAL A C   1 
ATOM   416  O O   . VAL A 1 56  ? 3.988   4.151   -12.605 1.00 12.97 ? 56  VAL A O   1 
ATOM   417  C CB  . VAL A 1 56  ? 3.743   1.744   -10.903 1.00 12.06 ? 56  VAL A CB  1 
ATOM   418  C CG1 . VAL A 1 56  ? 5.242   1.671   -10.639 1.00 14.46 ? 56  VAL A CG1 1 
ATOM   419  C CG2 . VAL A 1 56  ? 2.952   0.630   -10.180 1.00 12.54 ? 56  VAL A CG2 1 
ATOM   420  N N   . ILE A 1 57  ? 4.575   5.193   -10.650 1.00 11.20 ? 57  ILE A N   1 
ATOM   421  C CA  . ILE A 1 57  ? 5.250   6.337   -11.234 1.00 12.27 ? 57  ILE A CA  1 
ATOM   422  C C   . ILE A 1 57  ? 6.703   6.258   -10.839 1.00 13.05 ? 57  ILE A C   1 
ATOM   423  O O   . ILE A 1 57  ? 7.032   6.497   -9.645  1.00 12.73 ? 57  ILE A O   1 
ATOM   424  C CB  . ILE A 1 57  ? 4.614   7.662   -10.916 1.00 12.47 ? 57  ILE A CB  1 
ATOM   425  C CG1 . ILE A 1 57  ? 3.136   7.717   -11.476 1.00 13.30 ? 57  ILE A CG1 1 
ATOM   426  C CG2 . ILE A 1 57  ? 5.475   8.820   -11.440 1.00 11.77 ? 57  ILE A CG2 1 
ATOM   427  C CD1 . ILE A 1 57  ? 2.365   8.873   -10.953 1.00 14.17 ? 57  ILE A CD1 1 
ATOM   428  N N   . PRO A 1 58  ? 7.641   6.000   -11.769 1.00 13.55 ? 58  PRO A N   1 
ATOM   429  C CA  . PRO A 1 58  ? 9.057   5.933   -11.363 1.00 13.07 ? 58  PRO A CA  1 
ATOM   430  C C   . PRO A 1 58  ? 9.557   7.227   -10.810 1.00 13.44 ? 58  PRO A C   1 
ATOM   431  O O   . PRO A 1 58  ? 9.106   8.336   -11.150 1.00 14.60 ? 58  PRO A O   1 
ATOM   432  C CB  . PRO A 1 58  ? 9.739   5.594   -12.694 1.00 14.93 ? 58  PRO A CB  1 
ATOM   433  C CG  . PRO A 1 58  ? 8.764   4.843   -13.523 1.00 15.43 ? 58  PRO A CG  1 
ATOM   434  C CD  . PRO A 1 58  ? 7.451   5.547   -13.175 1.00 14.54 ? 58  PRO A CD  1 
ATOM   435  N N   . SER A 1 59  ? 10.429  7.114   -9.791  1.00 14.55 ? 59  SER A N   1 
ATOM   436  C CA  . SER A 1 59  ? 10.919  8.220   -9.034  1.00 15.11 ? 59  SER A CA  1 
ATOM   437  C C   . SER A 1 59  ? 9.914   8.956   -8.202  1.00 14.21 ? 59  SER A C   1 
ATOM   438  O O   . SER A 1 59  ? 9.970   10.088  -7.869  1.00 16.50 ? 59  SER A O   1 
ATOM   439  C CB  . SER A 1 59  ? 11.711  9.203   -9.947  1.00 18.57 ? 59  SER A CB  1 
ATOM   440  O OG  . SER A 1 59  ? 12.844  8.579   -10.516 1.00 23.30 ? 59  SER A OG  1 
ATOM   441  N N   . PHE A 1 60  ? 8.840   8.204   -7.858  1.00 12.91 ? 60  PHE A N   1 
ATOM   442  C CA  . PHE A 1 60  ? 7.759   8.717   -6.971  1.00 13.71 ? 60  PHE A CA  1 
ATOM   443  C C   . PHE A 1 60  ? 7.259   7.597   -6.101  1.00 12.17 ? 60  PHE A C   1 
ATOM   444  O O   . PHE A 1 60  ? 7.592   7.607   -4.870  1.00 12.26 ? 60  PHE A O   1 
ATOM   445  C CB  . PHE A 1 60  ? 6.632   9.383   -7.855  1.00 12.82 ? 60  PHE A CB  1 
ATOM   446  C CG  . PHE A 1 60  ? 5.451   9.966   -7.092  1.00 12.29 ? 60  PHE A CG  1 
ATOM   447  C CD1 . PHE A 1 60  ? 5.559   10.350  -5.745  1.00 12.30 ? 60  PHE A CD1 1 
ATOM   448  C CD2 . PHE A 1 60  ? 4.249   10.282  -7.747  1.00 13.08 ? 60  PHE A CD2 1 
ATOM   449  C CE1 . PHE A 1 60  ? 4.532   10.914  -5.064  1.00 14.57 ? 60  PHE A CE1 1 
ATOM   450  C CE2 . PHE A 1 60  ? 3.170   10.800  -7.048  1.00 13.74 ? 60  PHE A CE2 1 
ATOM   451  C CZ  . PHE A 1 60  ? 3.352   11.175  -5.753  1.00 13.24 ? 60  PHE A CZ  1 
ATOM   452  N N   . MET A 1 61  ? 6.360   6.762   -6.599  1.00 11.25 ? 61  MET A N   1 
ATOM   453  C CA  . MET A 1 61  ? 5.670   5.789   -5.717  1.00 11.04 ? 61  MET A CA  1 
ATOM   454  C C   . MET A 1 61  ? 5.001   4.711   -6.445  1.00 11.11 ? 61  MET A C   1 
ATOM   455  O O   . MET A 1 61  ? 4.786   4.822   -7.710  1.00 11.63 ? 61  MET A O   1 
ATOM   456  C CB  . MET A 1 61  ? 4.685   6.460   -4.705  1.00 11.41 ? 61  MET A CB  1 
ATOM   457  C CG  . MET A 1 61  ? 3.533   7.225   -5.370  1.00 12.44 ? 61  MET A CG  1 
ATOM   458  S SD  . MET A 1 61  ? 2.195   6.187   -5.863  1.00 12.33 ? 61  MET A SD  1 
ATOM   459  C CE  . MET A 1 61  ? 1.916   6.669   -7.570  1.00 13.46 ? 61  MET A CE  1 
ATOM   460  N N   . CYS A 1 62  ? 4.676   3.592   -5.801  1.00 10.98 ? 62  CYS A N   1 
ATOM   461  C CA  . CYS A 1 62  ? 3.908   2.481   -6.316  1.00 11.32 ? 62  CYS A CA  1 
ATOM   462  C C   . CYS A 1 62  ? 2.599   2.334   -5.608  1.00 11.16 ? 62  CYS A C   1 
ATOM   463  O O   . CYS A 1 62  ? 2.635   2.207   -4.350  1.00 10.81 ? 62  CYS A O   1 
ATOM   464  C CB  . CYS A 1 62  ? 4.636   1.172   -6.156  1.00 11.02 ? 62  CYS A CB  1 
ATOM   465  S SG  . CYS A 1 62  ? 6.362   1.136   -6.846  1.00 13.39 ? 62  CYS A SG  1 
ATOM   466  N N   . GLN A 1 63  ? 1.462   2.457   -6.257  1.00 11.01 ? 63  GLN A N   1 
ATOM   467  C CA  . GLN A 1 63  ? 0.089   2.525   -5.642  1.00 10.06 ? 63  GLN A CA  1 
ATOM   468  C C   . GLN A 1 63  ? -0.705  1.309   -5.904  1.00 10.50 ? 63  GLN A C   1 
ATOM   469  O O   . GLN A 1 63  ? -0.710  0.806   -7.081  1.00 10.96 ? 63  GLN A O   1 
ATOM   470  C CB  . GLN A 1 63  ? -0.615  3.789   -6.077  1.00 11.44 ? 63  GLN A CB  1 
ATOM   471  C CG  . GLN A 1 63  ? -2.021  4.033   -5.429  1.00 11.46 ? 63  GLN A CG  1 
ATOM   472  C CD  . GLN A 1 63  ? -2.595  5.356   -5.773  1.00 12.77 ? 63  GLN A CD  1 
ATOM   473  O OE1 . GLN A 1 63  ? -1.887  6.305   -6.186  1.00 14.99 ? 63  GLN A OE1 1 
ATOM   474  N NE2 . GLN A 1 63  ? -3.891  5.490   -5.623  1.00 13.51 ? 63  GLN A NE2 1 
ATOM   475  N N   . ALA A 1 64  ? -1.436  0.757   -4.941  1.00 10.59 ? 64  ALA A N   1 
ATOM   476  C CA  . ALA A 1 64  ? -2.218  -0.421  -5.010  1.00 9.82  ? 64  ALA A CA  1 
ATOM   477  C C   . ALA A 1 64  ? -3.435  -0.294  -4.070  1.00 10.10 ? 64  ALA A C   1 
ATOM   478  O O   . ALA A 1 64  ? -3.723  0.760   -3.532  1.00 10.56 ? 64  ALA A O   1 
ATOM   479  C CB  . ALA A 1 64  ? -1.355  -1.622  -4.612  1.00 10.69 ? 64  ALA A CB  1 
ATOM   480  N N   . GLY A 1 65  ? -4.128  -1.412  -3.938  1.00 10.75 ? 65  GLY A N   1 
ATOM   481  C CA  . GLY A 1 65  ? -5.258  -1.541  -2.980  1.00 10.71 ? 65  GLY A CA  1 
ATOM   482  C C   . GLY A 1 65  ? -6.658  -1.354  -3.488  1.00 11.52 ? 65  GLY A C   1 
ATOM   483  O O   . GLY A 1 65  ? -7.581  -1.504  -2.668  1.00 11.85 ? 65  GLY A O   1 
ATOM   484  N N   . ASP A 1 66  ? -6.790  -1.127  -4.790  1.00 11.32 ? 66  ASP A N   1 
ATOM   485  C CA  . ASP A 1 66  ? -8.199  -1.048  -5.365  1.00 13.02 ? 66  ASP A CA  1 
ATOM   486  C C   . ASP A 1 66  ? -8.510  -2.409  -5.807  1.00 13.15 ? 66  ASP A C   1 
ATOM   487  O O   . ASP A 1 66  ? -8.420  -2.805  -6.963  1.00 13.03 ? 66  ASP A O   1 
ATOM   488  C CB  . ASP A 1 66  ? -8.283  -0.053  -6.540  1.00 12.25 ? 66  ASP A CB  1 
ATOM   489  C CG  . ASP A 1 66  ? -9.653  -0.050  -7.099  1.00 12.48 ? 66  ASP A CG  1 
ATOM   490  O OD1 . ASP A 1 66  ? -10.517 -0.823  -6.643  1.00 13.17 ? 66  ASP A OD1 1 
ATOM   491  O OD2 . ASP A 1 66  ? -9.860  0.791   -8.025  1.00 13.84 ? 66  ASP A OD2 1 
ATOM   492  N N   . PHE A 1 67  ? -9.038  -3.228  -4.852  1.00 12.62 ? 67  PHE A N   1 
ATOM   493  C CA  . PHE A 1 67  ? -9.372  -4.608  -5.061  1.00 13.36 ? 67  PHE A CA  1 
ATOM   494  C C   . PHE A 1 67  ? -10.758 -4.846  -5.652  1.00 14.76 ? 67  PHE A C   1 
ATOM   495  O O   . PHE A 1 67  ? -11.082 -6.046  -5.904  1.00 17.74 ? 67  PHE A O   1 
ATOM   496  C CB  . PHE A 1 67  ? -9.116  -5.485  -3.779  1.00 14.05 ? 67  PHE A CB  1 
ATOM   497  C CG  . PHE A 1 67  ? -9.861  -5.069  -2.557  1.00 12.46 ? 67  PHE A CG  1 
ATOM   498  C CD1 . PHE A 1 67  ? -11.199 -5.409  -2.427  1.00 15.00 ? 67  PHE A CD1 1 
ATOM   499  C CD2 . PHE A 1 67  ? -9.320  -4.374  -1.577  1.00 12.78 ? 67  PHE A CD2 1 
ATOM   500  C CE1 . PHE A 1 67  ? -11.911 -4.990  -1.258  1.00 15.46 ? 67  PHE A CE1 1 
ATOM   501  C CE2 . PHE A 1 67  ? -10.030 -3.969  -0.433  1.00 13.86 ? 67  PHE A CE2 1 
ATOM   502  C CZ  . PHE A 1 67  ? -11.318 -4.250  -0.309  1.00 14.00 ? 67  PHE A CZ  1 
ATOM   503  N N   . THR A 1 68  ? -11.495 -3.786  -5.876  1.00 14.18 ? 68  THR A N   1 
ATOM   504  C CA  . THR A 1 68  ? -12.850 -3.913  -6.526  1.00 16.92 ? 68  THR A CA  1 
ATOM   505  C C   . THR A 1 68  ? -12.835 -3.540  -7.987  1.00 17.81 ? 68  THR A C   1 
ATOM   506  O O   . THR A 1 68  ? -13.407 -4.260  -8.828  1.00 20.32 ? 68  THR A O   1 
ATOM   507  C CB  . THR A 1 68  ? -13.880 -3.117  -5.756  1.00 18.23 ? 68  THR A CB  1 
ATOM   508  O OG1 . THR A 1 68  ? -13.665 -1.755  -5.691  1.00 19.93 ? 68  THR A OG1 1 
ATOM   509  C CG2 . THR A 1 68  ? -13.956 -3.535  -4.243  1.00 20.02 ? 68  THR A CG2 1 
ATOM   510  N N   . ASN A 1 69  ? -12.126 -2.442  -8.333  1.00 15.87 ? 69  ASN A N   1 
ATOM   511  C CA  . ASN A 1 69  ? -12.193 -1.926  -9.708  1.00 18.01 ? 69  ASN A CA  1 
ATOM   512  C C   . ASN A 1 69  ? -10.863 -1.886  -10.391 1.00 16.90 ? 69  ASN A C   1 
ATOM   513  O O   . ASN A 1 69  ? -10.733 -1.684  -11.643 1.00 16.17 ? 69  ASN A O   1 
ATOM   514  C CB  . ASN A 1 69  ? -12.796 -0.523  -9.741  1.00 17.30 ? 69  ASN A CB  1 
ATOM   515  C CG  . ASN A 1 69  ? -14.276 -0.511  -9.400  1.00 20.64 ? 69  ASN A CG  1 
ATOM   516  O OD1 . ASN A 1 69  ? -14.922 -1.605  -9.457  1.00 22.47 ? 69  ASN A OD1 1 
ATOM   517  N ND2 . ASN A 1 69  ? -14.748 0.583   -8.989  1.00 19.56 ? 69  ASN A ND2 1 
ATOM   518  N N   . HIS A 1 70  ? -9.753  -2.100  -9.680  1.00 13.50 ? 70  HIS A N   1 
ATOM   519  C CA  . HIS A 1 70  ? -8.449  -2.264  -10.295 1.00 14.36 ? 70  HIS A CA  1 
ATOM   520  C C   . HIS A 1 70  ? -7.949  -1.041  -11.071 1.00 13.63 ? 70  HIS A C   1 
ATOM   521  O O   . HIS A 1 70  ? -7.099  -1.199  -11.922 1.00 14.69 ? 70  HIS A O   1 
ATOM   522  C CB  . HIS A 1 70  ? -8.408  -3.552  -11.152 1.00 16.35 ? 70  HIS A CB  1 
ATOM   523  C CG  . HIS A 1 70  ? -9.019  -4.706  -10.421 1.00 18.47 ? 70  HIS A CG  1 
ATOM   524  N ND1 . HIS A 1 70  ? -8.385  -5.348  -9.369  1.00 18.28 ? 70  HIS A ND1 1 
ATOM   525  C CD2 . HIS A 1 70  ? -10.214 -5.325  -10.585 1.00 24.36 ? 70  HIS A CD2 1 
ATOM   526  C CE1 . HIS A 1 70  ? -9.172  -6.324  -8.925  1.00 22.15 ? 70  HIS A CE1 1 
ATOM   527  N NE2 . HIS A 1 70  ? -10.292 -6.299  -9.623  1.00 24.35 ? 70  HIS A NE2 1 
ATOM   528  N N   . ASN A 1 71  ? -8.401  0.142   -10.639 1.00 12.28 ? 71  ASN A N   1 
ATOM   529  C CA  . ASN A 1 71  ? -8.032  1.349   -11.411 1.00 13.49 ? 71  ASN A CA  1 
ATOM   530  C C   . ASN A 1 71  ? -7.984  2.621   -10.668 1.00 13.25 ? 71  ASN A C   1 
ATOM   531  O O   . ASN A 1 71  ? -7.891  3.714   -11.295 1.00 13.91 ? 71  ASN A O   1 
ATOM   532  C CB  . ASN A 1 71  ? -8.941  1.469   -12.643 1.00 13.61 ? 71  ASN A CB  1 
ATOM   533  C CG  . ASN A 1 71  ? -10.357 1.663   -12.303 1.00 13.33 ? 71  ASN A CG  1 
ATOM   534  O OD1 . ASN A 1 71  ? -10.760 1.941   -11.165 1.00 14.45 ? 71  ASN A OD1 1 
ATOM   535  N ND2 . ASN A 1 71  ? -11.218 1.567   -13.289 1.00 16.95 ? 71  ASN A ND2 1 
ATOM   536  N N   . GLY A 1 72  ? -8.091  2.580   -9.337  1.00 12.89 ? 72  GLY A N   1 
ATOM   537  C CA  . GLY A 1 72  ? -8.143  3.764   -8.508  1.00 13.57 ? 72  GLY A CA  1 
ATOM   538  C C   . GLY A 1 72  ? -9.462  4.371   -8.145  1.00 14.34 ? 72  GLY A C   1 
ATOM   539  O O   . GLY A 1 72  ? -9.502  5.330   -7.354  1.00 16.78 ? 72  GLY A O   1 
ATOM   540  N N   . THR A 1 73  ? -10.507 3.777   -8.667  1.00 15.49 ? 73  THR A N   1 
ATOM   541  C CA  . THR A 1 73  ? -11.840 4.236   -8.417  1.00 15.71 ? 73  THR A CA  1 
ATOM   542  C C   . THR A 1 73  ? -12.547 3.471   -7.308  1.00 19.36 ? 73  THR A C   1 
ATOM   543  O O   . THR A 1 73  ? -13.637 3.944   -6.905  1.00 22.02 ? 73  THR A O   1 
ATOM   544  C CB  . THR A 1 73  ? -12.759 4.189   -9.696  1.00 16.24 ? 73  THR A CB  1 
ATOM   545  O OG1 . THR A 1 73  ? -12.965 2.932   -10.124 1.00 17.36 ? 73  THR A OG1 1 
ATOM   546  C CG2 . THR A 1 73  ? -12.058 5.062   -10.849 1.00 16.90 ? 73  THR A CG2 1 
ATOM   547  N N   . GLY A 1 74  ? -11.969 2.368   -6.810  1.00 16.62 ? 74  GLY A N   1 
ATOM   548  C CA  . GLY A 1 74  ? -12.664 1.456   -5.869  1.00 16.66 ? 74  GLY A CA  1 
ATOM   549  C C   . GLY A 1 74  ? -11.835 1.224   -4.553  1.00 16.41 ? 74  GLY A C   1 
ATOM   550  O O   . GLY A 1 74  ? -11.017 2.002   -4.154  1.00 19.73 ? 74  GLY A O   1 
ATOM   551  N N   . GLY A 1 75  ? -12.173 0.079   -4.036  1.00 15.85 ? 75  GLY A N   1 
ATOM   552  C CA  . GLY A 1 75  ? -11.706 -0.375  -2.651  1.00 17.07 ? 75  GLY A CA  1 
ATOM   553  C C   . GLY A 1 75  ? -12.628 0.045   -1.581  1.00 17.00 ? 75  GLY A C   1 
ATOM   554  O O   . GLY A 1 75  ? -13.615 0.802   -1.769  1.00 18.15 ? 75  GLY A O   1 
ATOM   555  N N   . LYS A 1 76  ? -12.403 -0.474  -0.381  1.00 14.11 ? 76  LYS A N   1 
ATOM   556  C CA  . LYS A 1 76  ? -13.217 -0.184  0.807   1.00 13.40 ? 76  LYS A CA  1 
ATOM   557  C C   . LYS A 1 76  ? -12.396 -0.597  1.987   1.00 11.59 ? 76  LYS A C   1 
ATOM   558  O O   . LYS A 1 76  ? -11.508 -1.505  1.922   1.00 12.16 ? 76  LYS A O   1 
ATOM   559  C CB  . LYS A 1 76  ? -14.595 -0.914  0.821   1.00 13.67 ? 76  LYS A CB  1 
ATOM   560  C CG  . LYS A 1 76  ? -14.529 -2.394  0.752   1.00 15.09 ? 76  LYS A CG  1 
ATOM   561  C CD  . LYS A 1 76  ? -15.878 -3.119  0.716   1.00 18.09 ? 76  LYS A CD  1 
ATOM   562  C CE  . LYS A 1 76  ? -15.707 -4.602  0.532   1.00 21.33 ? 76  LYS A CE  1 
ATOM   563  N NZ  . LYS A 1 76  ? -17.102 -5.210  0.608   1.00 25.38 ? 76  LYS A NZ  1 
ATOM   564  N N   . SER A 1 77  ? -12.717 -0.015  3.143   1.00 11.13 ? 77  SER A N   1 
ATOM   565  C CA  . SER A 1 77  ? -12.039 -0.362  4.427   1.00 11.40 ? 77  SER A CA  1 
ATOM   566  C C   . SER A 1 77  ? -12.763 -1.462  5.141   1.00 11.28 ? 77  SER A C   1 
ATOM   567  O O   . SER A 1 77  ? -13.895 -1.826  4.836   1.00 12.10 ? 77  SER A O   1 
ATOM   568  C CB  . SER A 1 77  ? -11.860 0.855   5.262   1.00 12.61 ? 77  SER A CB  1 
ATOM   569  O OG  . SER A 1 77  ? -13.051 1.147   6.090   1.00 14.97 ? 77  SER A OG  1 
ATOM   570  N N   . ILE A 1 78  ? -12.150 -2.017  6.204   1.00 11.04 ? 78  ILE A N   1 
ATOM   571  C CA  . ILE A 1 78  ? -12.843 -3.001  7.052   1.00 11.36 ? 78  ILE A CA  1 
ATOM   572  C C   . ILE A 1 78  ? -13.945 -2.323  7.897   1.00 12.07 ? 78  ILE A C   1 
ATOM   573  O O   . ILE A 1 78  ? -14.735 -3.065  8.512   1.00 13.25 ? 78  ILE A O   1 
ATOM   574  C CB  . ILE A 1 78  ? -11.816 -3.700  7.994   1.00 12.65 ? 78  ILE A CB  1 
ATOM   575  C CG1 . ILE A 1 78  ? -11.230 -2.807  9.025   1.00 11.77 ? 78  ILE A CG1 1 
ATOM   576  C CG2 . ILE A 1 78  ? -10.753 -4.453  7.183   1.00 14.12 ? 78  ILE A CG2 1 
ATOM   577  C CD1 . ILE A 1 78  ? -10.412 -3.558  10.106  1.00 12.84 ? 78  ILE A CD1 1 
ATOM   578  N N   . TYR A 1 79  ? -13.985 -1.031  7.953   1.00 10.46 ? 79  TYR A N   1 
ATOM   579  C CA  . TYR A 1 79  ? -14.968 -0.282  8.778   1.00 12.44 ? 79  TYR A CA  1 
ATOM   580  C C   . TYR A 1 79  ? -16.198 0.110   7.988   1.00 11.38 ? 79  TYR A C   1 
ATOM   581  O O   . TYR A 1 79  ? -17.260 0.374   8.631   1.00 13.77 ? 79  TYR A O   1 
ATOM   582  C CB  . TYR A 1 79  ? -14.335 0.954   9.401   1.00 12.01 ? 79  TYR A CB  1 
ATOM   583  C CG  . TYR A 1 79  ? -13.018 0.729   10.115  1.00 11.36 ? 79  TYR A CG  1 
ATOM   584  C CD1 . TYR A 1 79  ? -12.963 -0.115  11.232  1.00 12.18 ? 79  TYR A CD1 1 
ATOM   585  C CD2 . TYR A 1 79  ? -11.821 1.265   9.681   1.00 11.52 ? 79  TYR A CD2 1 
ATOM   586  C CE1 . TYR A 1 79  ? -11.776 -0.363  11.907  1.00 12.18 ? 79  TYR A CE1 1 
ATOM   587  C CE2 . TYR A 1 79  ? -10.601 1.020   10.348  1.00 11.78 ? 79  TYR A CE2 1 
ATOM   588  C CZ  . TYR A 1 79  ? -10.617 0.208   11.414  1.00 11.65 ? 79  TYR A CZ  1 
ATOM   589  O OH  . TYR A 1 79  ? -9.406  -0.094  12.124  1.00 12.72 ? 79  TYR A OH  1 
ATOM   590  N N   . GLY A 1 80  ? -16.082 0.190   6.690   1.00 11.43 ? 80  GLY A N   1 
ATOM   591  C CA  . GLY A 1 80  ? -17.114 0.814   5.843   1.00 12.13 ? 80  GLY A CA  1 
ATOM   592  C C   . GLY A 1 80  ? -16.447 1.384   4.639   1.00 13.81 ? 80  GLY A C   1 
ATOM   593  O O   . GLY A 1 80  ? -15.252 1.064   4.310   1.00 13.03 ? 80  GLY A O   1 
ATOM   594  N N   . SER A 1 81  ? -17.100 2.220   3.882   1.00 11.56 ? 81  SER A N   1 
ATOM   595  C CA  . SER A 1 81  ? -16.551 2.636   2.585   1.00 11.75 ? 81  SER A CA  1 
ATOM   596  C C   . SER A 1 81  ? -15.422 3.609   2.710   1.00 14.40 ? 81  SER A C   1 
ATOM   597  O O   . SER A 1 81  ? -14.552 3.655   1.766   1.00 19.35 ? 81  SER A O   1 
ATOM   598  C CB  . SER A 1 81  ? -17.663 3.332   1.740   1.00 13.92 ? 81  SER A CB  1 
ATOM   599  O OG  . SER A 1 81  ? -18.180 4.505   2.123   1.00 17.43 ? 81  SER A OG  1 
ATOM   600  N N   . ARG A 1 82  ? -15.314 4.374   3.755   1.00 11.35 ? 82  ARG A N   1 
ATOM   601  C CA  . ARG A 1 82  ? -14.245 5.333   4.026   1.00 12.26 ? 82  ARG A CA  1 
ATOM   602  C C   . ARG A 1 82  ? -14.102 5.575   5.536   1.00 11.80 ? 82  ARG A C   1 
ATOM   603  O O   . ARG A 1 82  ? -15.106 5.326   6.322   1.00 13.49 ? 82  ARG A O   1 
ATOM   604  C CB  . ARG A 1 82  ? -14.501 6.686   3.338   1.00 16.52 ? 82  ARG A CB  1 
ATOM   605  C CG  . ARG A 1 82  ? -15.899 7.225   3.566   1.00 18.77 ? 82  ARG A CG  1 
ATOM   606  C CD  . ARG A 1 82  ? -16.131 8.598   2.978   1.00 21.21 ? 82  ARG A CD  1 
ATOM   607  N NE  . ARG A 1 82  ? -16.131 8.699   1.485   1.00 19.39 ? 82  ARG A NE  1 
ATOM   608  C CZ  . ARG A 1 82  ? -16.322 9.868   0.915   1.00 19.78 ? 82  ARG A CZ  1 
ATOM   609  N NH1 . ARG A 1 82  ? -16.334 9.852   -0.408  1.00 31.29 ? 82  ARG A NH1 1 
ATOM   610  N NH2 . ARG A 1 82  ? -16.510 10.949  1.586   1.00 25.13 ? 82  ARG A NH2 1 
ATOM   611  N N   . PHE A 1 83  ? -12.944 6.027   5.998   1.00 11.22 ? 83  PHE A N   1 
ATOM   612  C CA  . PHE A 1 83  ? -12.733 6.324   7.389   1.00 10.43 ? 83  PHE A CA  1 
ATOM   613  C C   . PHE A 1 83  ? -11.867 7.534   7.572   1.00 10.61 ? 83  PHE A C   1 
ATOM   614  O O   . PHE A 1 83  ? -11.075 7.901   6.664   1.00 11.33 ? 83  PHE A O   1 
ATOM   615  C CB  . PHE A 1 83  ? -12.271 5.054   8.209   1.00 12.35 ? 83  PHE A CB  1 
ATOM   616  C CG  . PHE A 1 83  ? -10.820 4.534   7.898   1.00 11.96 ? 83  PHE A CG  1 
ATOM   617  C CD1 . PHE A 1 83  ? -10.590 3.776   6.759   1.00 11.63 ? 83  PHE A CD1 1 
ATOM   618  C CD2 . PHE A 1 83  ? -9.783  4.871   8.756   1.00 12.38 ? 83  PHE A CD2 1 
ATOM   619  C CE1 . PHE A 1 83  ? -9.328  3.267   6.488   1.00 11.22 ? 83  PHE A CE1 1 
ATOM   620  C CE2 . PHE A 1 83  ? -8.537  4.302   8.520   1.00 12.76 ? 83  PHE A CE2 1 
ATOM   621  C CZ  . PHE A 1 83  ? -8.342  3.564   7.397   1.00 10.87 ? 83  PHE A CZ  1 
ATOM   622  N N   . PRO A 1 84  ? -11.897 8.184   8.743   1.00 11.57 ? 84  PRO A N   1 
ATOM   623  C CA  . PRO A 1 84  ? -11.171 9.421   8.961   1.00 12.41 ? 84  PRO A CA  1 
ATOM   624  C C   . PRO A 1 84  ? -9.634  9.300   8.860   1.00 11.70 ? 84  PRO A C   1 
ATOM   625  O O   . PRO A 1 84  ? -9.122  8.241   9.142   1.00 12.37 ? 84  PRO A O   1 
ATOM   626  C CB  . PRO A 1 84  ? -11.533 9.834   10.412  1.00 13.91 ? 84  PRO A CB  1 
ATOM   627  C CG  . PRO A 1 84  ? -12.841 9.129   10.659  1.00 14.53 ? 84  PRO A CG  1 
ATOM   628  C CD  . PRO A 1 84  ? -12.782 7.873   9.925   1.00 13.05 ? 84  PRO A CD  1 
ATOM   629  N N   . ASP A 1 85  ? -9.009  10.421  8.579   1.00 11.15 ? 85  ASP A N   1 
ATOM   630  C CA  . ASP A 1 85  ? -7.548  10.559  8.818   1.00 12.48 ? 85  ASP A CA  1 
ATOM   631  C C   . ASP A 1 85  ? -7.279  10.468  10.316  1.00 13.18 ? 85  ASP A C   1 
ATOM   632  O O   . ASP A 1 85  ? -7.744  11.290  11.144  1.00 14.28 ? 85  ASP A O   1 
ATOM   633  C CB  . ASP A 1 85  ? -7.090  11.910  8.261   1.00 12.06 ? 85  ASP A CB  1 
ATOM   634  C CG  . ASP A 1 85  ? -7.206  12.032  6.771   1.00 12.74 ? 85  ASP A CG  1 
ATOM   635  O OD1 . ASP A 1 85  ? -6.888  11.080  6.030   1.00 12.56 ? 85  ASP A OD1 1 
ATOM   636  O OD2 . ASP A 1 85  ? -7.649  13.163  6.357   1.00 13.93 ? 85  ASP A OD2 1 
ATOM   637  N N   . GLU A 1 86  ? -6.473  9.439   10.663  1.00 12.02 ? 86  GLU A N   1 
ATOM   638  C CA  . GLU A 1 86  ? -6.275  9.135   12.097  1.00 12.27 ? 86  GLU A CA  1 
ATOM   639  C C   . GLU A 1 86  ? -5.402  10.191  12.788  1.00 13.85 ? 86  GLU A C   1 
ATOM   640  O O   . GLU A 1 86  ? -5.776  10.819  13.851  1.00 15.01 ? 86  GLU A O   1 
ATOM   641  C CB  . GLU A 1 86  ? -5.719  7.759   12.226  1.00 11.39 ? 86  GLU A CB  1 
ATOM   642  C CG  . GLU A 1 86  ? -5.624  7.240   13.671  1.00 12.11 ? 86  GLU A CG  1 
ATOM   643  C CD  . GLU A 1 86  ? -5.327  5.770   13.774  1.00 13.24 ? 86  GLU A CD  1 
ATOM   644  O OE1 . GLU A 1 86  ? -4.985  5.092   12.739  1.00 11.30 ? 86  GLU A OE1 1 
ATOM   645  O OE2 . GLU A 1 86  ? -5.522  5.161   14.871  1.00 13.09 ? 86  GLU A OE2 1 
ATOM   646  N N   . ASN A 1 87  ? -4.225  10.435  12.236  1.00 12.23 ? 87  ASN A N   1 
ATOM   647  C CA  . ASN A 1 87  ? -3.350  11.517  12.608  1.00 13.14 ? 87  ASN A CA  1 
ATOM   648  C C   . ASN A 1 87  ? -2.276  11.656  11.536  1.00 12.93 ? 87  ASN A C   1 
ATOM   649  O O   . ASN A 1 87  ? -2.219  10.814  10.630  1.00 13.16 ? 87  ASN A O   1 
ATOM   650  C CB  . ASN A 1 87  ? -2.680  11.333  14.023  1.00 12.08 ? 87  ASN A CB  1 
ATOM   651  C CG  . ASN A 1 87  ? -1.836  10.094  14.112  1.00 13.53 ? 87  ASN A CG  1 
ATOM   652  O OD1 . ASN A 1 87  ? -0.855  9.941   13.318  1.00 13.86 ? 87  ASN A OD1 1 
ATOM   653  N ND2 . ASN A 1 87  ? -2.148  9.176   14.985  1.00 13.51 ? 87  ASN A ND2 1 
ATOM   654  N N   . PHE A 1 88  ? -1.461  12.693  11.595  1.00 13.11 ? 88  PHE A N   1 
ATOM   655  C CA  . PHE A 1 88  ? -0.370  12.939  10.662  1.00 13.00 ? 88  PHE A CA  1 
ATOM   656  C C   . PHE A 1 88  ? 0.986   12.959  11.408  1.00 12.50 ? 88  PHE A C   1 
ATOM   657  O O   . PHE A 1 88  ? 1.895   13.690  11.036  1.00 15.00 ? 88  PHE A O   1 
ATOM   658  C CB  . PHE A 1 88  ? -0.574  14.221  9.877   1.00 13.56 ? 88  PHE A CB  1 
ATOM   659  C CG  . PHE A 1 88  ? -1.857  14.215  9.046   1.00 12.69 ? 88  PHE A CG  1 
ATOM   660  C CD1 . PHE A 1 88  ? -1.959  13.401  7.910   1.00 14.04 ? 88  PHE A CD1 1 
ATOM   661  C CD2 . PHE A 1 88  ? -2.971  15.007  9.368   1.00 14.53 ? 88  PHE A CD2 1 
ATOM   662  C CE1 . PHE A 1 88  ? -3.154  13.351  7.191   1.00 13.19 ? 88  PHE A CE1 1 
ATOM   663  C CE2 . PHE A 1 88  ? -4.149  14.902  8.691   1.00 15.18 ? 88  PHE A CE2 1 
ATOM   664  C CZ  . PHE A 1 88  ? -4.218  14.135  7.505   1.00 12.87 ? 88  PHE A CZ  1 
ATOM   665  N N   . THR A 1 89  ? 1.062   12.125  12.437  1.00 13.07 ? 89  THR A N   1 
ATOM   666  C CA  . THR A 1 89  ? 2.312   12.123  13.270  1.00 13.50 ? 89  THR A CA  1 
ATOM   667  C C   . THR A 1 89  ? 3.526   11.639  12.538  1.00 13.38 ? 89  THR A C   1 
ATOM   668  O O   . THR A 1 89  ? 4.609   12.245  12.629  1.00 14.78 ? 89  THR A O   1 
ATOM   669  C CB  . THR A 1 89  ? 2.015   11.230  14.464  1.00 14.07 ? 89  THR A CB  1 
ATOM   670  O OG1 . THR A 1 89  ? 0.958   11.892  15.200  1.00 17.07 ? 89  THR A OG1 1 
ATOM   671  C CG2 . THR A 1 89  ? 3.260   11.099  15.385  1.00 15.57 ? 89  THR A CG2 1 
ATOM   672  N N   . LEU A 1 90  ? 3.337   10.558  11.769  1.00 12.18 ? 90  LEU A N   1 
ATOM   673  C CA  . LEU A 1 90  ? 4.469   9.982   10.932  1.00 12.92 ? 90  LEU A CA  1 
ATOM   674  C C   . LEU A 1 90  ? 4.595   10.781  9.635   1.00 13.23 ? 90  LEU A C   1 
ATOM   675  O O   . LEU A 1 90  ? 3.587   11.152  9.010   1.00 13.04 ? 90  LEU A O   1 
ATOM   676  C CB  . LEU A 1 90  ? 4.285   8.508   10.678  1.00 12.43 ? 90  LEU A CB  1 
ATOM   677  C CG  . LEU A 1 90  ? 4.317   7.623   11.928  1.00 14.50 ? 90  LEU A CG  1 
ATOM   678  C CD1 . LEU A 1 90  ? 3.811   6.252   11.718  1.00 14.54 ? 90  LEU A CD1 1 
ATOM   679  C CD2 . LEU A 1 90  ? 5.726   7.541   12.586  1.00 17.78 ? 90  LEU A CD2 1 
ATOM   680  N N   . LYS A 1 91  ? 5.791   10.992  9.139   1.00 13.99 ? 91  LYS A N   1 
ATOM   681  C CA  . LYS A 1 91  ? 6.113   11.798  7.950   1.00 13.77 ? 91  LYS A CA  1 
ATOM   682  C C   . LYS A 1 91  ? 6.675   10.974  6.818   1.00 12.45 ? 91  LYS A C   1 
ATOM   683  O O   . LYS A 1 91  ? 7.130   9.852   6.985   1.00 12.84 ? 91  LYS A O   1 
ATOM   684  C CB  . LYS A 1 91  ? 7.033   12.997  8.303   1.00 15.08 ? 91  LYS A CB  1 
ATOM   685  C CG  . LYS A 1 91  ? 6.587   13.807  9.515   1.00 16.41 ? 91  LYS A CG  1 
ATOM   686  C CD  . LYS A 1 91  ? 5.206   14.419  9.338   1.00 17.36 ? 91  LYS A CD  1 
ATOM   687  C CE  . LYS A 1 91  ? 4.941   15.324  10.544  1.00 19.77 ? 91  LYS A CE  1 
ATOM   688  N NZ  . LYS A 1 91  ? 3.532   15.862  10.566  1.00 22.92 ? 91  LYS A NZ  1 
ATOM   689  N N   . HIS A 1 92  ? 6.586   11.534  5.612   1.00 11.89 ? 92  HIS A N   1 
ATOM   690  C CA  . HIS A 1 92  ? 7.087   10.939  4.398   1.00 10.98 ? 92  HIS A CA  1 
ATOM   691  C C   . HIS A 1 92  ? 8.579   11.246  4.284   1.00 12.79 ? 92  HIS A C   1 
ATOM   692  O O   . HIS A 1 92  ? 8.980   12.173  3.612   1.00 14.79 ? 92  HIS A O   1 
ATOM   693  C CB  . HIS A 1 92  ? 6.293   11.451  3.195   1.00 12.43 ? 92  HIS A CB  1 
ATOM   694  C CG  . HIS A 1 92  ? 4.819   11.134  3.188   1.00 11.60 ? 92  HIS A CG  1 
ATOM   695  N ND1 . HIS A 1 92  ? 3.903   11.918  3.847   1.00 11.62 ? 92  HIS A ND1 1 
ATOM   696  C CD2 . HIS A 1 92  ? 4.110   10.149  2.580   1.00 11.31 ? 92  HIS A CD2 1 
ATOM   697  C CE1 . HIS A 1 92  ? 2.692   11.398  3.689   1.00 10.01 ? 92  HIS A CE1 1 
ATOM   698  N NE2 . HIS A 1 92  ? 2.774   10.338  2.880   1.00 10.11 ? 92  HIS A NE2 1 
ATOM   699  N N   . VAL A 1 93  ? 9.361   10.434  4.961   1.00 13.30 ? 93  VAL A N   1 
ATOM   700  C CA  . VAL A 1 93  ? 10.809  10.769  5.234   1.00 14.74 ? 93  VAL A CA  1 
ATOM   701  C C   . VAL A 1 93  ? 11.701  10.210  4.191   1.00 15.19 ? 93  VAL A C   1 
ATOM   702  O O   . VAL A 1 93  ? 12.874  10.683  4.099   1.00 17.85 ? 93  VAL A O   1 
ATOM   703  C CB  . VAL A 1 93  ? 11.216  10.255  6.627   1.00 15.32 ? 93  VAL A CB  1 
ATOM   704  C CG1 . VAL A 1 93  ? 10.497  10.984  7.741   1.00 17.04 ? 93  VAL A CG1 1 
ATOM   705  C CG2 . VAL A 1 93  ? 11.082  8.775   6.748   1.00 14.99 ? 93  VAL A CG2 1 
ATOM   706  N N   . GLY A 1 94  ? 11.277  9.292   3.323   1.00 13.45 ? 94  GLY A N   1 
ATOM   707  C CA  . GLY A 1 94  ? 12.209  8.691   2.368   1.00 13.11 ? 94  GLY A CA  1 
ATOM   708  C C   . GLY A 1 94  ? 11.618  7.556   1.633   1.00 13.29 ? 94  GLY A C   1 
ATOM   709  O O   . GLY A 1 94  ? 10.387  7.212   1.831   1.00 13.24 ? 94  GLY A O   1 
ATOM   710  N N   . PRO A 1 95  ? 12.331  6.821   0.773   1.00 12.64 ? 95  PRO A N   1 
ATOM   711  C CA  . PRO A 1 95  ? 11.891  5.648   0.148   1.00 13.97 ? 95  PRO A CA  1 
ATOM   712  C C   . PRO A 1 95  ? 11.502  4.578   1.168   1.00 13.19 ? 95  PRO A C   1 
ATOM   713  O O   . PRO A 1 95  ? 12.141  4.482   2.238   1.00 14.50 ? 95  PRO A O   1 
ATOM   714  C CB  . PRO A 1 95  ? 13.091  5.130   -0.687  1.00 15.72 ? 95  PRO A CB  1 
ATOM   715  C CG  . PRO A 1 95  ? 14.051  6.257   -0.614  1.00 17.86 ? 95  PRO A CG  1 
ATOM   716  C CD  . PRO A 1 95  ? 13.776  7.149   0.459   1.00 14.47 ? 95  PRO A CD  1 
ATOM   717  N N   . GLY A 1 96  ? 10.483  3.762   0.894   1.00 10.68 ? 96  GLY A N   1 
ATOM   718  C CA  . GLY A 1 96  ? 10.054  2.687   1.771   1.00 11.50 ? 96  GLY A CA  1 
ATOM   719  C C   . GLY A 1 96  ? 8.902   3.103   2.705   1.00 9.77  ? 96  GLY A C   1 
ATOM   720  O O   . GLY A 1 96  ? 8.378   2.194   3.358   1.00 11.56 ? 96  GLY A O   1 
ATOM   721  N N   . VAL A 1 97  ? 8.572   4.367   2.766   1.00 10.67 ? 97  VAL A N   1 
ATOM   722  C CA  . VAL A 1 97  ? 7.354   4.787   3.540   1.00 10.04 ? 97  VAL A CA  1 
ATOM   723  C C   . VAL A 1 97  ? 6.069   4.217   2.970   1.00 10.05 ? 97  VAL A C   1 
ATOM   724  O O   . VAL A 1 97  ? 5.913   4.194   1.739   1.00 10.35 ? 97  VAL A O   1 
ATOM   725  C CB  . VAL A 1 97  ? 7.294   6.294   3.578   1.00 10.66 ? 97  VAL A CB  1 
ATOM   726  C CG1 . VAL A 1 97  ? 5.936   6.801   4.073   1.00 12.15 ? 97  VAL A CG1 1 
ATOM   727  C CG2 . VAL A 1 97  ? 8.425   6.856   4.465   1.00 13.14 ? 97  VAL A CG2 1 
ATOM   728  N N   . LEU A 1 98  ? 5.225   3.670   3.821   1.00 8.90  ? 98  LEU A N   1 
ATOM   729  C CA  . LEU A 1 98  ? 3.869   3.086   3.476   1.00 9.64  ? 98  LEU A CA  1 
ATOM   730  C C   . LEU A 1 98  ? 2.804   4.088   3.941   1.00 9.56  ? 98  LEU A C   1 
ATOM   731  O O   . LEU A 1 98  ? 2.789   4.469   5.151   1.00 10.18 ? 98  LEU A O   1 
ATOM   732  C CB  . LEU A 1 98  ? 3.697   1.781   4.184   1.00 10.09 ? 98  LEU A CB  1 
ATOM   733  C CG  . LEU A 1 98  ? 2.370   1.080   4.068   1.00 9.75  ? 98  LEU A CG  1 
ATOM   734  C CD1 . LEU A 1 98  ? 2.189   0.582   2.670   1.00 10.79 ? 98  LEU A CD1 1 
ATOM   735  C CD2 . LEU A 1 98  ? 2.304   -0.137  5.012   1.00 11.19 ? 98  LEU A CD2 1 
ATOM   736  N N   . SER A 1 99  ? 1.938   4.578   3.082   1.00 9.32  ? 99  SER A N   1 
ATOM   737  C CA  . SER A 1 99  ? 1.033   5.725   3.318   1.00 9.07  ? 99  SER A CA  1 
ATOM   738  C C   . SER A 1 99  ? -0.292  5.429   2.587   1.00 9.25  ? 99  SER A C   1 
ATOM   739  O O   . SER A 1 99  ? -0.399  4.660   1.601   1.00 9.10  ? 99  SER A O   1 
ATOM   740  C CB  . SER A 1 99  ? 1.725   6.969   2.896   1.00 10.02 ? 99  SER A CB  1 
ATOM   741  O OG  . SER A 1 99  ? 0.924   8.124   3.200   1.00 10.40 ? 99  SER A OG  1 
ATOM   742  N N   . MET A 1 100 ? -1.360  6.048   3.141   1.00 10.01 ? 100 MET A N   1 
ATOM   743  C CA  . MET A 1 100 ? -2.727  5.911   2.547   1.00 10.80 ? 100 MET A CA  1 
ATOM   744  C C   . MET A 1 100 ? -2.968  6.844   1.390   1.00 9.30  ? 100 MET A C   1 
ATOM   745  O O   . MET A 1 100 ? -2.725  8.045   1.491   1.00 10.68 ? 100 MET A O   1 
ATOM   746  C CB  . MET A 1 100 ? -3.805  6.175   3.614   1.00 10.24 ? 100 MET A CB  1 
ATOM   747  C CG  . MET A 1 100 ? -3.906  5.101   4.666   1.00 12.16 ? 100 MET A CG  1 
ATOM   748  S SD  . MET A 1 100 ? -4.208  3.418   4.099   1.00 11.19 ? 100 MET A SD  1 
ATOM   749  C CE  . MET A 1 100 ? -5.955  3.538   3.683   1.00 12.16 ? 100 MET A CE  1 
ATOM   750  N N   . ALA A 1 101 ? -3.411  6.283   0.250   1.00 9.97  ? 101 ALA A N   1 
ATOM   751  C CA  . ALA A 1 101 ? -3.967  7.138   -0.830  1.00 10.63 ? 101 ALA A CA  1 
ATOM   752  C C   . ALA A 1 101 ? -5.339  7.672   -0.453  1.00 11.25 ? 101 ALA A C   1 
ATOM   753  O O   . ALA A 1 101 ? -5.984  7.136   0.482   1.00 11.62 ? 101 ALA A O   1 
ATOM   754  C CB  . ALA A 1 101 ? -4.097  6.264   -2.051  1.00 10.66 ? 101 ALA A CB  1 
ATOM   755  N N   . ASN A 1 102 ? -5.733  8.791   -1.031  1.00 10.15 ? 102 ASN A N   1 
ATOM   756  C CA  . ASN A 1 102 ? -7.046  9.382   -0.688  1.00 10.29 ? 102 ASN A CA  1 
ATOM   757  C C   . ASN A 1 102 ? -7.509  10.279  -1.815  1.00 11.63 ? 102 ASN A C   1 
ATOM   758  O O   . ASN A 1 102 ? -6.793  10.498  -2.808  1.00 12.74 ? 102 ASN A O   1 
ATOM   759  C CB  . ASN A 1 102 ? -6.975  10.034  0.690   1.00 10.16 ? 102 ASN A CB  1 
ATOM   760  C CG  . ASN A 1 102 ? -6.143  11.259  0.716   1.00 12.32 ? 102 ASN A CG  1 
ATOM   761  O OD1 . ASN A 1 102 ? -6.210  12.119  -0.186  1.00 12.55 ? 102 ASN A OD1 1 
ATOM   762  N ND2 . ASN A 1 102 ? -5.305  11.407  1.782   1.00 11.02 ? 102 ASN A ND2 1 
ATOM   763  N N   . ALA A 1 103 ? -8.767  10.733  -1.658  1.00 11.68 ? 103 ALA A N   1 
ATOM   764  C CA  . ALA A 1 103 ? -9.376  11.748  -2.540  1.00 12.46 ? 103 ALA A CA  1 
ATOM   765  C C   . ALA A 1 103 ? -9.674  12.954  -1.748  1.00 13.12 ? 103 ALA A C   1 
ATOM   766  O O   . ALA A 1 103 ? -10.754 13.594  -1.949  1.00 13.43 ? 103 ALA A O   1 
ATOM   767  C CB  . ALA A 1 103 ? -10.639 11.093  -3.167  1.00 14.71 ? 103 ALA A CB  1 
ATOM   768  N N   . GLY A 1 104 ? -8.818  13.390  -0.853  1.00 11.79 ? 104 GLY A N   1 
ATOM   769  C CA  . GLY A 1 104 ? -9.076  14.494  0.015   1.00 11.89 ? 104 GLY A CA  1 
ATOM   770  C C   . GLY A 1 104 ? -9.189  14.173  1.486   1.00 11.83 ? 104 GLY A C   1 
ATOM   771  O O   . GLY A 1 104 ? -9.095  12.959  1.858   1.00 11.42 ? 104 GLY A O   1 
ATOM   772  N N   . PRO A 1 105 ? -9.458  15.092  2.370   1.00 12.24 ? 105 PRO A N   1 
ATOM   773  C CA  . PRO A 1 105 ? -9.601  14.826  3.797   1.00 12.45 ? 105 PRO A CA  1 
ATOM   774  C C   . PRO A 1 105 ? -10.619 13.746  4.143   1.00 12.85 ? 105 PRO A C   1 
ATOM   775  O O   . PRO A 1 105 ? -11.778 13.655  3.619   1.00 13.12 ? 105 PRO A O   1 
ATOM   776  C CB  . PRO A 1 105 ? -9.998  16.142  4.383   1.00 15.93 ? 105 PRO A CB  1 
ATOM   777  C CG  . PRO A 1 105 ? -9.437  17.159  3.462   1.00 16.50 ? 105 PRO A CG  1 
ATOM   778  C CD  . PRO A 1 105 ? -9.609  16.522  2.080   1.00 14.34 ? 105 PRO A CD  1 
ATOM   779  N N   . ASN A 1 106 ? -10.263 12.807  5.008   1.00 11.55 ? 106 ASN A N   1 
ATOM   780  C CA  . ASN A 1 106 ? -11.197 11.809  5.518   1.00 12.31 ? 106 ASN A CA  1 
ATOM   781  C C   . ASN A 1 106 ? -11.847 10.981  4.501   1.00 12.42 ? 106 ASN A C   1 
ATOM   782  O O   . ASN A 1 106 ? -13.029 10.637  4.516   1.00 12.33 ? 106 ASN A O   1 
ATOM   783  C CB  . ASN A 1 106 ? -12.242 12.496  6.489   1.00 12.40 ? 106 ASN A CB  1 
ATOM   784  C CG  . ASN A 1 106 ? -11.590 13.315  7.538   1.00 13.13 ? 106 ASN A CG  1 
ATOM   785  O OD1 . ASN A 1 106 ? -10.755 12.750  8.334   1.00 13.34 ? 106 ASN A OD1 1 
ATOM   786  N ND2 . ASN A 1 106 ? -11.890 14.574  7.582   1.00 15.05 ? 106 ASN A ND2 1 
ATOM   787  N N   . THR A 1 107 ? -11.041 10.426  3.602   1.00 11.22 ? 107 THR A N   1 
ATOM   788  C CA  . THR A 1 107 ? -11.484 9.564   2.481   1.00 11.59 ? 107 THR A CA  1 
ATOM   789  C C   . THR A 1 107 ? -10.680 8.279   2.360   1.00 12.88 ? 107 THR A C   1 
ATOM   790  O O   . THR A 1 107 ? -10.682 7.605   1.326   1.00 15.67 ? 107 THR A O   1 
ATOM   791  C CB  . THR A 1 107 ? -11.588 10.259  1.093   1.00 12.18 ? 107 THR A CB  1 
ATOM   792  O OG1 . THR A 1 107 ? -10.305 10.736  0.729   1.00 12.29 ? 107 THR A OG1 1 
ATOM   793  C CG2 . THR A 1 107 ? -12.573 11.409  1.101   1.00 13.99 ? 107 THR A CG2 1 
ATOM   794  N N   . ASN A 1 108 ? -10.062 7.845   3.432   1.00 10.95 ? 108 ASN A N   1 
ATOM   795  C CA  . ASN A 1 108 ? -9.274  6.591   3.440   1.00 11.26 ? 108 ASN A CA  1 
ATOM   796  C C   . ASN A 1 108 ? -10.118 5.365   3.202   1.00 11.17 ? 108 ASN A C   1 
ATOM   797  O O   . ASN A 1 108 ? -11.238 5.305   3.772   1.00 11.68 ? 108 ASN A O   1 
ATOM   798  C CB  . ASN A 1 108 ? -8.550  6.411   4.777   1.00 11.32 ? 108 ASN A CB  1 
ATOM   799  C CG  . ASN A 1 108 ? -7.665  7.520   5.057   1.00 12.24 ? 108 ASN A CG  1 
ATOM   800  O OD1 . ASN A 1 108 ? -6.579  7.693   4.458   1.00 13.79 ? 108 ASN A OD1 1 
ATOM   801  N ND2 . ASN A 1 108 ? -8.055  8.398   5.984   1.00 12.35 ? 108 ASN A ND2 1 
ATOM   802  N N   . GLY A 1 109 ? -9.707  4.429   2.329   1.00 10.44 ? 109 GLY A N   1 
ATOM   803  C CA  . GLY A 1 109 ? -10.398 3.201   2.117   1.00 9.97  ? 109 GLY A CA  1 
ATOM   804  C C   . GLY A 1 109 ? -9.438  2.034   2.269   1.00 10.65 ? 109 GLY A C   1 
ATOM   805  O O   . GLY A 1 109 ? -9.090  1.612   3.376   1.00 12.38 ? 109 GLY A O   1 
ATOM   806  N N   . SER A 1 110 ? -9.032  1.485   1.164   1.00 10.94 ? 110 SER A N   1 
ATOM   807  C CA  . SER A 1 110 ? -8.043  0.404   1.059   1.00 10.32 ? 110 SER A CA  1 
ATOM   808  C C   . SER A 1 110 ? -6.850  0.776   0.221   1.00 9.48  ? 110 SER A C   1 
ATOM   809  O O   . SER A 1 110 ? -5.830  0.060   0.282   1.00 10.51 ? 110 SER A O   1 
ATOM   810  C CB  . SER A 1 110 ? -8.657  -0.864  0.569   1.00 11.11 ? 110 SER A CB  1 
ATOM   811  O OG  . SER A 1 110 ? -9.257  -0.633  -0.726  1.00 11.53 ? 110 SER A OG  1 
ATOM   812  N N   . GLN A 1 111 ? -6.871  1.841   -0.578  1.00 9.99  ? 111 GLN A N   1 
ATOM   813  C CA  . GLN A 1 111 ? -5.761  2.111   -1.496  1.00 9.60  ? 111 GLN A CA  1 
ATOM   814  C C   . GLN A 1 111 ? -4.618  2.696   -0.689  1.00 9.06  ? 111 GLN A C   1 
ATOM   815  O O   . GLN A 1 111 ? -4.769  3.499   0.322   1.00 9.48  ? 111 GLN A O   1 
ATOM   816  C CB  . GLN A 1 111 ? -6.147  3.077   -2.601  1.00 10.97 ? 111 GLN A CB  1 
ATOM   817  C CG  . GLN A 1 111 ? -7.105  2.475   -3.619  1.00 10.89 ? 111 GLN A CG  1 
ATOM   818  C CD  . GLN A 1 111 ? -7.370  3.417   -4.734  1.00 11.55 ? 111 GLN A CD  1 
ATOM   819  O OE1 . GLN A 1 111 ? -6.481  3.964   -5.354  1.00 11.61 ? 111 GLN A OE1 1 
ATOM   820  N NE2 . GLN A 1 111 ? -8.645  3.655   -4.952  1.00 12.35 ? 111 GLN A NE2 1 
ATOM   821  N N   . PHE A 1 112 ? -3.385  2.349   -1.077  1.00 9.12  ? 112 PHE A N   1 
ATOM   822  C CA  . PHE A 1 112 ? -2.136  2.715   -0.334  1.00 8.91  ? 112 PHE A CA  1 
ATOM   823  C C   . PHE A 1 112 ? -0.997  2.892   -1.302  1.00 8.65  ? 112 PHE A C   1 
ATOM   824  O O   . PHE A 1 112 ? -1.114  2.490   -2.522  1.00 9.30  ? 112 PHE A O   1 
ATOM   825  C CB  . PHE A 1 112 ? -1.789  1.606   0.682   1.00 9.34  ? 112 PHE A CB  1 
ATOM   826  C CG  . PHE A 1 112 ? -1.429  0.290   0.045   1.00 9.24  ? 112 PHE A CG  1 
ATOM   827  C CD1 . PHE A 1 112 ? -2.372  -0.638  -0.271  1.00 10.06 ? 112 PHE A CD1 1 
ATOM   828  C CD2 . PHE A 1 112 ? -0.066  -0.013  -0.224  1.00 10.23 ? 112 PHE A CD2 1 
ATOM   829  C CE1 . PHE A 1 112 ? -2.051  -1.860  -0.819  1.00 11.29 ? 112 PHE A CE1 1 
ATOM   830  C CE2 . PHE A 1 112 ? 0.251   -1.290  -0.746  1.00 10.46 ? 112 PHE A CE2 1 
ATOM   831  C CZ  . PHE A 1 112 ? -0.729  -2.177  -1.063  1.00 10.34 ? 112 PHE A CZ  1 
ATOM   832  N N   . PHE A 1 113 ? 0.107   3.460   -0.878  1.00 9.07  ? 113 PHE A N   1 
ATOM   833  C CA  . PHE A 1 113 ? 1.275   3.549   -1.729  1.00 9.16  ? 113 PHE A CA  1 
ATOM   834  C C   . PHE A 1 113 ? 2.559   3.319   -0.945  1.00 9.32  ? 113 PHE A C   1 
ATOM   835  O O   . PHE A 1 113 ? 2.607   3.542   0.300   1.00 9.92  ? 113 PHE A O   1 
ATOM   836  C CB  . PHE A 1 113 ? 1.327   4.887   -2.528  1.00 9.04  ? 113 PHE A CB  1 
ATOM   837  C CG  . PHE A 1 113 ? 1.386   6.122   -1.663  1.00 10.03 ? 113 PHE A CG  1 
ATOM   838  C CD1 . PHE A 1 113 ? 0.198   6.665   -1.090  1.00 10.39 ? 113 PHE A CD1 1 
ATOM   839  C CD2 . PHE A 1 113 ? 2.581   6.864   -1.455  1.00 11.00 ? 113 PHE A CD2 1 
ATOM   840  C CE1 . PHE A 1 113 ? 0.247   7.817   -0.332  1.00 9.80  ? 113 PHE A CE1 1 
ATOM   841  C CE2 . PHE A 1 113 ? 2.593   8.024   -0.705  1.00 10.91 ? 113 PHE A CE2 1 
ATOM   842  C CZ  . PHE A 1 113 ? 1.390   8.492   -0.147  1.00 9.83  ? 113 PHE A CZ  1 
ATOM   843  N N   . ILE A 1 114 ? 3.547   2.835   -1.650  1.00 10.11 ? 114 ILE A N   1 
ATOM   844  C CA  . ILE A 1 114 ? 4.934   2.639   -1.120  1.00 10.28 ? 114 ILE A CA  1 
ATOM   845  C C   . ILE A 1 114 ? 5.814   3.679   -1.813  1.00 9.64  ? 114 ILE A C   1 
ATOM   846  O O   . ILE A 1 114 ? 5.916   3.595   -3.080  1.00 11.04 ? 114 ILE A O   1 
ATOM   847  C CB  . ILE A 1 114 ? 5.426   1.209   -1.282  1.00 11.29 ? 114 ILE A CB  1 
ATOM   848  C CG1 . ILE A 1 114 ? 4.506   0.203   -0.574  1.00 11.58 ? 114 ILE A CG1 1 
ATOM   849  C CG2 . ILE A 1 114 ? 6.888   1.120   -0.727  1.00 11.65 ? 114 ILE A CG2 1 
ATOM   850  C CD1 . ILE A 1 114 ? 4.800   -1.262  -0.854  1.00 14.21 ? 114 ILE A CD1 1 
ATOM   851  N N   . CYS A 1 115 ? 6.456   4.554   -1.139  1.00 10.60 ? 115 CYS A N   1 
ATOM   852  C CA  . CYS A 1 115 ? 7.296   5.609   -1.725  1.00 10.92 ? 115 CYS A CA  1 
ATOM   853  C C   . CYS A 1 115 ? 8.581   5.041   -2.227  1.00 11.51 ? 115 CYS A C   1 
ATOM   854  O O   . CYS A 1 115 ? 9.188   4.146   -1.642  1.00 12.54 ? 115 CYS A O   1 
ATOM   855  C CB  . CYS A 1 115 ? 7.586   6.640   -0.654  1.00 11.04 ? 115 CYS A CB  1 
ATOM   856  S SG  . CYS A 1 115 ? 6.080   7.475   -0.056  1.00 13.05 ? 115 CYS A SG  1 
ATOM   857  N N   . THR A 1 116 ? 9.062   5.552   -3.372  1.00 11.55 ? 116 THR A N   1 
ATOM   858  C CA  . THR A 1 116 ? 10.424  5.230   -3.879  1.00 11.91 ? 116 THR A CA  1 
ATOM   859  C C   . THR A 1 116 ? 11.295  6.416   -3.795  1.00 13.27 ? 116 THR A C   1 
ATOM   860  O O   . THR A 1 116 ? 12.460  6.340   -4.268  1.00 15.34 ? 116 THR A O   1 
ATOM   861  C CB  . THR A 1 116 ? 10.332  4.637   -5.277  1.00 12.46 ? 116 THR A CB  1 
ATOM   862  O OG1 . THR A 1 116 ? 9.760   5.614   -6.160  1.00 15.14 ? 116 THR A OG1 1 
ATOM   863  C CG2 . THR A 1 116 ? 9.591   3.367   -5.313  1.00 14.46 ? 116 THR A CG2 1 
ATOM   864  N N   . ILE A 1 117 ? 10.877  7.499   -3.228  1.00 12.78 ? 117 ILE A N   1 
ATOM   865  C CA  . ILE A 1 117 ? 11.625  8.726   -2.955  1.00 14.35 ? 117 ILE A CA  1 
ATOM   866  C C   . ILE A 1 117 ? 11.082  9.405   -1.680  1.00 14.12 ? 117 ILE A C   1 
ATOM   867  O O   . ILE A 1 117 ? 9.949   9.002   -1.244  1.00 13.82 ? 117 ILE A O   1 
ATOM   868  C CB  . ILE A 1 117 ? 11.598  9.728   -4.111  1.00 17.28 ? 117 ILE A CB  1 
ATOM   869  C CG1 . ILE A 1 117 ? 10.207  10.298  -4.325  1.00 16.50 ? 117 ILE A CG1 1 
ATOM   870  C CG2 . ILE A 1 117 ? 12.318  9.144   -5.367  1.00 21.61 ? 117 ILE A CG2 1 
ATOM   871  C CD1 . ILE A 1 117 ? 10.188  11.568  -5.190  1.00 22.13 ? 117 ILE A CD1 1 
ATOM   872  N N   . LYS A 1 118 ? 11.668  10.423  -1.087  1.00 13.77 ? 118 LYS A N   1 
ATOM   873  C CA  . LYS A 1 118 ? 11.063  11.232  -0.057  1.00 13.03 ? 118 LYS A CA  1 
ATOM   874  C C   . LYS A 1 118 ? 9.938   12.030  -0.662  1.00 14.01 ? 118 LYS A C   1 
ATOM   875  O O   . LYS A 1 118 ? 10.128  12.817  -1.586  1.00 15.79 ? 118 LYS A O   1 
ATOM   876  C CB  . LYS A 1 118 ? 12.124  12.191  0.515   1.00 15.51 ? 118 LYS A CB  1 
ATOM   877  C CG  . LYS A 1 118 ? 11.631  13.136  1.594   1.00 18.04 ? 118 LYS A CG  1 
ATOM   878  C CD  . LYS A 1 118 ? 12.839  13.857  2.320   1.00 21.53 ? 118 LYS A CD  1 
ATOM   879  C CE  . LYS A 1 118 ? 12.395  14.930  3.264   1.00 36.74 ? 118 LYS A CE  1 
ATOM   880  N NZ  . LYS A 1 118 ? 12.670  16.308  2.724   1.00 47.04 ? 118 LYS A NZ  1 
ATOM   881  N N   . THR A 1 119 ? 8.697   11.896  -0.158  1.00 12.86 ? 119 THR A N   1 
ATOM   882  C CA  . THR A 1 119 ? 7.538   12.619  -0.705  1.00 13.63 ? 119 THR A CA  1 
ATOM   883  C C   . THR A 1 119 ? 6.966   13.545  0.420   1.00 13.67 ? 119 THR A C   1 
ATOM   884  O O   . THR A 1 119 ? 5.758   13.511  0.724   1.00 13.30 ? 119 THR A O   1 
ATOM   885  C CB  . THR A 1 119 ? 6.480   11.598  -1.163  1.00 12.36 ? 119 THR A CB  1 
ATOM   886  O OG1 . THR A 1 119 ? 5.925   10.813  -0.094  1.00 12.59 ? 119 THR A OG1 1 
ATOM   887  C CG2 . THR A 1 119 ? 6.931   10.721  -2.261  1.00 14.33 ? 119 THR A CG2 1 
ATOM   888  N N   . ASP A 1 120 ? 7.784   14.465  0.934   1.00 13.84 ? 120 ASP A N   1 
ATOM   889  C CA  . ASP A 1 120 ? 7.432   15.296  2.070   1.00 15.04 ? 120 ASP A CA  1 
ATOM   890  C C   . ASP A 1 120 ? 6.331   16.316  1.808   1.00 12.96 ? 120 ASP A C   1 
ATOM   891  O O   . ASP A 1 120 ? 5.686   16.810  2.726   1.00 15.04 ? 120 ASP A O   1 
ATOM   892  C CB  . ASP A 1 120 ? 8.753   15.960  2.600   1.00 17.15 ? 120 ASP A CB  1 
ATOM   893  C CG  . ASP A 1 120 ? 9.417   16.746  1.576   1.00 18.20 ? 120 ASP A CG  1 
ATOM   894  O OD1 . ASP A 1 120 ? 9.848   16.275  0.564   1.00 23.78 ? 120 ASP A OD1 1 
ATOM   895  O OD2 . ASP A 1 120 ? 9.400   17.977  1.741   1.00 32.57 ? 120 ASP A OD2 1 
ATOM   896  N N   . TRP A 1 121 ? 6.094   16.638  0.520   1.00 13.08 ? 121 TRP A N   1 
ATOM   897  C CA  . TRP A 1 121 ? 4.945   17.449  0.157   1.00 13.46 ? 121 TRP A CA  1 
ATOM   898  C C   . TRP A 1 121 ? 3.592   16.815  0.409   1.00 13.37 ? 121 TRP A C   1 
ATOM   899  O O   . TRP A 1 121 ? 2.579   17.490  0.344   1.00 13.47 ? 121 TRP A O   1 
ATOM   900  C CB  . TRP A 1 121 ? 5.032   17.862  -1.360  1.00 13.84 ? 121 TRP A CB  1 
ATOM   901  C CG  . TRP A 1 121 ? 5.028   16.706  -2.317  1.00 14.46 ? 121 TRP A CG  1 
ATOM   902  C CD1 . TRP A 1 121 ? 3.906   16.083  -2.902  1.00 14.03 ? 121 TRP A CD1 1 
ATOM   903  C CD2 . TRP A 1 121 ? 6.151   15.978  -2.796  1.00 14.98 ? 121 TRP A CD2 1 
ATOM   904  N NE1 . TRP A 1 121 ? 4.317   15.052  -3.666  1.00 14.77 ? 121 TRP A NE1 1 
ATOM   905  C CE2 . TRP A 1 121 ? 5.672   14.913  -3.605  1.00 16.68 ? 121 TRP A CE2 1 
ATOM   906  C CE3 . TRP A 1 121 ? 7.561   16.102  -2.605  1.00 14.87 ? 121 TRP A CE3 1 
ATOM   907  C CZ2 . TRP A 1 121 ? 6.507   14.015  -4.253  1.00 16.47 ? 121 TRP A CZ2 1 
ATOM   908  C CZ3 . TRP A 1 121 ? 8.329   15.171  -3.229  1.00 17.57 ? 121 TRP A CZ3 1 
ATOM   909  C CH2 . TRP A 1 121 ? 7.835   14.160  -4.014  1.00 16.26 ? 121 TRP A CH2 1 
ATOM   910  N N   . LEU A 1 122 ? 3.594   15.507  0.752   1.00 12.28 ? 122 LEU A N   1 
ATOM   911  C CA  . LEU A 1 122 ? 2.397   14.803  1.209   1.00 12.51 ? 122 LEU A CA  1 
ATOM   912  C C   . LEU A 1 122 ? 2.120   14.857  2.725   1.00 12.61 ? 122 LEU A C   1 
ATOM   913  O O   . LEU A 1 122 ? 1.098   14.406  3.195   1.00 12.11 ? 122 LEU A O   1 
ATOM   914  C CB  . LEU A 1 122 ? 2.433   13.410  0.655   1.00 11.53 ? 122 LEU A CB  1 
ATOM   915  C CG  . LEU A 1 122 ? 2.536   13.283  -0.894  1.00 11.99 ? 122 LEU A CG  1 
ATOM   916  C CD1 . LEU A 1 122 ? 2.534   11.783  -1.262  1.00 12.00 ? 122 LEU A CD1 1 
ATOM   917  C CD2 . LEU A 1 122 ? 1.395   14.038  -1.582  1.00 12.68 ? 122 LEU A CD2 1 
ATOM   918  N N   . ASP A 1 123 ? 3.061   15.381  3.496   1.00 12.16 ? 123 ASP A N   1 
ATOM   919  C CA  . ASP A 1 123 ? 2.958   15.470  4.947   1.00 13.22 ? 123 ASP A CA  1 
ATOM   920  C C   . ASP A 1 123 ? 1.745   16.281  5.363   1.00 13.11 ? 123 ASP A C   1 
ATOM   921  O O   . ASP A 1 123 ? 1.569   17.390  4.816   1.00 14.75 ? 123 ASP A O   1 
ATOM   922  C CB  . ASP A 1 123 ? 4.229   16.077  5.547   1.00 12.76 ? 123 ASP A CB  1 
ATOM   923  C CG  . ASP A 1 123 ? 5.408   15.202  5.498   1.00 13.64 ? 123 ASP A CG  1 
ATOM   924  O OD1 . ASP A 1 123 ? 5.356   14.020  5.146   1.00 13.59 ? 123 ASP A OD1 1 
ATOM   925  O OD2 . ASP A 1 123 ? 6.557   15.686  5.844   1.00 15.23 ? 123 ASP A OD2 1 
ATOM   926  N N   . GLY A 1 124 ? 0.942   15.749  6.274   1.00 12.66 ? 124 GLY A N   1 
ATOM   927  C CA  . GLY A 1 124 ? -0.269  16.463  6.684   1.00 12.63 ? 124 GLY A CA  1 
ATOM   928  C C   . GLY A 1 124 ? -1.439  16.260  5.774   1.00 12.37 ? 124 GLY A C   1 
ATOM   929  O O   . GLY A 1 124 ? -2.534  16.791  6.085   1.00 14.77 ? 124 GLY A O   1 
ATOM   930  N N   . LYS A 1 125 ? -1.279  15.525  4.680   1.00 12.83 ? 125 LYS A N   1 
ATOM   931  C CA  . LYS A 1 125 ? -2.340  15.248  3.685   1.00 12.68 ? 125 LYS A CA  1 
ATOM   932  C C   . LYS A 1 125 ? -2.636  13.770  3.540   1.00 11.71 ? 125 LYS A C   1 
ATOM   933  O O   . LYS A 1 125 ? -3.763  13.380  3.306   1.00 13.41 ? 125 LYS A O   1 
ATOM   934  C CB  . LYS A 1 125 ? -1.985  15.835  2.349   1.00 14.35 ? 125 LYS A CB  1 
ATOM   935  C CG  . LYS A 1 125 ? -1.931  17.387  2.458   1.00 17.90 ? 125 LYS A CG  1 
ATOM   936  C CD  . LYS A 1 125 ? -1.297  18.032  1.264   1.00 20.03 ? 125 LYS A CD  1 
ATOM   937  C CE  . LYS A 1 125 ? -1.476  19.556  1.239   1.00 23.31 ? 125 LYS A CE  1 
ATOM   938  N NZ  . LYS A 1 125 ? -0.655  20.149  2.338   1.00 27.23 ? 125 LYS A NZ  1 
ATOM   939  N N   . HIS A 1 126 ? -1.636  12.891  3.670   1.00 10.52 ? 126 HIS A N   1 
ATOM   940  C CA  . HIS A 1 126 ? -1.757  11.441  3.604   1.00 10.81 ? 126 HIS A CA  1 
ATOM   941  C C   . HIS A 1 126 ? -1.269  10.841  4.897   1.00 11.58 ? 126 HIS A C   1 
ATOM   942  O O   . HIS A 1 126 ? -0.207  11.290  5.420   1.00 11.60 ? 126 HIS A O   1 
ATOM   943  C CB  . HIS A 1 126 ? -0.976  10.906  2.391   1.00 10.64 ? 126 HIS A CB  1 
ATOM   944  C CG  . HIS A 1 126 ? -1.515  11.373  1.068   1.00 10.71 ? 126 HIS A CG  1 
ATOM   945  N ND1 . HIS A 1 126 ? -2.400  10.600  0.318   1.00 10.48 ? 126 HIS A ND1 1 
ATOM   946  C CD2 . HIS A 1 126 ? -1.382  12.552  0.415   1.00 11.56 ? 126 HIS A CD2 1 
ATOM   947  C CE1 . HIS A 1 126 ? -2.779  11.334  -0.743  1.00 10.75 ? 126 HIS A CE1 1 
ATOM   948  N NE2 . HIS A 1 126 ? -2.163  12.484  -0.727  1.00 12.68 ? 126 HIS A NE2 1 
ATOM   949  N N   . VAL A 1 127 ? -2.004  9.882   5.427   1.00 9.40  ? 127 VAL A N   1 
ATOM   950  C CA  . VAL A 1 127 ? -1.654  9.242   6.722   1.00 10.22 ? 127 VAL A CA  1 
ATOM   951  C C   . VAL A 1 127 ? -0.592  8.152   6.452   1.00 10.66 ? 127 VAL A C   1 
ATOM   952  O O   . VAL A 1 127 ? -0.877  7.113   5.841   1.00 10.29 ? 127 VAL A O   1 
ATOM   953  C CB  . VAL A 1 127 ? -2.883  8.623   7.343   1.00 10.40 ? 127 VAL A CB  1 
ATOM   954  C CG1 . VAL A 1 127 ? -2.509  7.862   8.640   1.00 11.24 ? 127 VAL A CG1 1 
ATOM   955  C CG2 . VAL A 1 127 ? -3.914  9.726   7.666   1.00 11.50 ? 127 VAL A CG2 1 
ATOM   956  N N   . VAL A 1 128 ? 0.606   8.399   6.986   1.00 9.64  ? 128 VAL A N   1 
ATOM   957  C CA  . VAL A 1 128 ? 1.674   7.383   7.022   1.00 10.41 ? 128 VAL A CA  1 
ATOM   958  C C   . VAL A 1 128 ? 1.426   6.376   8.076   1.00 9.17  ? 128 VAL A C   1 
ATOM   959  O O   . VAL A 1 128 ? 1.076   6.791   9.225   1.00 10.80 ? 128 VAL A O   1 
ATOM   960  C CB  . VAL A 1 128 ? 3.039   8.059   7.213   1.00 9.75  ? 128 VAL A CB  1 
ATOM   961  C CG1 . VAL A 1 128 ? 4.192   7.039   7.367   1.00 10.34 ? 128 VAL A CG1 1 
ATOM   962  C CG2 . VAL A 1 128 ? 3.362   9.017   6.071   1.00 10.63 ? 128 VAL A CG2 1 
ATOM   963  N N   . PHE A 1 129 ? 1.590   5.103   7.816   1.00 9.39  ? 129 PHE A N   1 
ATOM   964  C CA  . PHE A 1 129 ? 1.256   4.054   8.786   1.00 9.54  ? 129 PHE A CA  1 
ATOM   965  C C   . PHE A 1 129 ? 2.234   2.889   8.900   1.00 10.06 ? 129 PHE A C   1 
ATOM   966  O O   . PHE A 1 129 ? 1.970   1.865   9.553   1.00 10.52 ? 129 PHE A O   1 
ATOM   967  C CB  . PHE A 1 129 ? -0.195  3.532   8.621   1.00 9.82  ? 129 PHE A CB  1 
ATOM   968  C CG  . PHE A 1 129 ? -0.460  2.814   7.339   1.00 9.25  ? 129 PHE A CG  1 
ATOM   969  C CD1 . PHE A 1 129 ? -0.759  3.548   6.101   1.00 9.91  ? 129 PHE A CD1 1 
ATOM   970  C CD2 . PHE A 1 129 ? -0.489  1.442   7.260   1.00 9.38  ? 129 PHE A CD2 1 
ATOM   971  C CE1 . PHE A 1 129 ? -0.957  2.878   4.952   1.00 9.13  ? 129 PHE A CE1 1 
ATOM   972  C CE2 . PHE A 1 129 ? -0.744  0.733   6.104   1.00 9.61  ? 129 PHE A CE2 1 
ATOM   973  C CZ  . PHE A 1 129 ? -1.020  1.504   4.924   1.00 9.94  ? 129 PHE A CZ  1 
ATOM   974  N N   . GLY A 1 130 ? 3.357   2.964   8.149   1.00 9.64  ? 130 GLY A N   1 
ATOM   975  C CA  . GLY A 1 130 ? 4.372   1.890   8.260   1.00 9.83  ? 130 GLY A CA  1 
ATOM   976  C C   . GLY A 1 130 ? 5.486   2.115   7.285   1.00 9.58  ? 130 GLY A C   1 
ATOM   977  O O   . GLY A 1 130 ? 5.642   3.207   6.745   1.00 9.83  ? 130 GLY A O   1 
ATOM   978  N N   . HIS A 1 131 ? 6.266   1.060   7.137   1.00 10.18 ? 131 HIS A N   1 
ATOM   979  C CA  . HIS A 1 131 ? 7.458   1.145   6.238   1.00 10.17 ? 131 HIS A CA  1 
ATOM   980  C C   . HIS A 1 131 ? 7.918   -0.250  5.896   1.00 10.67 ? 131 HIS A C   1 
ATOM   981  O O   . HIS A 1 131 ? 7.554   -1.274  6.466   1.00 10.33 ? 131 HIS A O   1 
ATOM   982  C CB  . HIS A 1 131 ? 8.628   1.927   6.887   1.00 11.67 ? 131 HIS A CB  1 
ATOM   983  C CG  . HIS A 1 131 ? 9.254   1.247   8.036   1.00 11.94 ? 131 HIS A CG  1 
ATOM   984  N ND1 . HIS A 1 131 ? 8.766   1.340   9.331   1.00 14.32 ? 131 HIS A ND1 1 
ATOM   985  C CD2 . HIS A 1 131 ? 10.363  0.466   8.072   1.00 14.04 ? 131 HIS A CD2 1 
ATOM   986  C CE1 . HIS A 1 131 ? 9.554   0.610   10.137  1.00 15.04 ? 131 HIS A CE1 1 
ATOM   987  N NE2 . HIS A 1 131 ? 10.512  0.091   9.385   1.00 15.02 ? 131 HIS A NE2 1 
ATOM   988  N N   . VAL A 1 132 ? 8.743   -0.292  4.822   1.00 10.79 ? 132 VAL A N   1 
ATOM   989  C CA  . VAL A 1 132 ? 9.362   -1.547  4.303   1.00 11.12 ? 132 VAL A CA  1 
ATOM   990  C C   . VAL A 1 132 ? 10.523  -2.022  5.229   1.00 10.11 ? 132 VAL A C   1 
ATOM   991  O O   . VAL A 1 132 ? 11.451  -1.287  5.450   1.00 11.29 ? 132 VAL A O   1 
ATOM   992  C CB  . VAL A 1 132 ? 9.871   -1.336  2.839   1.00 11.78 ? 132 VAL A CB  1 
ATOM   993  C CG1 . VAL A 1 132 ? 10.589  -2.588  2.364   1.00 13.53 ? 132 VAL A CG1 1 
ATOM   994  C CG2 . VAL A 1 132 ? 8.703   -0.972  1.898   1.00 11.73 ? 132 VAL A CG2 1 
ATOM   995  N N   . ILE A 1 133 ? 10.340  -3.225  5.707   1.00 9.96  ? 133 ILE A N   1 
ATOM   996  C CA  . ILE A 1 133 ? 11.371  -3.950  6.551   1.00 10.92 ? 133 ILE A CA  1 
ATOM   997  C C   . ILE A 1 133 ? 12.243  -4.757  5.636   1.00 12.88 ? 133 ILE A C   1 
ATOM   998  O O   . ILE A 1 133 ? 13.482  -4.786  5.987   1.00 14.95 ? 133 ILE A O   1 
ATOM   999  C CB  . ILE A 1 133 ? 10.609  -4.888  7.500   1.00 11.08 ? 133 ILE A CB  1 
ATOM   1000 C CG1 . ILE A 1 133 ? 9.858   -4.076  8.563   1.00 11.77 ? 133 ILE A CG1 1 
ATOM   1001 C CG2 . ILE A 1 133 ? 11.569  -5.931  8.172   1.00 12.44 ? 133 ILE A CG2 1 
ATOM   1002 C CD1 . ILE A 1 133 ? 10.677  -3.533  9.612   1.00 12.90 ? 133 ILE A CD1 1 
ATOM   1003 N N   . GLU A 1 134 ? 11.783  -5.405  4.584   1.00 11.85 ? 134 GLU A N   1 
ATOM   1004 C CA  . GLU A 1 134 ? 12.556  -6.190  3.657   1.00 13.46 ? 134 GLU A CA  1 
ATOM   1005 C C   . GLU A 1 134 ? 11.903  -6.097  2.354   1.00 14.80 ? 134 GLU A C   1 
ATOM   1006 O O   . GLU A 1 134 ? 10.658  -5.974  2.222   1.00 13.17 ? 134 GLU A O   1 
ATOM   1007 C CB  . GLU A 1 134 ? 12.564  -7.614  4.201   1.00 16.34 ? 134 GLU A CB  1 
ATOM   1008 C CG  . GLU A 1 134 ? 13.372  -8.590  3.478   1.00 16.86 ? 134 GLU A CG  1 
ATOM   1009 C CD  . GLU A 1 134 ? 12.978  -10.032 3.747   1.00 15.96 ? 134 GLU A CD  1 
ATOM   1010 O OE1 . GLU A 1 134 ? 13.169  -10.406 4.917   1.00 15.85 ? 134 GLU A OE1 1 
ATOM   1011 O OE2 . GLU A 1 134 ? 12.602  -10.800 2.851   1.00 16.15 ? 134 GLU A OE2 1 
ATOM   1012 N N   . GLY A 1 135 ? 12.657  -6.163  1.245   1.00 14.87 ? 135 GLY A N   1 
ATOM   1013 C CA  . GLY A 1 135 ? 12.143  -6.156  -0.087  1.00 14.04 ? 135 GLY A CA  1 
ATOM   1014 C C   . GLY A 1 135 ? 12.048  -4.857  -0.816  1.00 13.34 ? 135 GLY A C   1 
ATOM   1015 O O   . GLY A 1 135 ? 11.237  -4.751  -1.795  1.00 14.42 ? 135 GLY A O   1 
ATOM   1016 N N   . MET A 1 136 ? 12.812  -3.876  -0.398  1.00 14.52 ? 136 MET A N   1 
ATOM   1017 C CA  . MET A 1 136 ? 12.915  -2.643  -1.235  1.00 16.76 ? 136 MET A CA  1 
ATOM   1018 C C   . MET A 1 136 ? 13.380  -2.991  -2.647  1.00 16.82 ? 136 MET A C   1 
ATOM   1019 O O   . MET A 1 136 ? 12.979  -2.323  -3.634  1.00 16.32 ? 136 MET A O   1 
ATOM   1020 C CB  . MET A 1 136 ? 13.821  -1.636  -0.616  1.00 18.12 ? 136 MET A CB  1 
ATOM   1021 C CG  . MET A 1 136 ? 13.563  -0.243  -1.112  1.00 20.57 ? 136 MET A CG  1 
ATOM   1022 S SD  . MET A 1 136 ? 11.824  0.362   -0.653  1.00 20.35 ? 136 MET A SD  1 
ATOM   1023 C CE  . MET A 1 136 ? 11.862  1.522   -2.067  1.00 23.15 ? 136 MET A CE  1 
ATOM   1024 N N   . ASP A 1 137 ? 14.241  -4.014  -2.804  1.00 16.78 ? 137 ASP A N   1 
ATOM   1025 C CA  . ASP A 1 137 ? 14.579  -4.445  -4.184  1.00 17.62 ? 137 ASP A CA  1 
ATOM   1026 C C   . ASP A 1 137 ? 13.374  -4.904  -5.009  1.00 17.53 ? 137 ASP A C   1 
ATOM   1027 O O   . ASP A 1 137 ? 13.269  -4.721  -6.216  1.00 17.62 ? 137 ASP A O   1 
ATOM   1028 C CB  . ASP A 1 137 ? 15.699  -5.551  -4.058  1.00 18.84 ? 137 ASP A CB  1 
ATOM   1029 C CG  . ASP A 1 137 ? 15.205  -6.856  -3.475  1.00 23.20 ? 137 ASP A CG  1 
ATOM   1030 O OD1 . ASP A 1 137 ? 14.525  -6.852  -2.417  1.00 21.23 ? 137 ASP A OD1 1 
ATOM   1031 O OD2 . ASP A 1 137 ? 15.441  -7.995  -4.024  1.00 29.78 ? 137 ASP A OD2 1 
ATOM   1032 N N   . VAL A 1 138 ? 12.366  -5.531  -4.371  1.00 14.67 ? 138 VAL A N   1 
ATOM   1033 C CA  . VAL A 1 138 ? 11.164  -5.931  -4.996  1.00 14.33 ? 138 VAL A CA  1 
ATOM   1034 C C   . VAL A 1 138 ? 10.304  -4.694  -5.410  1.00 13.46 ? 138 VAL A C   1 
ATOM   1035 O O   . VAL A 1 138 ? 9.774   -4.618  -6.486  1.00 14.51 ? 138 VAL A O   1 
ATOM   1036 C CB  . VAL A 1 138 ? 10.306  -6.942  -4.110  1.00 13.66 ? 138 VAL A CB  1 
ATOM   1037 C CG1 . VAL A 1 138 ? 9.034   -7.304  -4.723  1.00 15.00 ? 138 VAL A CG1 1 
ATOM   1038 C CG2 . VAL A 1 138 ? 11.193  -8.191  -3.744  1.00 15.32 ? 138 VAL A CG2 1 
ATOM   1039 N N   . VAL A 1 139 ? 10.232  -3.731  -4.511  1.00 13.46 ? 139 VAL A N   1 
ATOM   1040 C CA  . VAL A 1 139 ? 9.563   -2.451  -4.831  1.00 12.39 ? 139 VAL A CA  1 
ATOM   1041 C C   . VAL A 1 139 ? 10.225  -1.785  -6.017  1.00 15.02 ? 139 VAL A C   1 
ATOM   1042 O O   . VAL A 1 139 ? 9.513   -1.300  -6.886  1.00 13.82 ? 139 VAL A O   1 
ATOM   1043 C CB  . VAL A 1 139 ? 9.580   -1.546  -3.579  1.00 13.26 ? 139 VAL A CB  1 
ATOM   1044 C CG1 . VAL A 1 139 ? 9.022   -0.107  -3.846  1.00 14.91 ? 139 VAL A CG1 1 
ATOM   1045 C CG2 . VAL A 1 139 ? 8.777   -2.171  -2.413  1.00 14.84 ? 139 VAL A CG2 1 
ATOM   1046 N N   . LYS A 1 140 ? 11.547  -1.817  -6.086  1.00 13.53 ? 140 LYS A N   1 
ATOM   1047 C CA  . LYS A 1 140 ? 12.245  -1.209  -7.265  1.00 14.35 ? 140 LYS A CA  1 
ATOM   1048 C C   . LYS A 1 140 ? 11.952  -1.973  -8.526  1.00 14.79 ? 140 LYS A C   1 
ATOM   1049 O O   . LYS A 1 140 ? 11.835  -1.364  -9.629  1.00 16.25 ? 140 LYS A O   1 
ATOM   1050 C CB  . LYS A 1 140 ? 13.758  -1.152  -7.004  1.00 16.55 ? 140 LYS A CB  1 
ATOM   1051 C CG  . LYS A 1 140 ? 14.175  -0.291  -5.865  1.00 20.96 ? 140 LYS A CG  1 
ATOM   1052 C CD  . LYS A 1 140 ? 13.983  1.139   -5.942  1.00 21.59 ? 140 LYS A CD  1 
ATOM   1053 C CE  . LYS A 1 140 ? 14.938  1.883   -6.918  1.00 20.18 ? 140 LYS A CE  1 
ATOM   1054 N NZ  . LYS A 1 140 ? 14.411  3.282   -6.985  1.00 20.53 ? 140 LYS A NZ  1 
ATOM   1055 N N   . LYS A 1 141 ? 11.738  -3.281  -8.460  1.00 14.83 ? 141 LYS A N   1 
ATOM   1056 C CA  . LYS A 1 141 ? 11.286  -4.042  -9.638  1.00 15.28 ? 141 LYS A CA  1 
ATOM   1057 C C   . LYS A 1 141 ? 9.899   -3.578  -10.058 1.00 15.47 ? 141 LYS A C   1 
ATOM   1058 O O   . LYS A 1 141 ? 9.612   -3.389  -11.244 1.00 16.65 ? 141 LYS A O   1 
ATOM   1059 C CB  . LYS A 1 141 ? 11.291  -5.570  -9.401  1.00 16.12 ? 141 LYS A CB  1 
ATOM   1060 C CG  . LYS A 1 141 ? 12.644  -6.215  -9.171  1.00 20.16 ? 141 LYS A CG  1 
ATOM   1061 C CD  . LYS A 1 141 ? 12.426  -7.730  -8.910  1.00 24.07 ? 141 LYS A CD  1 
ATOM   1062 C CE  . LYS A 1 141 ? 13.653  -8.376  -8.322  1.00 30.85 ? 141 LYS A CE  1 
ATOM   1063 N NZ  . LYS A 1 141 ? 13.432  -9.853  -8.181  1.00 33.26 ? 141 LYS A NZ  1 
ATOM   1064 N N   . ILE A 1 142 ? 8.901   -3.488  -9.131  1.00 13.64 ? 142 ILE A N   1 
ATOM   1065 C CA  . ILE A 1 142 ? 7.567   -2.963  -9.461  1.00 13.54 ? 142 ILE A CA  1 
ATOM   1066 C C   . ILE A 1 142 ? 7.751   -1.586  -10.144 1.00 14.57 ? 142 ILE A C   1 
ATOM   1067 O O   . ILE A 1 142 ? 7.068   -1.345  -11.219 1.00 14.20 ? 142 ILE A O   1 
ATOM   1068 C CB  . ILE A 1 142 ? 6.740   -2.846  -8.179  1.00 14.02 ? 142 ILE A CB  1 
ATOM   1069 C CG1 . ILE A 1 142 ? 6.493   -4.242  -7.545  1.00 13.35 ? 142 ILE A CG1 1 
ATOM   1070 C CG2 . ILE A 1 142 ? 5.451   -2.136  -8.495  1.00 15.05 ? 142 ILE A CG2 1 
ATOM   1071 C CD1 . ILE A 1 142 ? 5.882   -4.207  -6.146  1.00 15.85 ? 142 ILE A CD1 1 
ATOM   1072 N N   . GLU A 1 143 ? 8.529   -0.682  -9.563  1.00 14.19 ? 143 GLU A N   1 
ATOM   1073 C CA  . GLU A 1 143 ? 8.738   0.689   -10.049 1.00 14.50 ? 143 GLU A CA  1 
ATOM   1074 C C   . GLU A 1 143 ? 9.156   0.646   -11.516 1.00 16.87 ? 143 GLU A C   1 
ATOM   1075 O O   . GLU A 1 143 ? 8.680   1.504   -12.332 1.00 16.24 ? 143 GLU A O   1 
ATOM   1076 C CB  . GLU A 1 143 ? 9.737   1.429   -9.160  1.00 14.42 ? 143 GLU A CB  1 
ATOM   1077 C CG  . GLU A 1 143 ? 10.008  2.867   -9.527  1.00 15.14 ? 143 GLU A CG  1 
ATOM   1078 C CD  . GLU A 1 143 ? 11.122  3.533   -8.767  1.00 17.28 ? 143 GLU A CD  1 
ATOM   1079 O OE1 . GLU A 1 143 ? 12.079  2.763   -8.319  1.00 18.98 ? 143 GLU A OE1 1 
ATOM   1080 O OE2 . GLU A 1 143 ? 11.138  4.727   -8.555  1.00 18.08 ? 143 GLU A OE2 1 
ATOM   1081 N N   . SER A 1 144 ? 10.062  -0.287  -11.854 1.00 16.68 ? 144 SER A N   1 
ATOM   1082 C CA  . SER A 1 144 ? 10.501  -0.435  -13.286 1.00 16.20 ? 144 SER A CA  1 
ATOM   1083 C C   . SER A 1 144 ? 9.503   -0.722  -14.246 1.00 19.32 ? 144 SER A C   1 
ATOM   1084 O O   . SER A 1 144 ? 9.755   -0.500  -15.494 1.00 19.78 ? 144 SER A O   1 
ATOM   1085 C CB  . SER A 1 144 ? 11.609  -1.547  -13.290 1.00 16.80 ? 144 SER A CB  1 
ATOM   1086 O OG  . SER A 1 144 ? 11.175  -2.837  -13.356 1.00 18.76 ? 144 SER A OG  1 
ATOM   1087 N N   . PHE A 1 145 ? 8.342   -1.243  -13.889 1.00 15.66 ? 145 PHE A N   1 
ATOM   1088 C CA  . PHE A 1 145 ? 7.241   -1.545  -14.799 1.00 16.10 ? 145 PHE A CA  1 
ATOM   1089 C C   . PHE A 1 145 ? 6.177   -0.403  -14.900 1.00 16.71 ? 145 PHE A C   1 
ATOM   1090 O O   . PHE A 1 145 ? 5.132   -0.548  -15.583 1.00 17.52 ? 145 PHE A O   1 
ATOM   1091 C CB  . PHE A 1 145 ? 6.516   -2.863  -14.484 1.00 18.05 ? 145 PHE A CB  1 
ATOM   1092 C CG  . PHE A 1 145 ? 7.439   -4.042  -14.564 1.00 22.05 ? 145 PHE A CG  1 
ATOM   1093 C CD1 . PHE A 1 145 ? 8.153   -4.221  -15.749 1.00 25.95 ? 145 PHE A CD1 1 
ATOM   1094 C CD2 . PHE A 1 145 ? 7.753   -4.821  -13.470 1.00 22.37 ? 145 PHE A CD2 1 
ATOM   1095 C CE1 . PHE A 1 145 ? 9.114   -5.248  -15.826 1.00 29.79 ? 145 PHE A CE1 1 
ATOM   1096 C CE2 . PHE A 1 145 ? 8.691   -5.856  -13.544 1.00 23.50 ? 145 PHE A CE2 1 
ATOM   1097 C CZ  . PHE A 1 145 ? 9.333   -6.098  -14.753 1.00 27.43 ? 145 PHE A CZ  1 
ATOM   1098 N N   . GLY A 1 146 ? 6.435   0.700   -14.194 1.00 15.54 ? 146 GLY A N   1 
ATOM   1099 C CA  . GLY A 1 146 ? 5.550   1.840   -14.306 1.00 13.97 ? 146 GLY A CA  1 
ATOM   1100 C C   . GLY A 1 146 ? 5.938   2.822   -15.408 1.00 15.24 ? 146 GLY A C   1 
ATOM   1101 O O   . GLY A 1 146 ? 6.793   2.509   -16.282 1.00 17.33 ? 146 GLY A O   1 
ATOM   1102 N N   . SER A 1 147 ? 5.318   3.997   -15.405 1.00 13.30 ? 147 SER A N   1 
ATOM   1103 C CA  . SER A 1 147 ? 5.638   5.055   -16.376 1.00 14.00 ? 147 SER A CA  1 
ATOM   1104 C C   . SER A 1 147 ? 5.250   6.336   -15.823 1.00 13.59 ? 147 SER A C   1 
ATOM   1105 O O   . SER A 1 147 ? 4.545   6.426   -14.769 1.00 13.58 ? 147 SER A O   1 
ATOM   1106 C CB  . SER A 1 147 ? 4.852   4.762   -17.670 1.00 14.66 ? 147 SER A CB  1 
ATOM   1107 O OG  . SER A 1 147 ? 3.437   4.917   -17.489 1.00 15.04 ? 147 SER A OG  1 
ATOM   1108 N N   . LYS A 1 148 ? 5.675   7.452   -16.448 1.00 14.52 ? 148 LYS A N   1 
ATOM   1109 C CA  . LYS A 1 148 ? 5.343   8.747   -15.949 1.00 14.10 ? 148 LYS A CA  1 
ATOM   1110 C C   . LYS A 1 148 ? 3.810   9.051   -15.893 1.00 12.74 ? 148 LYS A C   1 
ATOM   1111 O O   . LYS A 1 148 ? 3.371   9.806   -14.996 1.00 14.44 ? 148 LYS A O   1 
ATOM   1112 C CB  . LYS A 1 148 ? 6.097   9.832   -16.768 1.00 17.20 ? 148 LYS A CB  1 
ATOM   1113 C CG  . LYS A 1 148 ? 6.258   11.175  -16.183 1.00 21.47 ? 148 LYS A CG  1 
ATOM   1114 C CD  . LYS A 1 148 ? 7.414   11.964  -16.856 1.00 24.87 ? 148 LYS A CD  1 
ATOM   1115 C CE  . LYS A 1 148 ? 7.454   13.346  -16.266 1.00 27.63 ? 148 LYS A CE  1 
ATOM   1116 N NZ  . LYS A 1 148 ? 8.675   14.116  -16.778 1.00 31.22 ? 148 LYS A NZ  1 
ATOM   1117 N N   . SER A 1 149 ? 3.035   8.415   -16.739 1.00 13.43 ? 149 SER A N   1 
ATOM   1118 C CA  . SER A 1 149 ? 1.569   8.531   -16.729 1.00 15.08 ? 149 SER A CA  1 
ATOM   1119 C C   . SER A 1 149 ? 0.949   7.753   -15.541 1.00 15.38 ? 149 SER A C   1 
ATOM   1120 O O   . SER A 1 149 ? -0.243  7.908   -15.236 1.00 16.50 ? 149 SER A O   1 
ATOM   1121 C CB  . SER A 1 149 ? 0.968   7.961   -17.998 1.00 14.84 ? 149 SER A CB  1 
ATOM   1122 O OG  . SER A 1 149 ? 1.121   6.502   -18.019 1.00 15.43 ? 149 SER A OG  1 
ATOM   1123 N N   . GLY A 1 150 ? 1.707   6.842   -14.928 1.00 13.07 ? 150 GLY A N   1 
ATOM   1124 C CA  . GLY A 1 150 ? 1.200   5.854   -13.946 1.00 13.85 ? 150 GLY A CA  1 
ATOM   1125 C C   . GLY A 1 150 ? 0.770   4.575   -14.504 1.00 14.89 ? 150 GLY A C   1 
ATOM   1126 O O   . GLY A 1 150 ? 0.673   3.577   -13.793 1.00 13.68 ? 150 GLY A O   1 
ATOM   1127 N N   . ARG A 1 151 ? 0.607   4.470   -15.819 1.00 14.44 ? 151 ARG A N   1 
ATOM   1128 C CA  . ARG A 1 151 ? 0.206   3.187   -16.378 1.00 15.20 ? 151 ARG A CA  1 
ATOM   1129 C C   . ARG A 1 151 ? 1.331   2.159   -16.331 1.00 14.37 ? 151 ARG A C   1 
ATOM   1130 O O   . ARG A 1 151 ? 2.512   2.484   -16.670 1.00 16.21 ? 151 ARG A O   1 
ATOM   1131 C CB  . ARG A 1 151 ? -0.238  3.326   -17.896 1.00 16.68 ? 151 ARG A CB  1 
ATOM   1132 C CG  . ARG A 1 151 ? -1.537  4.013   -17.998 1.00 20.74 ? 151 ARG A CG  1 
ATOM   1133 C CD  . ARG A 1 151 ? -2.373  3.448   -19.224 1.00 30.41 ? 151 ARG A CD  1 
ATOM   1134 N NE  . ARG A 1 151 ? -3.644  4.179   -19.205 1.00 39.33 ? 151 ARG A NE  1 
ATOM   1135 C CZ  . ARG A 1 151 ? -4.410  4.477   -20.254 1.00 23.26 ? 151 ARG A CZ  1 
ATOM   1136 N NH1 . ARG A 1 151 ? -4.040  4.078   -21.460 1.00 42.61 ? 151 ARG A NH1 1 
ATOM   1137 N NH2 . ARG A 1 151 ? -5.487  5.194   -20.075 1.00 34.50 ? 151 ARG A NH2 1 
ATOM   1138 N N   . THR A 1 152 ? 1.013   0.902   -16.048 1.00 15.35 ? 152 THR A N   1 
ATOM   1139 C CA  . THR A 1 152 ? 1.995   -0.132  -15.980 1.00 16.11 ? 152 THR A CA  1 
ATOM   1140 C C   . THR A 1 152 ? 2.130   -0.836  -17.345 1.00 17.03 ? 152 THR A C   1 
ATOM   1141 O O   . THR A 1 152 ? 1.107   -0.986  -18.038 1.00 20.50 ? 152 THR A O   1 
ATOM   1142 C CB  . THR A 1 152 ? 1.649   -1.196  -14.831 1.00 16.12 ? 152 THR A CB  1 
ATOM   1143 O OG1 . THR A 1 152 ? 0.367   -1.727  -14.990 1.00 16.61 ? 152 THR A OG1 1 
ATOM   1144 C CG2 . THR A 1 152 ? 1.754   -0.451  -13.453 1.00 18.11 ? 152 THR A CG2 1 
ATOM   1145 N N   . SER A 1 153 ? 3.327   -1.362  -17.555 1.00 17.30 ? 153 SER A N   1 
ATOM   1146 C CA  . SER A 1 153 ? 3.589   -2.065  -18.850 1.00 21.29 ? 153 SER A CA  1 
ATOM   1147 C C   . SER A 1 153 ? 3.409   -3.550  -18.719 1.00 23.21 ? 153 SER A C   1 
ATOM   1148 O O   . SER A 1 153 ? 3.378   -4.262  -19.753 1.00 24.49 ? 153 SER A O   1 
ATOM   1149 C CB  . SER A 1 153 ? 5.008   -1.799  -19.344 1.00 21.32 ? 153 SER A CB  1 
ATOM   1150 O OG  . SER A 1 153 ? 5.993   -2.092  -18.431 1.00 23.33 ? 153 SER A OG  1 
ATOM   1151 N N   . LYS A 1 154 ? 3.303   -4.075  -17.484 1.00 21.18 ? 154 LYS A N   1 
ATOM   1152 C CA  . LYS A 1 154 ? 2.956   -5.472  -17.250 1.00 21.52 ? 154 LYS A CA  1 
ATOM   1153 C C   . LYS A 1 154 ? 1.846   -5.463  -16.173 1.00 21.96 ? 154 LYS A C   1 
ATOM   1154 O O   . LYS A 1 154 ? 1.733   -4.436  -15.452 1.00 19.16 ? 154 LYS A O   1 
ATOM   1155 C CB  . LYS A 1 154 ? 4.150   -6.233  -16.743 1.00 23.44 ? 154 LYS A CB  1 
ATOM   1156 C CG  . LYS A 1 154 ? 5.156   -6.459  -17.864 1.00 30.28 ? 154 LYS A CG  1 
ATOM   1157 C CD  . LYS A 1 154 ? 5.862   -7.716  -17.600 1.00 37.68 ? 154 LYS A CD  1 
ATOM   1158 C CE  . LYS A 1 154 ? 7.100   -7.476  -16.824 1.00 41.24 ? 154 LYS A CE  1 
ATOM   1159 N NZ  . LYS A 1 154 ? 8.232   -7.691  -17.760 1.00 47.75 ? 154 LYS A NZ  1 
ATOM   1160 N N   . LYS A 1 155 ? 1.133   -6.576  -15.997 1.00 18.78 ? 155 LYS A N   1 
ATOM   1161 C CA  . LYS A 1 155 ? 0.135   -6.713  -14.952 1.00 20.45 ? 155 LYS A CA  1 
ATOM   1162 C C   . LYS A 1 155 ? 0.861   -7.111  -13.668 1.00 18.59 ? 155 LYS A C   1 
ATOM   1163 O O   . LYS A 1 155 ? 1.421   -8.196  -13.533 1.00 17.13 ? 155 LYS A O   1 
ATOM   1164 C CB  . LYS A 1 155 ? -0.950  -7.744  -15.315 1.00 20.70 ? 155 LYS A CB  1 
ATOM   1165 C CG  . LYS A 1 155 ? -2.157  -7.682  -14.464 1.00 25.50 ? 155 LYS A CG  1 
ATOM   1166 C CD  . LYS A 1 155 ? -3.140  -8.806  -14.788 1.00 26.44 ? 155 LYS A CD  1 
ATOM   1167 C CE  . LYS A 1 155 ? -4.331  -8.706  -13.895 1.00 28.28 ? 155 LYS A CE  1 
ATOM   1168 N NZ  . LYS A 1 155 ? -5.335  -9.681  -14.389 1.00 30.09 ? 155 LYS A NZ  1 
ATOM   1169 N N   . ILE A 1 156 ? 0.822   -6.197  -12.661 1.00 14.97 ? 156 ILE A N   1 
ATOM   1170 C CA  . ILE A 1 156 ? 1.551   -6.375  -11.378 1.00 14.67 ? 156 ILE A CA  1 
ATOM   1171 C C   . ILE A 1 156 ? 0.540   -6.797  -10.291 1.00 13.19 ? 156 ILE A C   1 
ATOM   1172 O O   . ILE A 1 156 ? -0.347  -6.009  -9.979  1.00 14.38 ? 156 ILE A O   1 
ATOM   1173 C CB  . ILE A 1 156 ? 2.254   -5.098  -10.977 1.00 14.65 ? 156 ILE A CB  1 
ATOM   1174 C CG1 . ILE A 1 156 ? 3.142   -4.509  -12.096 1.00 16.45 ? 156 ILE A CG1 1 
ATOM   1175 C CG2 . ILE A 1 156 ? 3.058   -5.382  -9.693  1.00 15.29 ? 156 ILE A CG2 1 
ATOM   1176 C CD1 . ILE A 1 156 ? 4.182   -5.508  -12.636 1.00 22.38 ? 156 ILE A CD1 1 
ATOM   1177 N N   . VAL A 1 157 ? 0.622   -8.063  -9.882  1.00 13.85 ? 157 VAL A N   1 
ATOM   1178 C CA  . VAL A 1 157 ? -0.406  -8.690  -9.036  1.00 14.94 ? 157 VAL A CA  1 
ATOM   1179 C C   . VAL A 1 157 ? 0.159   -9.110  -7.692  1.00 12.91 ? 157 VAL A C   1 
ATOM   1180 O O   . VAL A 1 157 ? 1.253   -9.671  -7.571  1.00 13.52 ? 157 VAL A O   1 
ATOM   1181 C CB  . VAL A 1 157 ? -0.982  -9.947  -9.738  1.00 16.78 ? 157 VAL A CB  1 
ATOM   1182 C CG1 . VAL A 1 157 ? -1.958  -10.744 -8.846  1.00 18.39 ? 157 VAL A CG1 1 
ATOM   1183 C CG2 . VAL A 1 157 ? -1.664  -9.569  -11.033 1.00 19.61 ? 157 VAL A CG2 1 
ATOM   1184 N N   . ILE A 1 158 ? -0.593  -8.758  -6.631  1.00 13.46 ? 158 ILE A N   1 
ATOM   1185 C CA  . ILE A 1 158 ? -0.401  -9.306  -5.265  1.00 14.28 ? 158 ILE A CA  1 
ATOM   1186 C C   . ILE A 1 158 ? -0.938  -10.728 -5.234  1.00 14.27 ? 158 ILE A C   1 
ATOM   1187 O O   . ILE A 1 158 ? -2.117  -10.929 -5.130  1.00 16.18 ? 158 ILE A O   1 
ATOM   1188 C CB  . ILE A 1 158 ? -1.024  -8.382  -4.213  1.00 13.30 ? 158 ILE A CB  1 
ATOM   1189 C CG1 . ILE A 1 158 ? -0.419  -7.001  -4.263  1.00 13.51 ? 158 ILE A CG1 1 
ATOM   1190 C CG2 . ILE A 1 158 ? -0.825  -9.059  -2.832  1.00 13.14 ? 158 ILE A CG2 1 
ATOM   1191 C CD1 . ILE A 1 158 ? -1.178  -5.969  -3.439  1.00 14.17 ? 158 ILE A CD1 1 
ATOM   1192 N N   . THR A 1 159 ? -0.047  -11.670 -5.548  1.00 15.52 ? 159 THR A N   1 
ATOM   1193 C CA  . THR A 1 159 ? -0.522  -13.085 -5.674  1.00 17.79 ? 159 THR A CA  1 
ATOM   1194 C C   . THR A 1 159 ? -0.811  -13.754 -4.323  1.00 16.11 ? 159 THR A C   1 
ATOM   1195 O O   . THR A 1 159 ? -1.676  -14.642 -4.262  1.00 18.15 ? 159 THR A O   1 
ATOM   1196 C CB  . THR A 1 159 ? 0.453   -14.001 -6.342  1.00 21.09 ? 159 THR A CB  1 
ATOM   1197 O OG1 . THR A 1 159 ? 1.616   -13.942 -5.672  1.00 22.65 ? 159 THR A OG1 1 
ATOM   1198 C CG2 . THR A 1 159 ? 0.607   -13.592 -7.699  1.00 24.94 ? 159 THR A CG2 1 
ATOM   1199 N N   . ASP A 1 160 ? -0.182  -13.255 -3.236  1.00 14.47 ? 160 ASP A N   1 
ATOM   1200 C CA  . ASP A 1 160 ? -0.468  -13.715 -1.856  1.00 15.25 ? 160 ASP A CA  1 
ATOM   1201 C C   . ASP A 1 160 ? -0.127  -12.622 -0.904  1.00 14.18 ? 160 ASP A C   1 
ATOM   1202 O O   . ASP A 1 160 ? 0.671   -11.736 -1.238  1.00 13.09 ? 160 ASP A O   1 
ATOM   1203 C CB  . ASP A 1 160 ? 0.315   -15.010 -1.541  1.00 16.83 ? 160 ASP A CB  1 
ATOM   1204 C CG  . ASP A 1 160 ? -0.331  -15.810 -0.431  1.00 21.29 ? 160 ASP A CG  1 
ATOM   1205 O OD1 . ASP A 1 160 ? -1.393  -15.481 0.102   1.00 18.60 ? 160 ASP A OD1 1 
ATOM   1206 O OD2 . ASP A 1 160 ? 0.366   -16.768 0.016   1.00 29.40 ? 160 ASP A OD2 1 
ATOM   1207 N N   . CYS A 1 161 ? -0.659  -12.620 0.310   1.00 13.41 ? 161 CYS A N   1 
ATOM   1208 C CA  . CYS A 1 161 ? -0.404  -11.659 1.362   1.00 13.21 ? 161 CYS A CA  1 
ATOM   1209 C C   . CYS A 1 161 ? -0.902  -12.238 2.665   1.00 12.26 ? 161 CYS A C   1 
ATOM   1210 O O   . CYS A 1 161 ? -1.677  -13.186 2.724   1.00 14.11 ? 161 CYS A O   1 
ATOM   1211 C CB  . CYS A 1 161 ? -1.064  -10.310 1.012   1.00 11.75 ? 161 CYS A CB  1 
ATOM   1212 S SG  . CYS A 1 161 ? -2.813  -10.344 0.490   1.00 14.16 ? 161 CYS A SG  1 
ATOM   1213 N N   . GLY A 1 162 ? -0.418  -11.636 3.736   1.00 11.91 ? 162 GLY A N   1 
ATOM   1214 C CA  . GLY A 1 162 ? -0.756  -12.138 5.096   1.00 13.04 ? 162 GLY A CA  1 
ATOM   1215 C C   . GLY A 1 162 ? 0.057   -11.482 6.156   1.00 12.12 ? 162 GLY A C   1 
ATOM   1216 O O   . GLY A 1 162 ? 0.756   -10.493 5.952   1.00 12.70 ? 162 GLY A O   1 
ATOM   1217 N N   . GLN A 1 163 ? -0.028  -12.124 7.336   1.00 12.72 ? 163 GLN A N   1 
ATOM   1218 C CA  . GLN A 1 163 ? 0.672   -11.651 8.554   1.00 13.36 ? 163 GLN A CA  1 
ATOM   1219 C C   . GLN A 1 163 ? 1.692   -12.640 9.062   1.00 14.55 ? 163 GLN A C   1 
ATOM   1220 O O   . GLN A 1 163 ? 1.430   -13.839 9.146   1.00 16.00 ? 163 GLN A O   1 
ATOM   1221 C CB  . GLN A 1 163 ? -0.350  -11.341 9.700   1.00 13.31 ? 163 GLN A CB  1 
ATOM   1222 C CG  . GLN A 1 163 ? 0.223   -10.755 10.927  1.00 13.72 ? 163 GLN A CG  1 
ATOM   1223 C CD  . GLN A 1 163 ? -0.747  -10.287 11.986  1.00 12.85 ? 163 GLN A CD  1 
ATOM   1224 O OE1 . GLN A 1 163 ? -1.991  -10.499 11.811  1.00 15.09 ? 163 GLN A OE1 1 
ATOM   1225 N NE2 . GLN A 1 163 ? -0.307  -9.633  12.973  1.00 13.63 ? 163 GLN A NE2 1 
ATOM   1226 N N   . LEU A 1 164 ? 2.890   -12.127 9.237   1.00 13.32 ? 164 LEU A N   1 
ATOM   1227 C CA  . LEU A 1 164 ? 4.045   -12.940 9.809   1.00 13.35 ? 164 LEU A CA  1 
ATOM   1228 C C   . LEU A 1 164 ? 4.080   -12.946 11.297  1.00 13.73 ? 164 LEU A C   1 
ATOM   1229 O O   . LEU A 1 164 ? 4.598   -13.986 11.822  1.00 16.75 ? 164 LEU A O   1 
ATOM   1230 C CB  . LEU A 1 164 ? 5.367   -12.357 9.292   1.00 14.50 ? 164 LEU A CB  1 
ATOM   1231 C CG  . LEU A 1 164 ? 5.555   -12.392 7.780   1.00 13.84 ? 164 LEU A CG  1 
ATOM   1232 C CD1 . LEU A 1 164 ? 6.908   -11.765 7.448   1.00 16.29 ? 164 LEU A CD1 1 
ATOM   1233 C CD2 . LEU A 1 164 ? 5.517   -13.777 7.190   1.00 16.13 ? 164 LEU A CD2 1 
ATOM   1234 N N   . SER A 1 165 ? 3.724   -11.894 11.996  1.00 12.35 ? 165 SER A N   1 
ATOM   1235 C CA  . SER A 1 165 ? 3.703   -11.800 13.430  1.00 13.12 ? 165 SER A CA  1 
ATOM   1236 C C   . SER A 1 165 ? 2.911   -10.561 13.907  1.00 14.14 ? 165 SER A C   1 
ATOM   1237 O O   . SER A 1 165 ? 2.786   -10.338 15.168  1.00 15.28 ? 165 SER A O   1 
ATOM   1238 C CB  . SER A 1 165 ? 5.155   -11.721 13.999  1.00 13.75 ? 165 SER A CB  1 
ATOM   1239 O OG  . SER A 1 165 ? 5.853   -10.579 13.587  1.00 15.53 ? 165 SER A OG  1 
ATOM   1240 O OXT . SER A 1 165 ? 2.594   -9.674  13.044  1.00 12.64 ? 165 SER A OXT 1 
HETATM 1241 K K   . K   B 2 .   ? 6.071   14.911  -10.959 0.50 22.32 ? 201 K   A K   1 
HETATM 1242 O O1  . PG4 C 3 .   ? 15.468  9.015   7.103   1.00 54.14 ? 202 PG4 A O1  1 
HETATM 1243 C C1  . PG4 C 3 .   ? 15.791  8.659   5.754   1.00 51.84 ? 202 PG4 A C1  1 
HETATM 1244 C C2  . PG4 C 3 .   ? 15.512  7.165   5.558   1.00 56.37 ? 202 PG4 A C2  1 
HETATM 1245 O O2  . PG4 C 3 .   ? 14.126  6.987   5.200   1.00 50.81 ? 202 PG4 A O2  1 
HETATM 1246 C C3  . PG4 C 3 .   ? 13.786  5.690   4.661   1.00 41.30 ? 202 PG4 A C3  1 
HETATM 1247 C C4  . PG4 C 3 .   ? 12.384  5.242   5.165   1.00 35.17 ? 202 PG4 A C4  1 
HETATM 1248 O O3  . PG4 C 3 .   ? 12.242  5.396   6.559   1.00 36.54 ? 202 PG4 A O3  1 
HETATM 1249 C C5  . PG4 C 3 .   ? 10.939  5.062   7.048   1.00 24.90 ? 202 PG4 A C5  1 
HETATM 1250 C C6  . PG4 C 3 .   ? 11.041  5.101   8.574   1.00 26.45 ? 202 PG4 A C6  1 
HETATM 1251 O O4  . PG4 C 3 .   ? 11.827  3.953   8.965   1.00 32.82 ? 202 PG4 A O4  1 
HETATM 1252 C C7  . PG4 C 3 .   ? 11.776  3.616   10.372  1.00 28.94 ? 202 PG4 A C7  1 
HETATM 1253 C C8  . PG4 C 3 .   ? 12.766  2.449   10.541  1.00 27.80 ? 202 PG4 A C8  1 
HETATM 1254 O O5  . PG4 C 3 .   ? 14.105  2.854   10.617  1.00 32.22 ? 202 PG4 A O5  1 
HETATM 1255 C C1  . EDO D 4 .   ? -9.537  -11.710 -1.373  1.00 28.07 ? 203 EDO A C1  1 
HETATM 1256 O O1  . EDO D 4 .   ? -8.963  -11.430 -0.007  1.00 30.25 ? 203 EDO A O1  1 
HETATM 1257 C C2  . EDO D 4 .   ? -8.864  -10.988 -2.492  1.00 26.16 ? 203 EDO A C2  1 
HETATM 1258 O O2  . EDO D 4 .   ? -9.244  -9.899  -3.325  1.00 11.70 ? 203 EDO A O2  1 
HETATM 1259 C C1  . PGE E 5 .   ? 3.630   15.447  -8.414  1.00 35.70 ? 204 PGE A C1  1 
HETATM 1260 O O1  . PGE E 5 .   ? 3.298   14.624  -9.602  1.00 33.79 ? 204 PGE A O1  1 
HETATM 1261 C C2  . PGE E 5 .   ? 4.863   15.010  -7.603  1.00 32.70 ? 204 PGE A C2  1 
HETATM 1262 O O2  . PGE E 5 .   ? 6.012   14.690  -8.366  1.00 34.32 ? 204 PGE A O2  1 
HETATM 1263 C C3  . PGE E 5 .   ? 6.960   13.753  -7.719  1.00 30.34 ? 204 PGE A C3  1 
HETATM 1264 C C4  . PGE E 5 .   ? 8.069   13.097  -8.528  1.00 30.39 ? 204 PGE A C4  1 
HETATM 1265 O O4  . PGE E 5 .   ? 7.926   13.072  -12.384 1.00 38.01 ? 204 PGE A O4  1 
HETATM 1266 C C6  . PGE E 5 .   ? 8.148   11.743  -11.945 1.00 34.19 ? 204 PGE A C6  1 
HETATM 1267 C C5  . PGE E 5 .   ? 8.536   11.940  -10.503 1.00 32.59 ? 204 PGE A C5  1 
HETATM 1268 O O3  . PGE E 5 .   ? 7.603   12.758  -9.790  1.00 32.31 ? 204 PGE A O3  1 
HETATM 1269 N N   A 4ZM F 6 .   ? -5.261  9.884   -5.372  0.50 19.07 ? 205 4ZM A N   1 
HETATM 1270 N N   B 4ZM F 6 .   ? -5.189  9.974   -5.358  0.50 15.98 ? 205 4ZM A N   1 
HETATM 1271 C C   A 4ZM F 6 .   ? 0.538   9.264   -3.981  0.50 16.06 ? 205 4ZM A C   1 
HETATM 1272 C C   B 4ZM F 6 .   ? 0.543   9.260   -3.977  0.50 15.04 ? 205 4ZM A C   1 
HETATM 1273 O O   A 4ZM F 6 .   ? -1.748  9.500   -4.536  0.50 16.88 ? 205 4ZM A O   1 
HETATM 1274 O O   B 4ZM F 6 .   ? -1.737  9.496   -4.537  0.50 15.76 ? 205 4ZM A O   1 
HETATM 1275 N N1  A 4ZM F 6 .   ? -7.250  8.863   -5.397  0.50 23.27 ? 205 4ZM A N1  1 
HETATM 1276 N N1  B 4ZM F 6 .   ? -7.105  8.884   -5.448  0.50 18.22 ? 205 4ZM A N1  1 
HETATM 1277 C C1  A 4ZM F 6 .   ? -0.857  9.016   -3.476  0.50 17.66 ? 205 4ZM A C1  1 
HETATM 1278 C C1  B 4ZM F 6 .   ? -0.850  9.010   -3.472  0.50 16.47 ? 205 4ZM A C1  1 
HETATM 1279 O O1  A 4ZM F 6 .   ? -3.612  9.257   -3.229  0.50 16.44 ? 205 4ZM A O1  1 
HETATM 1280 O O1  B 4ZM F 6 .   ? -3.604  9.248   -3.231  0.50 15.50 ? 205 4ZM A O1  1 
HETATM 1281 N N2  A 4ZM F 6 .   ? -14.240 7.763   -0.584  0.50 24.64 ? 205 4ZM A N2  1 
HETATM 1282 N N2  B 4ZM F 6 .   ? -14.932 6.712   -3.951  0.50 24.39 ? 205 4ZM A N2  1 
HETATM 1283 C C2  A 4ZM F 6 .   ? -3.112  9.502   -4.314  0.50 17.78 ? 205 4ZM A C2  1 
HETATM 1284 C C2  B 4ZM F 6 .   ? -3.088  9.518   -4.302  0.50 15.97 ? 205 4ZM A C2  1 
HETATM 1285 O O2  A 4ZM F 6 .   ? -5.439  7.896   -6.347  0.50 24.75 ? 205 4ZM A O2  1 
HETATM 1286 O O2  B 4ZM F 6 .   ? -5.268  7.996   -6.383  0.50 19.00 ? 205 4ZM A O2  1 
HETATM 1287 C C3  A 4ZM F 6 .   ? -3.830  9.968   -5.535  0.50 19.99 ? 205 4ZM A C3  1 
HETATM 1288 C C3  B 4ZM F 6 .   ? -3.759  10.100  -5.491  0.50 17.17 ? 205 4ZM A C3  1 
HETATM 1289 C C4  A 4ZM F 6 .   ? -5.966  8.817   -5.724  0.50 21.62 ? 205 4ZM A C4  1 
HETATM 1290 C C4  B 4ZM F 6 .   ? -5.826  8.891   -5.734  0.50 17.27 ? 205 4ZM A C4  1 
HETATM 1291 C C5  A 4ZM F 6 .   ? -8.250  7.815   -5.607  0.50 22.41 ? 205 4ZM A C5  1 
HETATM 1292 C C5  B 4ZM F 6 .   ? -7.986  7.763   -5.721  0.50 17.70 ? 205 4ZM A C5  1 
HETATM 1293 C C6  A 4ZM F 6 .   ? -8.697  7.338   -4.255  0.50 22.00 ? 205 4ZM A C6  1 
HETATM 1294 C C6  B 4ZM F 6 .   ? -8.564  7.245   -4.433  0.50 15.57 ? 205 4ZM A C6  1 
HETATM 1295 C C7  A 4ZM F 6 .   ? -9.990  7.494   -3.728  0.50 22.02 ? 205 4ZM A C7  1 
HETATM 1296 C C7  B 4ZM F 6 .   ? -9.916  7.076   -4.433  0.50 14.83 ? 205 4ZM A C7  1 
HETATM 1297 C C8  A 4ZM F 6 .   ? -10.348 7.083   -2.431  0.50 22.18 ? 205 4ZM A C8  1 
HETATM 1298 C C8  B 4ZM F 6 .   ? -10.664 6.638   -3.357  0.50 17.95 ? 205 4ZM A C8  1 
HETATM 1299 C C11 A 4ZM F 6 .   ? -7.712  6.788   -3.456  0.50 23.17 ? 205 4ZM A C11 1 
HETATM 1300 C C11 B 4ZM F 6 .   ? -7.855  6.948   -3.250  0.50 14.58 ? 205 4ZM A C11 1 
HETATM 1301 C C10 A 4ZM F 6 .   ? -8.053  6.343   -2.205  0.50 23.29 ? 205 4ZM A C10 1 
HETATM 1302 C C10 B 4ZM F 6 .   ? -8.543  6.440   -2.171  0.50 16.84 ? 205 4ZM A C10 1 
HETATM 1303 C C9  A 4ZM F 6 .   ? -9.338  6.477   -1.677  0.50 22.57 ? 205 4ZM A C9  1 
HETATM 1304 C C9  B 4ZM F 6 .   ? -9.922  6.302   -2.190  0.50 17.93 ? 205 4ZM A C9  1 
HETATM 1305 C C12 A 4ZM F 6 .   ? -11.727 7.245   -1.788  0.50 22.17 ? 205 4ZM A C12 1 
HETATM 1306 C C12 B 4ZM F 6 .   ? -12.169 6.597   -3.602  0.50 21.27 ? 205 4ZM A C12 1 
HETATM 1307 C C16 A 4ZM F 6 .   ? -12.466 8.365   -2.059  0.50 22.31 ? 205 4ZM A C16 1 
HETATM 1308 C C16 B 4ZM F 6 .   ? -12.798 6.193   -4.844  0.50 17.84 ? 205 4ZM A C16 1 
HETATM 1309 C C15 A 4ZM F 6 .   ? -13.715 8.629   -1.502  0.50 23.96 ? 205 4ZM A C15 1 
HETATM 1310 C C15 B 4ZM F 6 .   ? -14.203 6.276   -4.983  0.50 23.41 ? 205 4ZM A C15 1 
HETATM 1311 C C14 A 4ZM F 6 .   ? -13.516 6.664   -0.269  0.50 25.74 ? 205 4ZM A C14 1 
HETATM 1312 C C14 B 4ZM F 6 .   ? -14.378 7.094   -2.801  0.50 29.05 ? 205 4ZM A C14 1 
HETATM 1313 C C13 A 4ZM F 6 .   ? -12.270 6.386   -0.826  0.50 23.28 ? 205 4ZM A C13 1 
HETATM 1314 C C13 B 4ZM F 6 .   ? -12.992 7.069   -2.604  0.50 28.14 ? 205 4ZM A C13 1 
HETATM 1315 N N   . 4ZM G 6 .   ? -5.715  -0.009  -14.200 1.00 20.59 ? 206 4ZM A N   1 
HETATM 1316 C C   . 4ZM G 6 .   ? -3.087  4.811   -14.182 1.00 24.50 ? 206 4ZM A C   1 
HETATM 1317 O O   . 4ZM G 6 .   ? -4.999  3.551   -15.141 1.00 24.70 ? 206 4ZM A O   1 
HETATM 1318 N N1  . 4ZM G 6 .   ? -4.556  -1.887  -13.432 1.00 25.69 ? 206 4ZM A N1  1 
HETATM 1319 C C1  . 4ZM G 6 .   ? -4.513  4.836   -14.826 1.00 24.84 ? 206 4ZM A C1  1 
HETATM 1320 O O1  . 4ZM G 6 .   ? -5.266  2.534   -13.139 1.00 23.04 ? 206 4ZM A O1  1 
HETATM 1321 N N2  . 4ZM G 6 .   ? -0.018  -5.539  -19.754 1.00 37.76 ? 206 4ZM A N2  1 
HETATM 1322 C C2  . 4ZM G 6 .   ? -5.302  2.434   -14.324 1.00 24.14 ? 206 4ZM A C2  1 
HETATM 1323 O O2  . 4ZM G 6 .   ? -3.771  -0.706  -15.280 1.00 25.84 ? 206 4ZM A O2  1 
HETATM 1324 C C3  . 4ZM G 6 .   ? -5.781  1.207   -15.060 1.00 25.18 ? 206 4ZM A C3  1 
HETATM 1325 C C4  . 4ZM G 6 .   ? -4.633  -0.864  -14.337 1.00 27.57 ? 206 4ZM A C4  1 
HETATM 1326 C C5  . 4ZM G 6 .   ? -3.435  -2.835  -13.493 1.00 25.61 ? 206 4ZM A C5  1 
HETATM 1327 C C6  . 4ZM G 6 .   ? -3.715  -3.876  -14.617 1.00 26.95 ? 206 4ZM A C6  1 
HETATM 1328 C C7  . 4ZM G 6 .   ? -2.752  -4.022  -15.692 1.00 28.96 ? 206 4ZM A C7  1 
HETATM 1329 C C8  . 4ZM G 6 .   ? -2.953  -4.892  -16.747 1.00 25.80 ? 206 4ZM A C8  1 
HETATM 1330 C C11 . 4ZM G 6 .   ? -4.948  -4.594  -14.661 1.00 29.63 ? 206 4ZM A C11 1 
HETATM 1331 C C10 . 4ZM G 6 .   ? -5.161  -5.505  -15.724 1.00 29.94 ? 206 4ZM A C10 1 
HETATM 1332 C C9  . 4ZM G 6 .   ? -4.152  -5.654  -16.747 1.00 25.89 ? 206 4ZM A C9  1 
HETATM 1333 C C12 . 4ZM G 6 .   ? -1.931  -5.109  -17.824 1.00 30.87 ? 206 4ZM A C12 1 
HETATM 1334 C C16 . 4ZM G 6 .   ? -0.946  -4.113  -18.111 1.00 34.22 ? 206 4ZM A C16 1 
HETATM 1335 C C15 . 4ZM G 6 .   ? 0.011   -4.384  -19.088 1.00 35.37 ? 206 4ZM A C15 1 
HETATM 1336 C C14 . 4ZM G 6 .   ? -0.917  -6.526  -19.536 1.00 35.41 ? 206 4ZM A C14 1 
HETATM 1337 C C13 . 4ZM G 6 .   ? -1.905  -6.350  -18.577 1.00 34.61 ? 206 4ZM A C13 1 
HETATM 1338 O O   . HOH H 7 .   ? 0.647   -10.856 -13.032 1.00 28.97 ? 301 HOH A O   1 
HETATM 1339 O O   . HOH H 7 .   ? -4.527  6.381   -18.224 1.00 21.05 ? 302 HOH A O   1 
HETATM 1340 O O   . HOH H 7 .   ? -1.684  0.759   -14.820 1.00 21.70 ? 303 HOH A O   1 
HETATM 1341 O O   . HOH H 7 .   ? 10.257  0.276   -17.922 1.00 27.22 ? 304 HOH A O   1 
HETATM 1342 O O   . HOH H 7 .   ? 6.975   17.812  7.279   1.00 31.34 ? 305 HOH A O   1 
HETATM 1343 O O   . HOH H 7 .   ? -6.825  11.045  16.231  1.00 14.73 ? 306 HOH A O   1 
HETATM 1344 O O   . HOH H 7 .   ? -15.245 2.552   -0.658  1.00 30.83 ? 307 HOH A O   1 
HETATM 1345 O O   . HOH H 7 .   ? -6.490  5.443   -22.501 1.00 15.39 ? 308 HOH A O   1 
HETATM 1346 O O   . HOH H 7 .   ? -6.288  -4.080  -8.378  1.00 15.20 ? 309 HOH A O   1 
HETATM 1347 O O   . HOH H 7 .   ? 3.094   -17.106 -0.786  1.00 32.35 ? 310 HOH A O   1 
HETATM 1348 O O   . HOH H 7 .   ? -4.015  -4.035  -4.851  1.00 17.03 ? 311 HOH A O   1 
HETATM 1349 O O   . HOH H 7 .   ? -6.427  6.448   17.018  1.00 20.59 ? 312 HOH A O   1 
HETATM 1350 O O   . HOH H 7 .   ? 11.410  16.701  -1.556  1.00 37.31 ? 313 HOH A O   1 
HETATM 1351 O O   . HOH H 7 .   ? 1.581   -8.131  16.060  1.00 29.35 ? 314 HOH A O   1 
HETATM 1352 O O   . HOH H 7 .   ? 0.639   3.825   21.620  1.00 40.80 ? 315 HOH A O   1 
HETATM 1353 O O   . HOH H 7 .   ? -5.550  -15.782 4.705   1.00 23.20 ? 316 HOH A O   1 
HETATM 1354 O O   . HOH H 7 .   ? -11.352 -10.375 12.217  1.00 25.96 ? 317 HOH A O   1 
HETATM 1355 O O   . HOH H 7 .   ? -2.048  -15.861 2.881   1.00 14.95 ? 318 HOH A O   1 
HETATM 1356 O O   . HOH H 7 .   ? 12.085  14.244  -2.796  1.00 23.36 ? 319 HOH A O   1 
HETATM 1357 O O   . HOH H 7 .   ? -4.792  9.706   4.134   1.00 14.45 ? 320 HOH A O   1 
HETATM 1358 O O   . HOH H 7 .   ? 14.232  -12.835 5.529   1.00 16.72 ? 321 HOH A O   1 
HETATM 1359 O O   . HOH H 7 .   ? -12.763 -1.733  -13.456 1.00 27.24 ? 322 HOH A O   1 
HETATM 1360 O O   . HOH H 7 .   ? 0.925   10.566  8.864   1.00 11.59 ? 323 HOH A O   1 
HETATM 1361 O O   . HOH H 7 .   ? 12.184  -9.909  0.301   1.00 16.03 ? 324 HOH A O   1 
HETATM 1362 O O   . HOH H 7 .   ? -10.583 -5.956  13.113  1.00 23.01 ? 325 HOH A O   1 
HETATM 1363 O O   . HOH H 7 .   ? -15.597 -3.887  -10.807 1.00 32.53 ? 326 HOH A O   1 
HETATM 1364 O O   . HOH H 7 .   ? 5.107   14.490  14.117  1.00 29.31 ? 327 HOH A O   1 
HETATM 1365 O O   . HOH H 7 .   ? -11.569 -9.181  -2.060  1.00 20.89 ? 328 HOH A O   1 
HETATM 1366 O O   . HOH H 7 .   ? -3.685  -15.200 -6.044  1.00 28.18 ? 329 HOH A O   1 
HETATM 1367 O O   . HOH H 7 .   ? 7.628   7.758   8.687   1.00 18.22 ? 330 HOH A O   1 
HETATM 1368 O O   . HOH H 7 .   ? -7.353  4.764   0.696   1.00 11.68 ? 331 HOH A O   1 
HETATM 1369 O O   . HOH H 7 .   ? 13.102  6.033   -7.149  1.00 20.02 ? 332 HOH A O   1 
HETATM 1370 O O   . HOH H 7 .   ? 2.825   16.582  13.123  1.00 46.52 ? 333 HOH A O   1 
HETATM 1371 O O   . HOH H 7 .   ? 2.005   19.066  2.682   1.00 29.34 ? 334 HOH A O   1 
HETATM 1372 O O   . HOH H 7 .   ? 8.972   14.399  5.576   1.00 17.85 ? 335 HOH A O   1 
HETATM 1373 O O   . HOH H 7 .   ? -10.208 -8.804  5.543   1.00 15.47 ? 336 HOH A O   1 
HETATM 1374 O O   . HOH H 7 .   ? -3.907  -1.733  15.537  1.00 20.92 ? 337 HOH A O   1 
HETATM 1375 O O   . HOH H 7 .   ? -0.558  8.152   18.316  1.00 29.19 ? 338 HOH A O   1 
HETATM 1376 O O   . HOH H 7 .   ? -9.605  -0.892  14.759  1.00 27.03 ? 339 HOH A O   1 
HETATM 1377 O O   . HOH H 7 .   ? 14.456  -9.210  7.048   1.00 14.11 ? 340 HOH A O   1 
HETATM 1378 O O   . HOH H 7 .   ? -7.973  15.412  7.937   1.00 23.56 ? 341 HOH A O   1 
HETATM 1379 O O   . HOH H 7 .   ? -8.165  10.908  3.573   1.00 11.61 ? 342 HOH A O   1 
HETATM 1380 O O   . HOH H 7 .   ? 3.786   -11.207 17.612  1.00 23.28 ? 343 HOH A O   1 
HETATM 1381 O O   . HOH H 7 .   ? -17.453 -0.254  11.334  1.00 20.66 ? 344 HOH A O   1 
HETATM 1382 O O   . HOH H 7 .   ? -0.427  -3.598  -12.946 1.00 16.18 ? 345 HOH A O   1 
HETATM 1383 O O   . HOH H 7 .   ? -17.992 6.309   0.006   1.00 32.09 ? 346 HOH A O   1 
HETATM 1384 O O   . HOH H 7 .   ? 7.051   11.217  13.499  1.00 28.94 ? 347 HOH A O   1 
HETATM 1385 O O   . HOH H 7 .   ? 8.472   9.016   -13.779 1.00 29.22 ? 348 HOH A O   1 
HETATM 1386 O O   . HOH H 7 .   ? 15.471  -6.716  6.311   1.00 16.34 ? 349 HOH A O   1 
HETATM 1387 O O   . HOH H 7 .   ? -0.235  -16.255 5.654   1.00 37.50 ? 350 HOH A O   1 
HETATM 1388 O O   . HOH H 7 .   ? 13.766  12.821  5.660   1.00 29.45 ? 351 HOH A O   1 
HETATM 1389 O O   . HOH H 7 .   ? -0.025  -6.834  16.648  1.00 35.55 ? 352 HOH A O   1 
HETATM 1390 O O   . HOH H 7 .   ? -3.395  -4.046  14.223  1.00 17.04 ? 353 HOH A O   1 
HETATM 1391 O O   . HOH H 7 .   ? -5.121  1.178   6.282   1.00 13.45 ? 354 HOH A O   1 
HETATM 1392 O O   . HOH H 7 .   ? -13.021 14.777  -0.808  1.00 21.14 ? 355 HOH A O   1 
HETATM 1393 O O   . HOH H 7 .   ? 1.936   -1.897  18.848  1.00 28.24 ? 356 HOH A O   1 
HETATM 1394 O O   . HOH H 7 .   ? 14.461  4.996   8.221   1.00 23.24 ? 357 HOH A O   1 
HETATM 1395 O O   . HOH H 7 .   ? 11.856  1.375   4.673   1.00 23.64 ? 358 HOH A O   1 
HETATM 1396 O O   . HOH H 7 .   ? -4.559  4.084   -24.214 1.00 22.05 ? 359 HOH A O   1 
HETATM 1397 O O   . HOH H 7 .   ? -3.169  14.514  -2.390  1.00 24.80 ? 360 HOH A O   1 
HETATM 1398 O O   . HOH H 7 .   ? -5.249  -1.458  -7.120  1.00 12.67 ? 361 HOH A O   1 
HETATM 1399 O O   . HOH H 7 .   ? 4.220   -13.986 -6.737  1.00 25.74 ? 362 HOH A O   1 
HETATM 1400 O O   . HOH H 7 .   ? 15.535  -4.282  -7.829  1.00 24.62 ? 363 HOH A O   1 
HETATM 1401 O O   . HOH H 7 .   ? -13.092 15.357  1.800   1.00 18.37 ? 364 HOH A O   1 
HETATM 1402 O O   . HOH H 7 .   ? 13.264  0.979   -10.273 1.00 22.26 ? 365 HOH A O   1 
HETATM 1403 O O   . HOH H 7 .   ? 7.324   0.363   -18.044 1.00 24.26 ? 366 HOH A O   1 
HETATM 1404 O O   . HOH H 7 .   ? 14.625  -8.846  -0.424  1.00 23.53 ? 367 HOH A O   1 
HETATM 1405 O O   . HOH H 7 .   ? 13.921  3.930   -4.141  1.00 27.15 ? 368 HOH A O   1 
HETATM 1406 O O   . HOH H 7 .   ? 11.074  -13.101 3.430   1.00 20.11 ? 369 HOH A O   1 
HETATM 1407 O O   . HOH H 7 .   ? -1.711  2.312   19.787  1.00 24.78 ? 370 HOH A O   1 
HETATM 1408 O O   . HOH H 7 .   ? -6.251  7.274   8.729   1.00 12.61 ? 371 HOH A O   1 
HETATM 1409 O O   . HOH H 7 .   ? -16.396 10.893  -3.041  1.00 23.75 ? 372 HOH A O   1 
HETATM 1410 O O   . HOH H 7 .   ? -4.968  12.570  -3.441  1.00 24.71 ? 373 HOH A O   1 
HETATM 1411 O O   . HOH H 7 .   ? -2.716  18.436  8.386   1.00 26.04 ? 374 HOH A O   1 
HETATM 1412 O O   . HOH H 7 .   ? -5.245  5.937   -8.637  1.00 17.95 ? 375 HOH A O   1 
HETATM 1413 O O   . HOH H 7 .   ? 1.606   12.908  6.894   1.00 14.07 ? 376 HOH A O   1 
HETATM 1414 O O   . HOH H 7 .   ? -16.634 -1.972  4.085   1.00 21.43 ? 377 HOH A O   1 
HETATM 1415 O O   . HOH H 7 .   ? 2.086   14.394  -5.318  1.00 17.76 ? 378 HOH A O   1 
HETATM 1416 O O   . HOH H 7 .   ? 0.060   10.744  17.653  1.00 28.28 ? 379 HOH A O   1 
HETATM 1417 O O   . HOH H 7 .   ? 0.208   19.901  5.068   1.00 40.83 ? 380 HOH A O   1 
HETATM 1418 O O   . HOH H 7 .   ? 15.489  -6.642  1.334   1.00 20.81 ? 381 HOH A O   1 
HETATM 1419 O O   . HOH H 7 .   ? -5.954  -6.910  15.874  1.00 35.93 ? 382 HOH A O   1 
HETATM 1420 O O   . HOH H 7 .   ? 7.356   5.191   7.934   1.00 18.08 ? 383 HOH A O   1 
HETATM 1421 O O   . HOH H 7 .   ? 7.476   3.714   10.327  1.00 17.93 ? 384 HOH A O   1 
HETATM 1422 O O   . HOH H 7 .   ? -7.797  -11.273 14.302  1.00 37.83 ? 385 HOH A O   1 
HETATM 1423 O O   . HOH H 7 .   ? 2.804   17.746  8.510   1.00 32.21 ? 386 HOH A O   1 
HETATM 1424 O O   . HOH H 7 .   ? -17.389 -10.045 3.854   1.00 37.94 ? 387 HOH A O   1 
HETATM 1425 O O   . HOH H 7 .   ? 0.844   8.951   11.208  1.00 11.85 ? 388 HOH A O   1 
HETATM 1426 O O   . HOH H 7 .   ? 7.420   7.129   -18.723 1.00 25.96 ? 389 HOH A O   1 
HETATM 1427 O O   . HOH H 7 .   ? 8.931   -13.531 5.136   1.00 22.06 ? 390 HOH A O   1 
HETATM 1428 O O   . HOH H 7 .   ? 6.747   -13.231 -5.450  1.00 21.77 ? 391 HOH A O   1 
HETATM 1429 O O   . HOH H 7 .   ? -10.281 6.502   19.661  1.00 28.14 ? 392 HOH A O   1 
HETATM 1430 O O   . HOH H 7 .   ? -8.900  6.741   11.631  1.00 14.30 ? 393 HOH A O   1 
HETATM 1431 O O   . HOH H 7 .   ? -16.837 -7.986  -0.244  1.00 31.80 ? 394 HOH A O   1 
HETATM 1432 O O   . HOH H 7 .   ? 14.168  -12.766 1.369   1.00 22.66 ? 395 HOH A O   1 
HETATM 1433 O O   . HOH H 7 .   ? 1.630   19.576  -1.477  1.00 16.39 ? 396 HOH A O   1 
HETATM 1434 O O   . HOH H 7 .   ? 11.867  -11.630 -1.913  1.00 21.49 ? 397 HOH A O   1 
HETATM 1435 O O   . HOH H 7 .   ? 8.403   9.362   1.619   1.00 13.80 ? 398 HOH A O   1 
HETATM 1436 O O   . HOH H 7 .   ? -9.312  -8.392  -5.931  1.00 31.39 ? 399 HOH A O   1 
HETATM 1437 O O   . HOH H 7 .   ? -1.740  -8.700  15.363  1.00 23.68 ? 400 HOH A O   1 
HETATM 1438 O O   . HOH H 7 .   ? -3.404  -13.070 11.622  1.00 31.54 ? 401 HOH A O   1 
HETATM 1439 O O   . HOH H 7 .   ? -10.908 13.298  11.222  1.00 23.42 ? 402 HOH A O   1 
HETATM 1440 O O   . HOH H 7 .   ? 14.761  7.829   -8.409  1.00 33.53 ? 403 HOH A O   1 
HETATM 1441 O O   . HOH H 7 .   ? -1.902  -14.399 7.433   1.00 19.37 ? 404 HOH A O   1 
HETATM 1442 O O   . HOH H 7 .   ? -1.955  14.875  13.515  1.00 23.12 ? 405 HOH A O   1 
HETATM 1443 O O   . HOH H 7 .   ? 14.517  10.676  -1.807  1.00 23.19 ? 406 HOH A O   1 
HETATM 1444 O O   . HOH H 7 .   ? -8.148  2.236   18.173  1.00 26.02 ? 407 HOH A O   1 
HETATM 1445 O O   . HOH H 7 .   ? -1.246  8.918   -12.627 1.00 29.59 ? 408 HOH A O   1 
HETATM 1446 O O   . HOH H 7 .   ? -6.352  -10.655 1.156   1.00 15.08 ? 409 HOH A O   1 
HETATM 1447 O O   . HOH H 7 .   ? -10.619 -13.031 1.845   1.00 32.20 ? 410 HOH A O   1 
HETATM 1448 O O   . HOH H 7 .   ? -18.013 -4.531  3.359   1.00 31.88 ? 411 HOH A O   1 
HETATM 1449 O O   . HOH H 7 .   ? 8.147   10.657  10.932  1.00 20.06 ? 412 HOH A O   1 
HETATM 1450 O O   . HOH H 7 .   ? -4.358  9.670   16.933  1.00 22.84 ? 413 HOH A O   1 
HETATM 1451 O O   . HOH H 7 .   ? -9.771  2.955   -1.339  1.00 19.36 ? 414 HOH A O   1 
HETATM 1452 O O   . HOH H 7 .   ? 5.245   -16.937 5.126   1.00 37.43 ? 415 HOH A O   1 
HETATM 1453 O O   . HOH H 7 .   ? 16.022  -4.754  -0.384  1.00 28.43 ? 416 HOH A O   1 
HETATM 1454 O O   . HOH H 7 .   ? 3.177   1.869   -19.708 1.00 34.66 ? 417 HOH A O   1 
HETATM 1455 O O   . HOH H 7 .   ? -3.308  -14.759 5.112   1.00 29.19 ? 418 HOH A O   1 
HETATM 1456 O O   . HOH H 7 .   ? -18.134 -0.404  2.142   1.00 26.21 ? 419 HOH A O   1 
HETATM 1457 O O   . HOH H 7 .   ? 13.112  -14.719 -12.301 1.00 36.30 ? 420 HOH A O   1 
HETATM 1458 O O   . HOH H 7 .   ? -0.237  12.194  -6.915  1.00 32.46 ? 421 HOH A O   1 
HETATM 1459 O O   . HOH H 7 .   ? 14.815  -3.116  -10.500 1.00 33.82 ? 422 HOH A O   1 
HETATM 1460 O O   . HOH H 7 .   ? -7.350  15.014  10.942  1.00 32.04 ? 423 HOH A O   1 
HETATM 1461 O O   . HOH H 7 .   ? -8.079  8.598   16.212  1.00 19.99 ? 424 HOH A O   1 
HETATM 1462 O O   . HOH H 7 .   ? -3.287  -1.693  18.317  1.00 29.35 ? 425 HOH A O   1 
HETATM 1463 O O   . HOH H 7 .   ? -2.437  -5.969  16.001  1.00 25.53 ? 426 HOH A O   1 
HETATM 1464 O O   . HOH H 7 .   ? 16.866  -6.661  3.811   1.00 25.52 ? 427 HOH A O   1 
HETATM 1465 O O   . HOH H 7 .   ? -6.877  17.584  7.307   1.00 33.41 ? 428 HOH A O   1 
HETATM 1466 O O   . HOH H 7 .   ? -3.579  -13.930 -8.447  1.00 30.18 ? 429 HOH A O   1 
HETATM 1467 O O   . HOH H 7 .   ? 9.517   8.263   10.673  1.00 22.66 ? 430 HOH A O   1 
HETATM 1468 O O   . HOH H 7 .   ? 9.858   12.966  10.710  1.00 29.45 ? 431 HOH A O   1 
HETATM 1469 O O   . HOH H 7 .   ? 15.514  2.887   -2.223  1.00 28.51 ? 432 HOH A O   1 
# 
